data_6ZOM
#
_entry.id   6ZOM
#
_entity_poly.entity_id   1
_entity_poly.type   'polypeptide(L)'
_entity_poly.pdbx_seq_one_letter_code
;HHHHHHMAAQITDATFEASVLKSAIPVLIDFWAPWCGPCRAMGPVIDELAAEYEGKVLIVKMNVDDNPATPSKYGIRAIP
TLILFKNGEVVEQVTGAVSKSSIKDMIAQKALG
;
_entity_poly.pdbx_strand_id   A
#
# COMPACT_ATOMS: atom_id res chain seq x y z
N MET A 7 6.18 7.50 7.70
CA MET A 7 5.06 6.82 8.36
C MET A 7 3.91 6.53 7.38
N ALA A 8 3.10 5.51 7.70
CA ALA A 8 1.86 5.17 6.99
C ALA A 8 0.61 5.60 7.77
N ALA A 9 -0.48 5.85 7.04
CA ALA A 9 -1.79 6.15 7.61
C ALA A 9 -2.95 5.67 6.70
N GLN A 10 -4.18 5.78 7.22
CA GLN A 10 -5.41 5.59 6.45
C GLN A 10 -5.70 6.83 5.60
N ILE A 11 -5.67 6.68 4.28
CA ILE A 11 -5.86 7.78 3.31
C ILE A 11 -7.13 7.52 2.46
N THR A 12 -7.53 8.53 1.68
CA THR A 12 -8.77 8.63 0.90
C THR A 12 -8.42 8.86 -0.57
N ASP A 13 -9.26 8.41 -1.50
CA ASP A 13 -8.96 8.37 -2.94
C ASP A 13 -8.58 9.74 -3.53
N ALA A 14 -9.25 10.79 -3.06
CA ALA A 14 -9.06 12.18 -3.47
C ALA A 14 -7.86 12.87 -2.78
N THR A 15 -7.35 12.27 -1.69
CA THR A 15 -6.25 12.79 -0.86
C THR A 15 -4.91 12.15 -1.23
N PHE A 16 -4.88 10.82 -1.47
CA PHE A 16 -3.62 10.11 -1.68
C PHE A 16 -2.92 10.56 -2.97
N GLU A 17 -3.68 10.82 -4.04
CA GLU A 17 -3.15 11.20 -5.34
C GLU A 17 -2.41 12.55 -5.31
N ALA A 18 -2.90 13.50 -4.51
CA ALA A 18 -2.28 14.79 -4.28
C ALA A 18 -0.88 14.70 -3.61
N SER A 19 -0.56 13.57 -2.97
CA SER A 19 0.73 13.31 -2.32
C SER A 19 1.62 12.31 -3.07
N VAL A 20 1.01 11.28 -3.67
CA VAL A 20 1.69 10.16 -4.33
C VAL A 20 1.81 10.39 -5.83
N LEU A 21 0.66 10.57 -6.48
CA LEU A 21 0.52 10.67 -7.95
C LEU A 21 1.20 11.95 -8.49
N LYS A 22 1.16 13.03 -7.71
CA LYS A 22 1.91 14.28 -7.95
C LYS A 22 3.43 14.20 -7.64
N SER A 23 3.91 13.09 -7.06
CA SER A 23 5.32 12.86 -6.71
C SER A 23 6.03 11.92 -7.69
N ALA A 24 7.37 11.91 -7.64
CA ALA A 24 8.25 11.03 -8.41
C ALA A 24 8.80 9.85 -7.56
N ILE A 25 8.52 9.84 -6.26
CA ILE A 25 9.02 8.82 -5.33
C ILE A 25 8.29 7.46 -5.51
N PRO A 26 8.91 6.31 -5.22
CA PRO A 26 8.22 5.02 -5.22
C PRO A 26 7.19 4.94 -4.09
N VAL A 27 6.01 4.41 -4.38
CA VAL A 27 4.87 4.31 -3.46
C VAL A 27 4.42 2.86 -3.26
N LEU A 28 3.89 2.59 -2.07
CA LEU A 28 3.28 1.34 -1.64
C LEU A 28 1.85 1.60 -1.14
N ILE A 29 0.90 0.93 -1.78
CA ILE A 29 -0.51 0.86 -1.34
C ILE A 29 -0.77 -0.49 -0.69
N ASP A 30 -1.58 -0.52 0.35
CA ASP A 30 -2.18 -1.73 0.93
C ASP A 30 -3.71 -1.60 0.99
N PHE A 31 -4.43 -2.45 0.26
CA PHE A 31 -5.89 -2.51 0.29
C PHE A 31 -6.40 -3.42 1.41
N TRP A 32 -7.35 -2.94 2.22
CA TRP A 32 -7.90 -3.67 3.39
C TRP A 32 -9.33 -3.24 3.74
N ALA A 33 -10.01 -4.03 4.58
CA ALA A 33 -11.27 -3.66 5.23
C ALA A 33 -11.42 -4.29 6.63
N PRO A 34 -12.11 -3.63 7.59
CA PRO A 34 -12.25 -4.08 8.99
C PRO A 34 -13.07 -5.36 9.17
N TRP A 35 -13.84 -5.77 8.16
CA TRP A 35 -14.66 -6.98 8.16
C TRP A 35 -13.90 -8.27 7.78
N CYS A 36 -12.61 -8.19 7.41
CA CYS A 36 -11.76 -9.35 7.18
C CYS A 36 -10.52 -9.38 8.10
N GLY A 37 -10.18 -10.59 8.58
CA GLY A 37 -9.16 -10.83 9.62
C GLY A 37 -7.74 -10.41 9.26
N PRO A 38 -7.11 -11.03 8.23
CA PRO A 38 -5.76 -10.64 7.80
C PRO A 38 -5.68 -9.19 7.30
N CYS A 39 -6.81 -8.63 6.85
CA CYS A 39 -6.91 -7.25 6.40
C CYS A 39 -6.67 -6.25 7.55
N ARG A 40 -7.40 -6.39 8.67
CA ARG A 40 -7.23 -5.54 9.86
C ARG A 40 -5.97 -5.89 10.66
N ALA A 41 -5.53 -7.15 10.61
CA ALA A 41 -4.30 -7.63 11.24
C ALA A 41 -3.00 -7.14 10.55
N MET A 42 -3.09 -6.48 9.40
CA MET A 42 -1.96 -5.81 8.76
C MET A 42 -1.55 -4.53 9.51
N GLY A 43 -2.35 -4.03 10.44
CA GLY A 43 -2.09 -2.82 11.23
C GLY A 43 -0.65 -2.70 11.77
N PRO A 44 -0.17 -3.66 12.59
CA PRO A 44 1.22 -3.68 13.07
C PRO A 44 2.24 -4.05 11.97
N VAL A 45 1.82 -4.74 10.91
CA VAL A 45 2.67 -5.07 9.75
C VAL A 45 3.05 -3.80 8.99
N ILE A 46 2.07 -3.03 8.49
CA ILE A 46 2.30 -1.77 7.77
C ILE A 46 3.12 -0.78 8.62
N ASP A 47 2.84 -0.68 9.92
CA ASP A 47 3.49 0.26 10.83
C ASP A 47 4.98 -0.01 11.08
N GLU A 48 5.43 -1.27 11.02
CA GLU A 48 6.87 -1.59 11.05
C GLU A 48 7.56 -1.17 9.75
N LEU A 49 7.13 -1.75 8.62
CA LEU A 49 7.74 -1.58 7.31
C LEU A 49 7.70 -0.13 6.82
N ALA A 50 6.64 0.60 7.18
CA ALA A 50 6.52 2.02 6.86
C ALA A 50 7.69 2.87 7.37
N ALA A 51 8.23 2.51 8.54
CA ALA A 51 9.39 3.15 9.14
C ALA A 51 10.73 2.58 8.65
N GLU A 52 10.74 1.41 8.01
CA GLU A 52 11.95 0.88 7.38
C GLU A 52 12.32 1.65 6.11
N TYR A 53 11.33 2.22 5.40
CA TYR A 53 11.53 2.90 4.12
C TYR A 53 11.44 4.44 4.19
N GLU A 54 11.36 5.05 5.37
CA GLU A 54 10.97 6.46 5.53
C GLU A 54 11.89 7.46 4.81
N GLY A 55 11.30 8.54 4.27
CA GLY A 55 11.98 9.62 3.57
C GLY A 55 12.40 9.32 2.11
N LYS A 56 12.35 8.06 1.67
CA LYS A 56 12.74 7.59 0.32
C LYS A 56 11.70 6.71 -0.40
N VAL A 57 10.55 6.49 0.25
CA VAL A 57 9.41 5.65 -0.16
C VAL A 57 8.16 6.25 0.50
N LEU A 58 7.03 6.26 -0.21
CA LEU A 58 5.72 6.67 0.31
C LEU A 58 4.85 5.45 0.61
N ILE A 59 4.14 5.43 1.73
CA ILE A 59 3.34 4.30 2.21
C ILE A 59 1.96 4.76 2.69
N VAL A 60 0.90 4.15 2.16
CA VAL A 60 -0.51 4.43 2.53
C VAL A 60 -1.32 3.13 2.56
N LYS A 61 -2.35 3.04 3.43
CA LYS A 61 -3.36 1.99 3.32
C LYS A 61 -4.72 2.56 2.89
N MET A 62 -5.44 1.81 2.06
CA MET A 62 -6.66 2.25 1.38
C MET A 62 -7.82 1.32 1.77
N ASN A 63 -8.83 1.87 2.41
CA ASN A 63 -9.95 1.09 2.92
C ASN A 63 -10.98 0.85 1.81
N VAL A 64 -11.21 -0.40 1.43
CA VAL A 64 -12.11 -0.78 0.34
C VAL A 64 -13.60 -0.65 0.68
N ASP A 65 -13.96 -0.42 1.94
CA ASP A 65 -15.36 -0.14 2.32
C ASP A 65 -15.69 1.36 2.20
N ASP A 66 -14.71 2.23 2.48
CA ASP A 66 -14.77 3.68 2.36
C ASP A 66 -14.44 4.19 0.95
N ASN A 67 -13.60 3.46 0.20
CA ASN A 67 -13.09 3.83 -1.13
C ASN A 67 -13.25 2.65 -2.13
N PRO A 68 -14.47 2.25 -2.52
CA PRO A 68 -14.71 1.08 -3.36
C PRO A 68 -14.24 1.21 -4.82
N ALA A 69 -13.96 2.43 -5.30
CA ALA A 69 -13.48 2.69 -6.66
C ALA A 69 -11.95 2.57 -6.81
N THR A 70 -11.19 2.86 -5.73
CA THR A 70 -9.73 2.81 -5.70
C THR A 70 -9.16 1.41 -5.95
N PRO A 71 -9.69 0.32 -5.37
CA PRO A 71 -9.25 -1.03 -5.73
C PRO A 71 -9.69 -1.34 -7.17
N SER A 72 -10.89 -0.93 -7.57
CA SER A 72 -11.52 -1.37 -8.83
C SER A 72 -10.76 -0.86 -10.04
N LYS A 73 -10.20 0.35 -9.92
CA LYS A 73 -9.41 1.01 -10.97
C LYS A 73 -7.95 0.56 -11.05
N TYR A 74 -7.48 -0.13 -10.01
CA TYR A 74 -6.19 -0.82 -9.94
C TYR A 74 -6.34 -2.34 -10.23
N GLY A 75 -7.58 -2.78 -10.49
CA GLY A 75 -7.94 -4.15 -10.90
C GLY A 75 -8.32 -5.13 -9.77
N ILE A 76 -8.60 -4.59 -8.57
CA ILE A 76 -8.87 -5.31 -7.32
C ILE A 76 -10.38 -5.33 -7.02
N ARG A 77 -10.87 -6.32 -6.26
CA ARG A 77 -12.24 -6.37 -5.72
C ARG A 77 -12.28 -5.79 -4.30
N ALA A 78 -12.15 -6.64 -3.28
CA ALA A 78 -12.13 -6.27 -1.86
C ALA A 78 -11.39 -7.35 -1.05
N ILE A 79 -10.06 -7.30 -1.08
CA ILE A 79 -9.14 -8.35 -0.60
C ILE A 79 -7.85 -7.76 -0.02
N PRO A 80 -7.11 -8.50 0.85
CA PRO A 80 -5.77 -8.13 1.30
C PRO A 80 -4.76 -8.27 0.16
N THR A 81 -4.48 -7.16 -0.55
CA THR A 81 -3.50 -7.05 -1.64
C THR A 81 -2.77 -5.71 -1.55
N LEU A 82 -1.45 -5.72 -1.83
CA LEU A 82 -0.61 -4.52 -1.85
C LEU A 82 -0.05 -4.28 -3.26
N ILE A 83 0.12 -3.01 -3.64
CA ILE A 83 0.65 -2.60 -4.96
C ILE A 83 1.89 -1.72 -4.78
N LEU A 84 2.99 -2.09 -5.45
CA LEU A 84 4.24 -1.31 -5.46
C LEU A 84 4.46 -0.66 -6.82
N PHE A 85 4.64 0.65 -6.81
CA PHE A 85 4.76 1.47 -8.03
C PHE A 85 5.55 2.78 -7.85
N LYS A 86 5.68 3.57 -8.91
CA LYS A 86 6.34 4.89 -8.95
C LYS A 86 5.57 5.84 -9.85
N ASN A 87 5.81 7.14 -9.74
CA ASN A 87 5.25 8.18 -10.63
C ASN A 87 3.70 8.19 -10.78
N GLY A 88 2.98 7.49 -9.90
CA GLY A 88 1.52 7.27 -10.03
C GLY A 88 1.11 6.23 -11.08
N GLU A 89 1.99 5.31 -11.47
CA GLU A 89 1.76 4.31 -12.53
C GLU A 89 2.31 2.92 -12.14
N VAL A 90 1.41 1.92 -12.12
CA VAL A 90 1.66 0.56 -11.60
C VAL A 90 2.75 -0.20 -12.37
N VAL A 91 3.54 -0.99 -11.64
CA VAL A 91 4.54 -1.91 -12.23
C VAL A 91 4.45 -3.33 -11.68
N GLU A 92 4.05 -3.50 -10.42
CA GLU A 92 3.98 -4.81 -9.75
C GLU A 92 2.96 -4.80 -8.59
N GLN A 93 2.28 -5.94 -8.39
CA GLN A 93 1.36 -6.14 -7.26
C GLN A 93 1.61 -7.47 -6.54
N VAL A 94 1.18 -7.53 -5.28
CA VAL A 94 1.31 -8.70 -4.39
C VAL A 94 -0.03 -9.01 -3.74
N THR A 95 -0.74 -10.01 -4.27
CA THR A 95 -2.04 -10.44 -3.77
C THR A 95 -1.93 -11.51 -2.67
N GLY A 96 -2.85 -11.46 -1.69
CA GLY A 96 -2.78 -12.25 -0.47
C GLY A 96 -1.92 -11.60 0.63
N ALA A 97 -2.11 -12.04 1.87
CA ALA A 97 -1.41 -11.53 3.04
C ALA A 97 0.01 -12.09 3.12
N VAL A 98 0.94 -11.24 3.54
CA VAL A 98 2.37 -11.53 3.72
C VAL A 98 2.91 -10.85 5.00
N SER A 99 3.95 -11.42 5.59
CA SER A 99 4.55 -10.92 6.83
C SER A 99 5.37 -9.65 6.59
N LYS A 100 5.47 -8.77 7.59
CA LYS A 100 6.33 -7.55 7.52
C LYS A 100 7.76 -7.88 7.09
N SER A 101 8.30 -8.99 7.58
CA SER A 101 9.62 -9.52 7.24
C SER A 101 9.76 -9.80 5.74
N SER A 102 8.75 -10.41 5.12
CA SER A 102 8.69 -10.72 3.68
C SER A 102 8.53 -9.46 2.83
N ILE A 103 7.72 -8.50 3.29
CA ILE A 103 7.47 -7.21 2.61
C ILE A 103 8.76 -6.36 2.59
N LYS A 104 9.47 -6.24 3.73
CA LYS A 104 10.80 -5.61 3.81
C LYS A 104 11.84 -6.30 2.93
N ASP A 105 11.95 -7.62 3.01
CA ASP A 105 12.91 -8.41 2.22
C ASP A 105 12.69 -8.28 0.70
N MET A 106 11.46 -7.99 0.27
CA MET A 106 11.09 -7.64 -1.10
C MET A 106 11.40 -6.18 -1.46
N ILE A 107 11.00 -5.21 -0.63
CA ILE A 107 11.17 -3.79 -0.94
C ILE A 107 12.64 -3.36 -0.93
N ALA A 108 13.48 -4.09 -0.19
CA ALA A 108 14.93 -3.93 -0.11
C ALA A 108 15.62 -3.77 -1.47
N GLN A 109 15.06 -4.36 -2.55
CA GLN A 109 15.45 -4.02 -3.93
C GLN A 109 14.39 -3.31 -4.79
N LYS A 110 13.10 -3.61 -4.58
CA LYS A 110 12.00 -3.15 -5.45
C LYS A 110 11.77 -1.64 -5.39
N ALA A 111 11.61 -1.12 -4.17
CA ALA A 111 11.34 0.29 -3.93
C ALA A 111 12.59 1.10 -3.50
N LEU A 112 13.54 0.50 -2.77
CA LEU A 112 14.79 1.17 -2.36
C LEU A 112 15.83 1.23 -3.49
N GLY A 113 15.70 0.34 -4.48
CA GLY A 113 16.59 0.24 -5.65
C GLY A 113 17.96 -0.37 -5.34
N MET A 7 5.49 7.95 7.34
CA MET A 7 4.76 6.82 7.92
C MET A 7 3.46 6.53 7.18
N ALA A 8 2.94 5.30 7.33
CA ALA A 8 1.65 4.89 6.77
C ALA A 8 0.47 5.41 7.62
N ALA A 9 -0.62 5.75 6.93
CA ALA A 9 -1.91 6.13 7.51
C ALA A 9 -3.07 5.75 6.60
N GLN A 10 -4.30 5.87 7.11
CA GLN A 10 -5.53 5.65 6.35
C GLN A 10 -5.90 6.89 5.53
N ILE A 11 -5.80 6.78 4.20
CA ILE A 11 -6.00 7.88 3.24
C ILE A 11 -7.13 7.54 2.24
N THR A 12 -7.64 8.57 1.56
CA THR A 12 -8.75 8.54 0.60
C THR A 12 -8.23 8.84 -0.81
N ASP A 13 -8.89 8.36 -1.86
CA ASP A 13 -8.44 8.49 -3.26
C ASP A 13 -8.19 9.94 -3.68
N ALA A 14 -9.06 10.86 -3.24
CA ALA A 14 -9.03 12.30 -3.51
C ALA A 14 -7.98 13.06 -2.67
N THR A 15 -7.42 12.42 -1.65
CA THR A 15 -6.46 13.00 -0.70
C THR A 15 -5.04 12.50 -0.97
N PHE A 16 -4.86 11.21 -1.26
CA PHE A 16 -3.52 10.63 -1.45
C PHE A 16 -2.89 11.08 -2.78
N GLU A 17 -3.68 11.28 -3.83
CA GLU A 17 -3.17 11.58 -5.17
C GLU A 17 -2.48 12.94 -5.24
N ALA A 18 -3.00 13.94 -4.53
CA ALA A 18 -2.39 15.25 -4.36
C ALA A 18 -1.04 15.21 -3.62
N SER A 19 -0.72 14.11 -2.93
CA SER A 19 0.49 13.93 -2.13
C SER A 19 1.50 12.95 -2.73
N VAL A 20 1.04 11.92 -3.45
CA VAL A 20 1.86 10.80 -3.93
C VAL A 20 1.88 10.70 -5.46
N LEU A 21 0.72 10.80 -6.10
CA LEU A 21 0.58 10.67 -7.57
C LEU A 21 1.17 11.87 -8.34
N LYS A 22 1.41 13.01 -7.69
CA LYS A 22 2.14 14.18 -8.26
C LYS A 22 3.67 14.07 -8.15
N SER A 23 4.19 13.04 -7.49
CA SER A 23 5.59 12.89 -7.09
C SER A 23 6.30 11.76 -7.86
N ALA A 24 7.64 11.76 -7.80
CA ALA A 24 8.50 10.82 -8.54
C ALA A 24 8.91 9.59 -7.71
N ILE A 25 8.68 9.64 -6.39
CA ILE A 25 9.14 8.64 -5.43
C ILE A 25 8.35 7.32 -5.55
N PRO A 26 8.95 6.15 -5.24
CA PRO A 26 8.22 4.90 -5.22
C PRO A 26 7.15 4.88 -4.11
N VAL A 27 5.97 4.42 -4.46
CA VAL A 27 4.73 4.45 -3.68
C VAL A 27 4.18 3.03 -3.46
N LEU A 28 3.71 2.77 -2.25
CA LEU A 28 3.14 1.51 -1.79
C LEU A 28 1.73 1.74 -1.24
N ILE A 29 0.76 1.07 -1.88
CA ILE A 29 -0.64 0.99 -1.42
C ILE A 29 -0.88 -0.37 -0.74
N ASP A 30 -1.65 -0.37 0.34
CA ASP A 30 -2.21 -1.55 0.99
C ASP A 30 -3.74 -1.48 0.98
N PHE A 31 -4.40 -2.39 0.27
CA PHE A 31 -5.87 -2.51 0.29
C PHE A 31 -6.36 -3.44 1.41
N TRP A 32 -7.32 -2.98 2.22
CA TRP A 32 -7.83 -3.72 3.39
C TRP A 32 -9.27 -3.36 3.77
N ALA A 33 -9.93 -4.22 4.56
CA ALA A 33 -11.24 -3.98 5.15
C ALA A 33 -11.40 -4.54 6.58
N PRO A 34 -12.13 -3.86 7.48
CA PRO A 34 -12.34 -4.28 8.87
C PRO A 34 -13.18 -5.56 9.04
N TRP A 35 -13.86 -6.03 7.99
CA TRP A 35 -14.64 -7.27 8.01
C TRP A 35 -13.83 -8.53 7.62
N CYS A 36 -12.53 -8.41 7.36
CA CYS A 36 -11.62 -9.56 7.17
C CYS A 36 -10.42 -9.53 8.13
N GLY A 37 -10.12 -10.67 8.77
CA GLY A 37 -9.14 -10.81 9.85
C GLY A 37 -7.72 -10.42 9.47
N PRO A 38 -7.06 -11.11 8.51
CA PRO A 38 -5.69 -10.81 8.09
C PRO A 38 -5.56 -9.40 7.45
N CYS A 39 -6.66 -8.82 6.98
CA CYS A 39 -6.72 -7.46 6.45
C CYS A 39 -6.45 -6.41 7.55
N ARG A 40 -7.21 -6.46 8.65
CA ARG A 40 -7.08 -5.53 9.78
C ARG A 40 -5.91 -5.88 10.72
N ALA A 41 -5.54 -7.15 10.81
CA ALA A 41 -4.38 -7.63 11.58
C ALA A 41 -3.02 -7.25 10.94
N MET A 42 -3.02 -6.67 9.73
CA MET A 42 -1.83 -6.08 9.12
C MET A 42 -1.48 -4.70 9.72
N GLY A 43 -2.29 -4.14 10.61
CA GLY A 43 -2.05 -2.84 11.28
C GLY A 43 -0.63 -2.67 11.85
N PRO A 44 -0.17 -3.56 12.77
CA PRO A 44 1.20 -3.52 13.28
C PRO A 44 2.26 -3.95 12.26
N VAL A 45 1.88 -4.71 11.22
CA VAL A 45 2.75 -5.08 10.09
C VAL A 45 3.11 -3.85 9.26
N ILE A 46 2.13 -3.12 8.71
CA ILE A 46 2.36 -1.89 7.94
C ILE A 46 3.13 -0.85 8.77
N ASP A 47 2.83 -0.69 10.05
CA ASP A 47 3.46 0.30 10.93
C ASP A 47 4.96 0.04 11.20
N GLU A 48 5.42 -1.21 11.16
CA GLU A 48 6.85 -1.52 11.23
C GLU A 48 7.56 -1.12 9.94
N LEU A 49 7.15 -1.72 8.81
CA LEU A 49 7.77 -1.58 7.50
C LEU A 49 7.68 -0.15 6.96
N ALA A 50 6.62 0.58 7.32
CA ALA A 50 6.48 1.99 6.96
C ALA A 50 7.63 2.87 7.46
N ALA A 51 8.22 2.53 8.62
CA ALA A 51 9.39 3.22 9.16
C ALA A 51 10.70 2.75 8.54
N GLU A 52 10.74 1.53 8.01
CA GLU A 52 11.96 0.95 7.44
C GLU A 52 12.34 1.64 6.12
N TYR A 53 11.35 2.16 5.39
CA TYR A 53 11.56 2.78 4.07
C TYR A 53 11.61 4.32 4.09
N GLU A 54 11.58 4.94 5.28
CA GLU A 54 11.54 6.40 5.48
C GLU A 54 12.52 7.22 4.62
N GLY A 55 12.00 8.33 4.05
CA GLY A 55 12.74 9.27 3.21
C GLY A 55 12.96 8.84 1.75
N LYS A 56 12.74 7.56 1.40
CA LYS A 56 13.00 7.00 0.06
C LYS A 56 11.77 6.37 -0.62
N VAL A 57 10.65 6.26 0.11
CA VAL A 57 9.46 5.49 -0.23
C VAL A 57 8.25 6.14 0.46
N LEU A 58 7.09 6.15 -0.21
CA LEU A 58 5.82 6.63 0.32
C LEU A 58 4.86 5.46 0.55
N ILE A 59 4.16 5.43 1.69
CA ILE A 59 3.28 4.33 2.12
C ILE A 59 1.90 4.87 2.54
N VAL A 60 0.83 4.29 2.02
CA VAL A 60 -0.56 4.60 2.41
C VAL A 60 -1.42 3.32 2.43
N LYS A 61 -2.46 3.25 3.27
CA LYS A 61 -3.46 2.16 3.21
C LYS A 61 -4.85 2.71 2.84
N MET A 62 -5.60 1.90 2.09
CA MET A 62 -6.82 2.31 1.39
C MET A 62 -7.93 1.33 1.76
N ASN A 63 -8.99 1.83 2.40
CA ASN A 63 -10.04 0.97 2.97
C ASN A 63 -11.11 0.65 1.91
N VAL A 64 -11.14 -0.58 1.40
CA VAL A 64 -12.09 -1.01 0.35
C VAL A 64 -13.54 -0.99 0.81
N ASP A 65 -13.79 -0.91 2.12
CA ASP A 65 -15.14 -0.75 2.67
C ASP A 65 -15.65 0.71 2.67
N ASP A 66 -14.74 1.70 2.59
CA ASP A 66 -15.03 3.13 2.48
C ASP A 66 -14.95 3.63 1.03
N ASN A 67 -14.00 3.08 0.25
CA ASN A 67 -13.68 3.54 -1.10
C ASN A 67 -13.52 2.34 -2.10
N PRO A 68 -14.60 1.60 -2.41
CA PRO A 68 -14.58 0.44 -3.31
C PRO A 68 -14.23 0.76 -4.79
N ALA A 69 -14.20 2.03 -5.19
CA ALA A 69 -13.77 2.49 -6.51
C ALA A 69 -12.22 2.48 -6.66
N THR A 70 -11.50 2.73 -5.58
CA THR A 70 -10.02 2.79 -5.52
C THR A 70 -9.35 1.46 -5.88
N PRO A 71 -9.76 0.29 -5.34
CA PRO A 71 -9.23 -1.01 -5.77
C PRO A 71 -9.64 -1.32 -7.22
N SER A 72 -10.87 -0.97 -7.61
CA SER A 72 -11.48 -1.35 -8.89
C SER A 72 -10.80 -0.68 -10.08
N LYS A 73 -10.20 0.49 -9.85
CA LYS A 73 -9.50 1.26 -10.90
C LYS A 73 -8.20 0.58 -11.35
N TYR A 74 -7.56 -0.20 -10.46
CA TYR A 74 -6.29 -0.91 -10.69
C TYR A 74 -6.49 -2.44 -10.87
N GLY A 75 -7.75 -2.87 -10.84
CA GLY A 75 -8.19 -4.24 -11.15
C GLY A 75 -8.51 -5.12 -9.93
N ILE A 76 -8.42 -4.57 -8.71
CA ILE A 76 -8.70 -5.26 -7.45
C ILE A 76 -10.22 -5.29 -7.17
N ARG A 77 -10.69 -6.31 -6.43
CA ARG A 77 -12.08 -6.40 -5.92
C ARG A 77 -12.17 -5.81 -4.50
N ALA A 78 -12.03 -6.65 -3.48
CA ALA A 78 -12.02 -6.28 -2.06
C ALA A 78 -11.31 -7.37 -1.23
N ILE A 79 -9.97 -7.31 -1.23
CA ILE A 79 -9.06 -8.36 -0.72
C ILE A 79 -7.80 -7.75 -0.06
N PRO A 80 -7.09 -8.49 0.82
CA PRO A 80 -5.78 -8.08 1.31
C PRO A 80 -4.73 -8.19 0.18
N THR A 81 -4.45 -7.09 -0.51
CA THR A 81 -3.46 -7.00 -1.60
C THR A 81 -2.73 -5.65 -1.57
N LEU A 82 -1.43 -5.65 -1.88
CA LEU A 82 -0.60 -4.45 -1.94
C LEU A 82 -0.17 -4.15 -3.39
N ILE A 83 0.01 -2.89 -3.74
CA ILE A 83 0.50 -2.46 -5.06
C ILE A 83 1.75 -1.58 -4.91
N LEU A 84 2.80 -1.90 -5.65
CA LEU A 84 4.12 -1.27 -5.60
C LEU A 84 4.48 -0.61 -6.94
N PHE A 85 4.55 0.72 -6.94
CA PHE A 85 4.72 1.53 -8.15
C PHE A 85 5.57 2.79 -7.96
N LYS A 86 5.80 3.56 -9.04
CA LYS A 86 6.59 4.80 -9.10
C LYS A 86 5.91 5.82 -10.02
N ASN A 87 6.28 7.09 -9.95
CA ASN A 87 5.78 8.18 -10.83
C ASN A 87 4.23 8.32 -10.90
N GLY A 88 3.49 7.69 -9.97
CA GLY A 88 2.03 7.54 -10.04
C GLY A 88 1.49 6.58 -11.12
N GLU A 89 2.30 5.62 -11.59
CA GLU A 89 1.93 4.63 -12.63
C GLU A 89 2.37 3.21 -12.25
N VAL A 90 1.40 2.29 -12.21
CA VAL A 90 1.59 0.88 -11.78
C VAL A 90 2.61 0.10 -12.61
N VAL A 91 3.38 -0.77 -11.92
CA VAL A 91 4.30 -1.73 -12.56
C VAL A 91 4.18 -3.14 -12.00
N GLU A 92 3.88 -3.29 -10.71
CA GLU A 92 3.78 -4.59 -10.04
C GLU A 92 2.84 -4.55 -8.82
N GLN A 93 2.24 -5.70 -8.50
CA GLN A 93 1.42 -5.91 -7.31
C GLN A 93 1.80 -7.20 -6.56
N VAL A 94 1.35 -7.31 -5.30
CA VAL A 94 1.53 -8.49 -4.46
C VAL A 94 0.24 -8.84 -3.72
N THR A 95 -0.46 -9.86 -4.20
CA THR A 95 -1.74 -10.35 -3.70
C THR A 95 -1.60 -11.27 -2.48
N GLY A 96 -2.60 -11.23 -1.58
CA GLY A 96 -2.63 -11.99 -0.34
C GLY A 96 -1.86 -11.33 0.82
N ALA A 97 -2.15 -11.77 2.05
CA ALA A 97 -1.49 -11.31 3.25
C ALA A 97 -0.10 -11.96 3.39
N VAL A 98 0.86 -11.16 3.87
CA VAL A 98 2.28 -11.52 4.05
C VAL A 98 2.84 -10.89 5.34
N SER A 99 3.94 -11.45 5.86
CA SER A 99 4.58 -10.98 7.10
C SER A 99 5.40 -9.71 6.87
N LYS A 100 5.55 -8.86 7.90
CA LYS A 100 6.37 -7.64 7.85
C LYS A 100 7.78 -7.92 7.33
N SER A 101 8.36 -9.04 7.76
CA SER A 101 9.68 -9.52 7.37
C SER A 101 9.78 -9.80 5.87
N SER A 102 8.75 -10.45 5.31
CA SER A 102 8.63 -10.75 3.87
C SER A 102 8.43 -9.49 3.03
N ILE A 103 7.64 -8.54 3.52
CA ILE A 103 7.35 -7.27 2.83
C ILE A 103 8.61 -6.41 2.77
N LYS A 104 9.37 -6.29 3.88
CA LYS A 104 10.68 -5.61 3.92
C LYS A 104 11.70 -6.28 2.99
N ASP A 105 11.83 -7.61 3.09
CA ASP A 105 12.79 -8.39 2.28
C ASP A 105 12.53 -8.29 0.77
N MET A 106 11.28 -8.01 0.37
CA MET A 106 10.85 -7.71 -1.00
C MET A 106 11.13 -6.25 -1.40
N ILE A 107 10.71 -5.27 -0.61
CA ILE A 107 10.93 -3.84 -0.91
C ILE A 107 12.40 -3.44 -0.93
N ALA A 108 13.24 -4.20 -0.21
CA ALA A 108 14.69 -4.07 -0.14
C ALA A 108 15.38 -3.90 -1.51
N GLN A 109 14.83 -4.49 -2.59
CA GLN A 109 15.22 -4.18 -3.96
C GLN A 109 14.15 -3.49 -4.82
N LYS A 110 12.86 -3.76 -4.57
CA LYS A 110 11.75 -3.34 -5.43
C LYS A 110 11.50 -1.84 -5.39
N ALA A 111 11.34 -1.31 -4.18
CA ALA A 111 10.97 0.09 -3.92
C ALA A 111 12.09 0.94 -3.26
N LEU A 112 13.10 0.35 -2.62
CA LEU A 112 14.36 1.08 -2.32
C LEU A 112 15.26 1.23 -3.56
N GLY A 113 15.10 0.34 -4.54
CA GLY A 113 15.87 0.30 -5.79
C GLY A 113 17.29 -0.27 -5.61
N MET A 7 4.14 9.32 6.16
CA MET A 7 3.77 8.27 7.12
C MET A 7 2.49 7.53 6.71
N ALA A 8 2.39 6.24 7.07
CA ALA A 8 1.25 5.39 6.72
C ALA A 8 -0.03 5.79 7.49
N ALA A 9 -1.11 6.02 6.74
CA ALA A 9 -2.44 6.38 7.24
C ALA A 9 -3.53 5.97 6.25
N GLN A 10 -4.80 6.07 6.68
CA GLN A 10 -5.98 5.88 5.83
C GLN A 10 -6.24 7.14 4.97
N ILE A 11 -6.30 6.97 3.65
CA ILE A 11 -6.46 8.07 2.67
C ILE A 11 -7.65 7.81 1.72
N THR A 12 -8.12 8.87 1.06
CA THR A 12 -9.25 8.88 0.11
C THR A 12 -8.74 8.80 -1.33
N ASP A 13 -9.53 8.21 -2.24
CA ASP A 13 -9.15 7.84 -3.61
C ASP A 13 -8.71 9.04 -4.48
N ALA A 14 -9.27 10.21 -4.21
CA ALA A 14 -8.98 11.47 -4.89
C ALA A 14 -7.94 12.34 -4.16
N THR A 15 -7.54 11.94 -2.95
CA THR A 15 -6.67 12.70 -2.04
C THR A 15 -5.27 12.11 -1.97
N PHE A 16 -5.13 10.79 -2.03
CA PHE A 16 -3.81 10.14 -1.98
C PHE A 16 -2.96 10.49 -3.20
N GLU A 17 -3.58 10.57 -4.38
CA GLU A 17 -2.96 10.90 -5.66
C GLU A 17 -2.40 12.34 -5.66
N ALA A 18 -3.03 13.26 -4.95
CA ALA A 18 -2.55 14.62 -4.74
C ALA A 18 -1.25 14.69 -3.89
N SER A 19 -0.83 13.59 -3.28
CA SER A 19 0.45 13.48 -2.56
C SER A 19 1.46 12.60 -3.28
N VAL A 20 0.99 11.50 -3.92
CA VAL A 20 1.86 10.43 -4.42
C VAL A 20 2.00 10.37 -5.94
N LEU A 21 0.90 10.58 -6.68
CA LEU A 21 0.92 10.75 -8.15
C LEU A 21 1.59 12.06 -8.57
N LYS A 22 1.68 13.04 -7.66
CA LYS A 22 2.45 14.30 -7.81
C LYS A 22 3.93 14.19 -7.41
N SER A 23 4.42 12.98 -7.10
CA SER A 23 5.80 12.71 -6.68
C SER A 23 6.51 11.69 -7.59
N ALA A 24 7.84 11.75 -7.60
CA ALA A 24 8.72 10.78 -8.25
C ALA A 24 9.10 9.60 -7.35
N ILE A 25 8.87 9.69 -6.03
CA ILE A 25 9.20 8.67 -5.05
C ILE A 25 8.36 7.39 -5.28
N PRO A 26 8.87 6.18 -4.99
CA PRO A 26 8.07 4.97 -5.08
C PRO A 26 6.91 4.98 -4.07
N VAL A 27 5.72 4.58 -4.51
CA VAL A 27 4.52 4.41 -3.69
C VAL A 27 4.29 2.94 -3.38
N LEU A 28 3.83 2.68 -2.16
CA LEU A 28 3.28 1.40 -1.72
C LEU A 28 1.87 1.63 -1.17
N ILE A 29 0.89 1.17 -1.95
CA ILE A 29 -0.52 1.09 -1.53
C ILE A 29 -0.79 -0.27 -0.89
N ASP A 30 -1.62 -0.31 0.15
CA ASP A 30 -2.13 -1.54 0.77
C ASP A 30 -3.67 -1.47 0.90
N PHE A 31 -4.37 -2.39 0.23
CA PHE A 31 -5.82 -2.53 0.32
C PHE A 31 -6.23 -3.50 1.44
N TRP A 32 -7.16 -3.09 2.30
CA TRP A 32 -7.64 -3.92 3.44
C TRP A 32 -9.09 -3.61 3.85
N ALA A 33 -9.69 -4.49 4.64
CA ALA A 33 -11.01 -4.29 5.24
C ALA A 33 -11.14 -4.86 6.67
N PRO A 34 -11.89 -4.19 7.58
CA PRO A 34 -12.05 -4.63 8.96
C PRO A 34 -12.83 -5.95 9.14
N TRP A 35 -13.57 -6.40 8.11
CA TRP A 35 -14.33 -7.65 8.13
C TRP A 35 -13.51 -8.91 7.76
N CYS A 36 -12.18 -8.82 7.54
CA CYS A 36 -11.29 -9.96 7.38
C CYS A 36 -10.09 -9.96 8.36
N GLY A 37 -9.68 -11.16 8.80
CA GLY A 37 -8.72 -11.39 9.89
C GLY A 37 -7.30 -10.87 9.64
N PRO A 38 -6.57 -11.35 8.60
CA PRO A 38 -5.25 -10.83 8.26
C PRO A 38 -5.30 -9.35 7.82
N CYS A 39 -6.45 -8.90 7.32
CA CYS A 39 -6.67 -7.54 6.84
C CYS A 39 -6.60 -6.51 7.99
N ARG A 40 -7.32 -6.73 9.10
CA ARG A 40 -7.23 -5.86 10.28
C ARG A 40 -5.92 -6.04 11.04
N ALA A 41 -5.35 -7.25 11.01
CA ALA A 41 -4.07 -7.57 11.65
C ALA A 41 -2.82 -7.01 10.92
N MET A 42 -3.00 -6.37 9.76
CA MET A 42 -1.94 -5.65 9.06
C MET A 42 -1.53 -4.35 9.75
N GLY A 43 -2.30 -3.89 10.75
CA GLY A 43 -2.02 -2.65 11.49
C GLY A 43 -0.57 -2.52 12.01
N PRO A 44 -0.09 -3.45 12.88
CA PRO A 44 1.31 -3.48 13.33
C PRO A 44 2.30 -3.85 12.22
N VAL A 45 1.86 -4.60 11.19
CA VAL A 45 2.69 -4.97 10.02
C VAL A 45 3.07 -3.71 9.24
N ILE A 46 2.09 -2.95 8.77
CA ILE A 46 2.26 -1.69 8.04
C ILE A 46 3.10 -0.69 8.85
N ASP A 47 2.87 -0.54 10.15
CA ASP A 47 3.59 0.44 10.98
C ASP A 47 5.10 0.15 11.13
N GLU A 48 5.52 -1.12 11.15
CA GLU A 48 6.94 -1.49 11.16
C GLU A 48 7.61 -1.20 9.81
N LEU A 49 7.07 -1.75 8.72
CA LEU A 49 7.64 -1.63 7.38
C LEU A 49 7.59 -0.20 6.86
N ALA A 50 6.57 0.57 7.23
CA ALA A 50 6.45 1.99 6.86
C ALA A 50 7.66 2.81 7.34
N ALA A 51 8.15 2.53 8.55
CA ALA A 51 9.33 3.15 9.14
C ALA A 51 10.65 2.61 8.56
N GLU A 52 10.65 1.38 8.02
CA GLU A 52 11.85 0.80 7.39
C GLU A 52 12.16 1.46 6.05
N TYR A 53 11.17 2.07 5.37
CA TYR A 53 11.37 2.72 4.07
C TYR A 53 11.36 4.25 4.09
N GLU A 54 11.11 4.88 5.24
CA GLU A 54 10.73 6.31 5.33
C GLU A 54 11.75 7.28 4.69
N GLY A 55 11.23 8.33 4.05
CA GLY A 55 11.99 9.32 3.28
C GLY A 55 12.42 8.88 1.87
N LYS A 56 12.50 7.56 1.61
CA LYS A 56 12.89 6.97 0.31
C LYS A 56 11.70 6.36 -0.47
N VAL A 57 10.53 6.32 0.16
CA VAL A 57 9.33 5.55 -0.19
C VAL A 57 8.13 6.22 0.49
N LEU A 58 6.97 6.25 -0.18
CA LEU A 58 5.71 6.75 0.39
C LEU A 58 4.69 5.60 0.53
N ILE A 59 4.14 5.45 1.73
CA ILE A 59 3.25 4.35 2.12
C ILE A 59 1.89 4.89 2.55
N VAL A 60 0.81 4.31 2.04
CA VAL A 60 -0.59 4.63 2.39
C VAL A 60 -1.45 3.37 2.35
N LYS A 61 -2.50 3.29 3.19
CA LYS A 61 -3.46 2.19 3.20
C LYS A 61 -4.87 2.67 2.85
N MET A 62 -5.62 1.83 2.14
CA MET A 62 -6.87 2.19 1.47
C MET A 62 -7.94 1.17 1.85
N ASN A 63 -8.92 1.57 2.65
CA ASN A 63 -9.95 0.68 3.16
C ASN A 63 -11.05 0.45 2.11
N VAL A 64 -11.10 -0.75 1.54
CA VAL A 64 -12.07 -1.12 0.50
C VAL A 64 -13.54 -1.09 0.94
N ASP A 65 -13.80 -1.08 2.26
CA ASP A 65 -15.16 -0.93 2.82
C ASP A 65 -15.62 0.54 2.88
N ASP A 66 -14.68 1.49 3.03
CA ASP A 66 -14.90 2.94 3.06
C ASP A 66 -14.80 3.58 1.67
N ASN A 67 -13.84 3.12 0.86
CA ASN A 67 -13.51 3.69 -0.45
C ASN A 67 -13.37 2.60 -1.54
N PRO A 68 -14.46 1.89 -1.91
CA PRO A 68 -14.47 0.84 -2.93
C PRO A 68 -14.16 1.32 -4.36
N ALA A 69 -14.08 2.64 -4.60
CA ALA A 69 -13.62 3.22 -5.86
C ALA A 69 -12.08 3.11 -6.03
N THR A 70 -11.31 3.19 -4.94
CA THR A 70 -9.85 3.11 -4.95
C THR A 70 -9.32 1.76 -5.48
N PRO A 71 -9.81 0.59 -5.00
CA PRO A 71 -9.38 -0.69 -5.54
C PRO A 71 -9.86 -0.86 -6.98
N SER A 72 -11.07 -0.40 -7.32
CA SER A 72 -11.71 -0.71 -8.60
C SER A 72 -10.99 -0.03 -9.76
N LYS A 73 -10.43 1.15 -9.51
CA LYS A 73 -9.66 1.92 -10.50
C LYS A 73 -8.22 1.44 -10.68
N TYR A 74 -7.73 0.64 -9.75
CA TYR A 74 -6.46 -0.11 -9.84
C TYR A 74 -6.69 -1.59 -10.25
N GLY A 75 -7.95 -1.96 -10.50
CA GLY A 75 -8.39 -3.27 -11.01
C GLY A 75 -8.63 -4.36 -9.95
N ILE A 76 -8.70 -3.97 -8.68
CA ILE A 76 -8.95 -4.80 -7.48
C ILE A 76 -10.44 -4.82 -7.14
N ARG A 77 -10.91 -5.86 -6.44
CA ARG A 77 -12.28 -5.95 -5.89
C ARG A 77 -12.30 -5.51 -4.42
N ALA A 78 -12.15 -6.46 -3.49
CA ALA A 78 -12.08 -6.22 -2.05
C ALA A 78 -11.34 -7.37 -1.34
N ILE A 79 -10.01 -7.27 -1.30
CA ILE A 79 -9.07 -8.32 -0.86
C ILE A 79 -7.80 -7.72 -0.21
N PRO A 80 -7.08 -8.48 0.64
CA PRO A 80 -5.75 -8.10 1.14
C PRO A 80 -4.69 -8.19 0.02
N THR A 81 -4.42 -7.08 -0.66
CA THR A 81 -3.45 -6.94 -1.75
C THR A 81 -2.70 -5.60 -1.66
N LEU A 82 -1.40 -5.57 -1.97
CA LEU A 82 -0.61 -4.35 -2.06
C LEU A 82 -0.18 -4.06 -3.50
N ILE A 83 0.03 -2.79 -3.82
CA ILE A 83 0.54 -2.35 -5.13
C ILE A 83 1.80 -1.49 -4.96
N LEU A 84 2.87 -1.85 -5.68
CA LEU A 84 4.13 -1.10 -5.70
C LEU A 84 4.33 -0.40 -7.06
N PHE A 85 4.57 0.90 -7.00
CA PHE A 85 4.73 1.75 -8.17
C PHE A 85 5.61 2.99 -7.94
N LYS A 86 5.86 3.78 -8.99
CA LYS A 86 6.69 5.00 -8.99
C LYS A 86 6.14 6.02 -9.98
N ASN A 87 6.54 7.29 -9.88
CA ASN A 87 6.17 8.36 -10.84
C ASN A 87 4.64 8.54 -11.07
N GLY A 88 3.79 7.98 -10.21
CA GLY A 88 2.34 7.91 -10.42
C GLY A 88 1.83 6.88 -11.45
N GLU A 89 2.64 5.87 -11.79
CA GLU A 89 2.36 4.85 -12.81
C GLU A 89 2.69 3.42 -12.32
N VAL A 90 1.66 2.56 -12.30
CA VAL A 90 1.73 1.16 -11.81
C VAL A 90 2.72 0.29 -12.60
N VAL A 91 3.45 -0.56 -11.88
CA VAL A 91 4.37 -1.55 -12.49
C VAL A 91 4.16 -2.98 -11.98
N GLU A 92 3.79 -3.15 -10.71
CA GLU A 92 3.68 -4.48 -10.09
C GLU A 92 2.75 -4.47 -8.86
N GLN A 93 2.10 -5.60 -8.59
CA GLN A 93 1.29 -5.82 -7.39
C GLN A 93 1.65 -7.14 -6.69
N VAL A 94 1.24 -7.25 -5.42
CA VAL A 94 1.39 -8.47 -4.61
C VAL A 94 0.08 -8.80 -3.89
N THR A 95 -0.63 -9.82 -4.37
CA THR A 95 -1.92 -10.28 -3.81
C THR A 95 -1.74 -11.35 -2.73
N GLY A 96 -2.66 -11.37 -1.75
CA GLY A 96 -2.60 -12.21 -0.56
C GLY A 96 -1.80 -11.57 0.59
N ALA A 97 -2.06 -12.02 1.82
CA ALA A 97 -1.38 -11.54 3.02
C ALA A 97 -0.01 -12.20 3.21
N VAL A 98 0.95 -11.40 3.65
CA VAL A 98 2.35 -11.75 3.91
C VAL A 98 2.86 -11.08 5.19
N SER A 99 3.91 -11.62 5.81
CA SER A 99 4.49 -11.10 7.06
C SER A 99 5.28 -9.81 6.82
N LYS A 100 5.37 -8.92 7.81
CA LYS A 100 6.18 -7.69 7.72
C LYS A 100 7.61 -7.96 7.29
N SER A 101 8.19 -9.07 7.77
CA SER A 101 9.53 -9.54 7.46
C SER A 101 9.69 -9.87 5.97
N SER A 102 8.69 -10.54 5.38
CA SER A 102 8.62 -10.86 3.95
C SER A 102 8.47 -9.61 3.09
N ILE A 103 7.66 -8.64 3.53
CA ILE A 103 7.41 -7.38 2.82
C ILE A 103 8.68 -6.50 2.81
N LYS A 104 9.37 -6.36 3.94
CA LYS A 104 10.69 -5.67 4.04
C LYS A 104 11.76 -6.36 3.20
N ASP A 105 11.90 -7.69 3.33
CA ASP A 105 12.91 -8.48 2.61
C ASP A 105 12.69 -8.50 1.08
N MET A 106 11.45 -8.24 0.63
CA MET A 106 11.11 -7.95 -0.77
C MET A 106 11.48 -6.51 -1.16
N ILE A 107 10.94 -5.50 -0.47
CA ILE A 107 11.06 -4.07 -0.86
C ILE A 107 12.49 -3.55 -0.86
N ALA A 108 13.38 -4.20 -0.11
CA ALA A 108 14.83 -4.00 -0.18
C ALA A 108 15.39 -4.07 -1.62
N GLN A 109 14.71 -4.76 -2.55
CA GLN A 109 15.02 -4.80 -3.98
C GLN A 109 13.99 -4.09 -4.88
N LYS A 110 12.75 -3.84 -4.42
CA LYS A 110 11.67 -3.23 -5.24
C LYS A 110 11.68 -1.71 -5.18
N ALA A 111 11.48 -1.13 -3.99
CA ALA A 111 11.45 0.32 -3.79
C ALA A 111 12.82 0.92 -3.40
N LEU A 112 13.62 0.18 -2.62
CA LEU A 112 14.98 0.61 -2.18
C LEU A 112 16.08 0.20 -3.16
N GLY A 113 15.83 -0.82 -3.98
CA GLY A 113 16.77 -1.33 -4.98
C GLY A 113 18.00 -2.01 -4.38
N MET A 7 5.51 7.96 7.07
CA MET A 7 4.83 6.83 7.71
C MET A 7 3.47 6.53 7.07
N ALA A 8 2.96 5.32 7.29
CA ALA A 8 1.66 4.88 6.81
C ALA A 8 0.48 5.59 7.50
N ALA A 9 -0.53 5.96 6.71
CA ALA A 9 -1.78 6.56 7.16
C ALA A 9 -2.98 6.07 6.32
N GLN A 10 -4.19 6.27 6.83
CA GLN A 10 -5.46 5.93 6.18
C GLN A 10 -5.91 7.04 5.22
N ILE A 11 -5.91 6.76 3.91
CA ILE A 11 -6.14 7.73 2.82
C ILE A 11 -7.24 7.22 1.85
N THR A 12 -7.71 8.10 0.96
CA THR A 12 -8.78 7.91 -0.03
C THR A 12 -8.29 8.37 -1.41
N ASP A 13 -8.85 7.87 -2.51
CA ASP A 13 -8.37 8.11 -3.89
C ASP A 13 -8.23 9.61 -4.24
N ALA A 14 -9.19 10.42 -3.78
CA ALA A 14 -9.28 11.85 -4.01
C ALA A 14 -8.28 12.67 -3.18
N THR A 15 -7.66 12.05 -2.16
CA THR A 15 -6.68 12.66 -1.26
C THR A 15 -5.25 12.20 -1.57
N PHE A 16 -5.02 10.91 -1.85
CA PHE A 16 -3.66 10.37 -2.03
C PHE A 16 -3.00 10.89 -3.32
N GLU A 17 -3.77 11.13 -4.38
CA GLU A 17 -3.22 11.46 -5.69
C GLU A 17 -2.50 12.82 -5.71
N ALA A 18 -3.09 13.80 -5.02
CA ALA A 18 -2.52 15.14 -4.84
C ALA A 18 -1.20 15.14 -4.05
N SER A 19 -0.94 14.09 -3.26
CA SER A 19 0.27 13.93 -2.44
C SER A 19 1.32 13.02 -3.08
N VAL A 20 0.91 11.87 -3.65
CA VAL A 20 1.81 10.80 -4.06
C VAL A 20 1.84 10.56 -5.57
N LEU A 21 0.70 10.64 -6.25
CA LEU A 21 0.63 10.48 -7.72
C LEU A 21 1.31 11.67 -8.42
N LYS A 22 1.14 12.88 -7.85
CA LYS A 22 1.91 14.10 -8.18
C LYS A 22 3.40 14.07 -7.78
N SER A 23 3.87 13.08 -7.01
CA SER A 23 5.28 12.92 -6.61
C SER A 23 6.06 12.01 -7.57
N ALA A 24 7.39 12.09 -7.48
CA ALA A 24 8.33 11.24 -8.20
C ALA A 24 8.79 10.02 -7.35
N ILE A 25 8.51 10.02 -6.05
CA ILE A 25 9.01 9.00 -5.11
C ILE A 25 8.27 7.66 -5.26
N PRO A 26 8.91 6.50 -4.99
CA PRO A 26 8.24 5.21 -4.99
C PRO A 26 7.17 5.11 -3.90
N VAL A 27 6.04 4.51 -4.25
CA VAL A 27 4.77 4.54 -3.54
C VAL A 27 4.23 3.11 -3.33
N LEU A 28 3.74 2.86 -2.12
CA LEU A 28 3.18 1.58 -1.66
C LEU A 28 1.76 1.79 -1.15
N ILE A 29 0.81 1.10 -1.79
CA ILE A 29 -0.60 1.03 -1.37
C ILE A 29 -0.84 -0.32 -0.67
N ASP A 30 -1.65 -0.30 0.39
CA ASP A 30 -2.21 -1.46 1.09
C ASP A 30 -3.74 -1.40 1.05
N PHE A 31 -4.39 -2.34 0.35
CA PHE A 31 -5.85 -2.45 0.38
C PHE A 31 -6.35 -3.36 1.53
N TRP A 32 -7.27 -2.86 2.35
CA TRP A 32 -7.80 -3.56 3.54
C TRP A 32 -9.23 -3.16 3.89
N ALA A 33 -9.90 -3.95 4.72
CA ALA A 33 -11.20 -3.64 5.33
C ALA A 33 -11.35 -4.27 6.74
N PRO A 34 -12.07 -3.62 7.68
CA PRO A 34 -12.23 -4.07 9.06
C PRO A 34 -13.07 -5.34 9.23
N TRP A 35 -13.79 -5.78 8.18
CA TRP A 35 -14.56 -7.03 8.19
C TRP A 35 -13.76 -8.28 7.75
N CYS A 36 -12.48 -8.15 7.38
CA CYS A 36 -11.59 -9.29 7.13
C CYS A 36 -10.37 -9.31 8.08
N GLY A 37 -10.10 -10.48 8.67
CA GLY A 37 -9.11 -10.69 9.73
C GLY A 37 -7.66 -10.32 9.35
N PRO A 38 -7.06 -10.97 8.33
CA PRO A 38 -5.68 -10.65 7.90
C PRO A 38 -5.56 -9.23 7.32
N CYS A 39 -6.66 -8.61 6.88
CA CYS A 39 -6.69 -7.24 6.40
C CYS A 39 -6.41 -6.24 7.54
N ARG A 40 -7.16 -6.31 8.65
CA ARG A 40 -6.98 -5.42 9.81
C ARG A 40 -5.80 -5.82 10.69
N ALA A 41 -5.45 -7.11 10.74
CA ALA A 41 -4.30 -7.62 11.48
C ALA A 41 -2.94 -7.26 10.84
N MET A 42 -2.94 -6.68 9.63
CA MET A 42 -1.76 -6.08 9.01
C MET A 42 -1.38 -4.73 9.62
N GLY A 43 -2.16 -4.18 10.56
CA GLY A 43 -1.88 -2.88 11.22
C GLY A 43 -0.44 -2.75 11.77
N PRO A 44 0.02 -3.66 12.66
CA PRO A 44 1.40 -3.65 13.16
C PRO A 44 2.43 -4.06 12.10
N VAL A 45 2.01 -4.82 11.07
CA VAL A 45 2.86 -5.19 9.92
C VAL A 45 3.22 -3.95 9.10
N ILE A 46 2.23 -3.20 8.60
CA ILE A 46 2.44 -1.95 7.84
C ILE A 46 3.24 -0.94 8.66
N ASP A 47 3.00 -0.80 9.97
CA ASP A 47 3.70 0.18 10.82
C ASP A 47 5.20 -0.10 10.99
N GLU A 48 5.63 -1.36 11.02
CA GLU A 48 7.07 -1.70 11.06
C GLU A 48 7.77 -1.38 9.73
N LEU A 49 7.24 -1.92 8.63
CA LEU A 49 7.83 -1.78 7.29
C LEU A 49 7.77 -0.34 6.79
N ALA A 50 6.74 0.42 7.19
CA ALA A 50 6.64 1.84 6.89
C ALA A 50 7.85 2.64 7.41
N ALA A 51 8.35 2.29 8.60
CA ALA A 51 9.55 2.89 9.18
C ALA A 51 10.85 2.33 8.57
N GLU A 52 10.83 1.13 7.98
CA GLU A 52 12.01 0.57 7.31
C GLU A 52 12.32 1.29 5.98
N TYR A 53 11.33 1.94 5.35
CA TYR A 53 11.52 2.64 4.08
C TYR A 53 11.55 4.18 4.21
N GLU A 54 11.64 4.73 5.43
CA GLU A 54 11.41 6.15 5.73
C GLU A 54 12.26 7.14 4.89
N GLY A 55 11.64 8.23 4.45
CA GLY A 55 12.26 9.30 3.63
C GLY A 55 12.54 8.96 2.15
N LYS A 56 12.52 7.67 1.77
CA LYS A 56 12.83 7.18 0.41
C LYS A 56 11.64 6.58 -0.34
N VAL A 57 10.51 6.42 0.35
CA VAL A 57 9.31 5.65 -0.02
C VAL A 57 8.10 6.29 0.68
N LEU A 58 6.95 6.34 -0.01
CA LEU A 58 5.68 6.83 0.52
C LEU A 58 4.66 5.69 0.66
N ILE A 59 4.18 5.48 1.88
CA ILE A 59 3.28 4.38 2.25
C ILE A 59 1.89 4.94 2.64
N VAL A 60 0.83 4.36 2.09
CA VAL A 60 -0.58 4.70 2.41
C VAL A 60 -1.43 3.42 2.43
N LYS A 61 -2.47 3.37 3.28
CA LYS A 61 -3.47 2.30 3.25
C LYS A 61 -4.85 2.83 2.86
N MET A 62 -5.58 2.02 2.10
CA MET A 62 -6.78 2.42 1.35
C MET A 62 -7.92 1.47 1.73
N ASN A 63 -8.99 1.99 2.36
CA ASN A 63 -10.03 1.17 2.95
C ASN A 63 -11.11 0.82 1.92
N VAL A 64 -11.20 -0.46 1.53
CA VAL A 64 -12.12 -0.94 0.49
C VAL A 64 -13.59 -0.96 0.92
N ASP A 65 -13.88 -0.74 2.22
CA ASP A 65 -15.27 -0.61 2.69
C ASP A 65 -15.78 0.84 2.60
N ASP A 66 -14.89 1.81 2.81
CA ASP A 66 -15.11 3.25 2.66
C ASP A 66 -15.04 3.71 1.19
N ASN A 67 -14.08 3.17 0.42
CA ASN A 67 -13.79 3.59 -0.95
C ASN A 67 -13.52 2.39 -1.90
N PRO A 68 -14.54 1.57 -2.21
CA PRO A 68 -14.44 0.44 -3.16
C PRO A 68 -14.15 0.84 -4.62
N ALA A 69 -14.16 2.12 -4.95
CA ALA A 69 -13.73 2.64 -6.25
C ALA A 69 -12.19 2.66 -6.40
N THR A 70 -11.45 2.87 -5.31
CA THR A 70 -9.98 2.92 -5.26
C THR A 70 -9.32 1.60 -5.68
N PRO A 71 -9.72 0.41 -5.16
CA PRO A 71 -9.16 -0.86 -5.59
C PRO A 71 -9.52 -1.19 -7.04
N SER A 72 -10.76 -0.87 -7.44
CA SER A 72 -11.36 -1.35 -8.70
C SER A 72 -10.81 -0.64 -9.93
N LYS A 73 -10.13 0.50 -9.73
CA LYS A 73 -9.42 1.24 -10.78
C LYS A 73 -8.17 0.49 -11.27
N TYR A 74 -7.53 -0.29 -10.39
CA TYR A 74 -6.27 -1.03 -10.66
C TYR A 74 -6.52 -2.55 -10.79
N GLY A 75 -7.80 -2.95 -10.77
CA GLY A 75 -8.27 -4.32 -10.99
C GLY A 75 -8.57 -5.13 -9.73
N ILE A 76 -8.50 -4.51 -8.55
CA ILE A 76 -8.80 -5.17 -7.25
C ILE A 76 -10.29 -5.07 -6.92
N ARG A 77 -10.85 -6.08 -6.24
CA ARG A 77 -12.24 -6.07 -5.72
C ARG A 77 -12.27 -5.55 -4.27
N ALA A 78 -12.11 -6.45 -3.30
CA ALA A 78 -12.07 -6.14 -1.86
C ALA A 78 -11.36 -7.27 -1.09
N ILE A 79 -10.02 -7.23 -1.12
CA ILE A 79 -9.11 -8.30 -0.64
C ILE A 79 -7.82 -7.73 -0.03
N PRO A 80 -7.10 -8.47 0.84
CA PRO A 80 -5.80 -8.08 1.37
C PRO A 80 -4.70 -8.15 0.29
N THR A 81 -4.51 -7.05 -0.46
CA THR A 81 -3.56 -6.94 -1.56
C THR A 81 -2.80 -5.62 -1.50
N LEU A 82 -1.50 -5.63 -1.81
CA LEU A 82 -0.65 -4.45 -1.84
C LEU A 82 -0.20 -4.15 -3.28
N ILE A 83 0.03 -2.89 -3.61
CA ILE A 83 0.55 -2.46 -4.92
C ILE A 83 1.78 -1.57 -4.76
N LEU A 84 2.88 -1.94 -5.44
CA LEU A 84 4.19 -1.28 -5.37
C LEU A 84 4.56 -0.64 -6.71
N PHE A 85 4.69 0.68 -6.72
CA PHE A 85 4.90 1.48 -7.93
C PHE A 85 5.70 2.78 -7.70
N LYS A 86 5.90 3.58 -8.76
CA LYS A 86 6.62 4.87 -8.76
C LYS A 86 6.00 5.83 -9.78
N ASN A 87 6.31 7.12 -9.70
CA ASN A 87 5.83 8.17 -10.62
C ASN A 87 4.29 8.23 -10.81
N GLY A 88 3.51 7.62 -9.91
CA GLY A 88 2.05 7.46 -10.05
C GLY A 88 1.60 6.43 -11.09
N GLU A 89 2.44 5.48 -11.51
CA GLU A 89 2.13 4.48 -12.54
C GLU A 89 2.60 3.06 -12.15
N VAL A 90 1.67 2.10 -12.14
CA VAL A 90 1.89 0.73 -11.64
C VAL A 90 2.96 -0.06 -12.40
N VAL A 91 3.71 -0.89 -11.66
CA VAL A 91 4.66 -1.87 -12.22
C VAL A 91 4.49 -3.28 -11.67
N GLU A 92 4.10 -3.43 -10.41
CA GLU A 92 3.94 -4.73 -9.73
C GLU A 92 2.98 -4.66 -8.53
N GLN A 93 2.33 -5.78 -8.22
CA GLN A 93 1.48 -5.96 -7.06
C GLN A 93 1.80 -7.27 -6.31
N VAL A 94 1.33 -7.38 -5.07
CA VAL A 94 1.33 -8.62 -4.30
C VAL A 94 -0.05 -8.91 -3.71
N THR A 95 -0.72 -9.94 -4.23
CA THR A 95 -2.04 -10.42 -3.80
C THR A 95 -1.95 -11.41 -2.63
N GLY A 96 -2.87 -11.30 -1.67
CA GLY A 96 -2.87 -12.07 -0.42
C GLY A 96 -1.96 -11.48 0.66
N ALA A 97 -2.20 -11.86 1.92
CA ALA A 97 -1.46 -11.38 3.08
C ALA A 97 -0.09 -12.07 3.16
N VAL A 98 0.91 -11.29 3.58
CA VAL A 98 2.32 -11.68 3.74
C VAL A 98 2.90 -11.05 5.02
N SER A 99 3.97 -11.65 5.56
CA SER A 99 4.61 -11.20 6.81
C SER A 99 5.42 -9.92 6.63
N LYS A 100 5.55 -9.08 7.67
CA LYS A 100 6.37 -7.83 7.60
C LYS A 100 7.81 -8.10 7.13
N SER A 101 8.39 -9.21 7.56
CA SER A 101 9.68 -9.73 7.12
C SER A 101 9.75 -9.95 5.61
N SER A 102 8.74 -10.63 5.06
CA SER A 102 8.61 -10.92 3.63
C SER A 102 8.42 -9.64 2.80
N ILE A 103 7.63 -8.67 3.30
CA ILE A 103 7.38 -7.39 2.64
C ILE A 103 8.64 -6.51 2.61
N LYS A 104 9.36 -6.38 3.74
CA LYS A 104 10.67 -5.70 3.80
C LYS A 104 11.71 -6.35 2.88
N ASP A 105 11.83 -7.68 2.94
CA ASP A 105 12.78 -8.45 2.11
C ASP A 105 12.50 -8.29 0.61
N MET A 106 11.22 -8.22 0.21
CA MET A 106 10.80 -7.88 -1.15
C MET A 106 11.22 -6.44 -1.53
N ILE A 107 10.77 -5.44 -0.76
CA ILE A 107 10.96 -4.02 -1.10
C ILE A 107 12.42 -3.58 -1.11
N ALA A 108 13.29 -4.31 -0.40
CA ALA A 108 14.73 -4.17 -0.47
C ALA A 108 15.31 -4.21 -1.91
N GLN A 109 14.58 -4.82 -2.87
CA GLN A 109 14.93 -4.82 -4.29
C GLN A 109 14.16 -3.81 -5.15
N LYS A 110 13.08 -3.20 -4.62
CA LYS A 110 12.03 -2.53 -5.40
C LYS A 110 11.94 -1.02 -5.14
N ALA A 111 11.36 -0.62 -4.00
CA ALA A 111 11.02 0.78 -3.72
C ALA A 111 12.18 1.54 -3.07
N LEU A 112 13.05 0.86 -2.31
CA LEU A 112 14.23 1.47 -1.67
C LEU A 112 15.52 1.34 -2.51
N GLY A 113 15.50 0.54 -3.57
CA GLY A 113 16.65 0.27 -4.45
C GLY A 113 17.08 1.48 -5.29
N MET A 7 5.77 7.06 8.89
CA MET A 7 4.61 6.18 9.10
C MET A 7 3.72 6.05 7.87
N ALA A 8 2.93 4.98 7.81
CA ALA A 8 1.76 4.86 6.95
C ALA A 8 0.52 5.49 7.62
N ALA A 9 -0.46 5.85 6.80
CA ALA A 9 -1.76 6.35 7.23
C ALA A 9 -2.91 5.83 6.34
N GLN A 10 -4.14 5.98 6.84
CA GLN A 10 -5.36 5.59 6.13
C GLN A 10 -5.86 6.76 5.26
N ILE A 11 -5.76 6.62 3.94
CA ILE A 11 -5.96 7.69 2.95
C ILE A 11 -7.08 7.31 1.94
N THR A 12 -7.54 8.30 1.18
CA THR A 12 -8.64 8.24 0.20
C THR A 12 -8.08 8.54 -1.20
N ASP A 13 -8.70 8.02 -2.25
CA ASP A 13 -8.16 8.05 -3.61
C ASP A 13 -8.09 9.44 -4.26
N ALA A 14 -8.86 10.40 -3.75
CA ALA A 14 -8.79 11.81 -4.11
C ALA A 14 -7.71 12.60 -3.32
N THR A 15 -7.19 12.02 -2.23
CA THR A 15 -6.29 12.67 -1.26
C THR A 15 -4.86 12.16 -1.41
N PHE A 16 -4.65 10.86 -1.64
CA PHE A 16 -3.30 10.27 -1.76
C PHE A 16 -2.58 10.78 -3.02
N GLU A 17 -3.31 11.08 -4.09
CA GLU A 17 -2.76 11.51 -5.36
C GLU A 17 -2.00 12.84 -5.23
N ALA A 18 -2.42 13.70 -4.32
CA ALA A 18 -1.75 14.95 -3.95
C ALA A 18 -0.40 14.72 -3.21
N SER A 19 -0.10 13.50 -2.75
CA SER A 19 1.16 13.18 -2.04
C SER A 19 2.12 12.36 -2.90
N VAL A 20 1.59 11.52 -3.80
CA VAL A 20 2.39 10.57 -4.60
C VAL A 20 2.26 10.69 -6.11
N LEU A 21 1.07 11.00 -6.63
CA LEU A 21 0.84 11.14 -8.08
C LEU A 21 1.42 12.47 -8.64
N LYS A 22 1.65 13.46 -7.76
CA LYS A 22 2.38 14.71 -8.09
C LYS A 22 3.90 14.59 -7.90
N SER A 23 4.39 13.43 -7.43
CA SER A 23 5.77 13.20 -6.96
C SER A 23 6.52 12.17 -7.83
N ALA A 24 7.84 12.14 -7.66
CA ALA A 24 8.74 11.16 -8.28
C ALA A 24 9.08 9.97 -7.35
N ILE A 25 8.68 10.03 -6.07
CA ILE A 25 9.01 9.02 -5.05
C ILE A 25 8.25 7.69 -5.29
N PRO A 26 8.85 6.52 -5.01
CA PRO A 26 8.14 5.24 -5.07
C PRO A 26 7.08 5.14 -3.97
N VAL A 27 5.93 4.55 -4.34
CA VAL A 27 4.68 4.53 -3.59
C VAL A 27 4.20 3.09 -3.40
N LEU A 28 3.71 2.81 -2.19
CA LEU A 28 3.18 1.52 -1.75
C LEU A 28 1.75 1.69 -1.23
N ILE A 29 0.81 1.01 -1.86
CA ILE A 29 -0.60 0.90 -1.44
C ILE A 29 -0.81 -0.44 -0.75
N ASP A 30 -1.66 -0.50 0.28
CA ASP A 30 -2.26 -1.73 0.79
C ASP A 30 -3.79 -1.59 0.86
N PHE A 31 -4.51 -2.49 0.19
CA PHE A 31 -5.97 -2.56 0.24
C PHE A 31 -6.47 -3.42 1.40
N TRP A 32 -7.43 -2.87 2.16
CA TRP A 32 -7.99 -3.54 3.34
C TRP A 32 -9.44 -3.16 3.63
N ALA A 33 -10.10 -3.93 4.48
CA ALA A 33 -11.39 -3.61 5.08
C ALA A 33 -11.48 -4.19 6.50
N PRO A 34 -12.25 -3.54 7.43
CA PRO A 34 -12.57 -4.09 8.75
C PRO A 34 -13.38 -5.40 8.69
N TRP A 35 -13.92 -5.74 7.51
CA TRP A 35 -14.70 -6.96 7.25
C TRP A 35 -13.89 -8.27 7.44
N CYS A 36 -12.56 -8.22 7.31
CA CYS A 36 -11.70 -9.40 7.27
C CYS A 36 -10.51 -9.34 8.25
N GLY A 37 -10.26 -10.46 8.93
CA GLY A 37 -9.26 -10.60 9.99
C GLY A 37 -7.83 -10.25 9.57
N PRO A 38 -7.23 -10.95 8.58
CA PRO A 38 -5.87 -10.65 8.13
C PRO A 38 -5.73 -9.25 7.50
N CYS A 39 -6.83 -8.66 7.00
CA CYS A 39 -6.85 -7.32 6.42
C CYS A 39 -6.57 -6.25 7.49
N ARG A 40 -7.32 -6.29 8.60
CA ARG A 40 -7.16 -5.34 9.73
C ARG A 40 -6.02 -5.69 10.68
N ALA A 41 -5.63 -6.96 10.78
CA ALA A 41 -4.50 -7.44 11.58
C ALA A 41 -3.11 -7.14 10.96
N MET A 42 -3.06 -6.61 9.73
CA MET A 42 -1.84 -6.11 9.09
C MET A 42 -1.44 -4.70 9.56
N GLY A 43 -2.18 -4.10 10.49
CA GLY A 43 -1.90 -2.77 11.06
C GLY A 43 -0.47 -2.60 11.60
N PRO A 44 -0.01 -3.44 12.55
CA PRO A 44 1.37 -3.39 13.04
C PRO A 44 2.40 -3.78 11.96
N VAL A 45 2.03 -4.68 11.04
CA VAL A 45 2.88 -5.08 9.90
C VAL A 45 3.19 -3.87 9.01
N ILE A 46 2.15 -3.15 8.59
CA ILE A 46 2.20 -1.90 7.81
C ILE A 46 2.99 -0.80 8.55
N ASP A 47 2.83 -0.64 9.86
CA ASP A 47 3.60 0.34 10.65
C ASP A 47 5.11 0.02 10.73
N GLU A 48 5.49 -1.26 10.79
CA GLU A 48 6.89 -1.68 10.86
C GLU A 48 7.62 -1.55 9.53
N LEU A 49 7.00 -1.92 8.40
CA LEU A 49 7.56 -1.67 7.06
C LEU A 49 7.61 -0.19 6.73
N ALA A 50 6.58 0.55 7.17
CA ALA A 50 6.49 1.98 6.86
C ALA A 50 7.69 2.76 7.42
N ALA A 51 8.14 2.39 8.61
CA ALA A 51 9.31 2.93 9.27
C ALA A 51 10.63 2.38 8.71
N GLU A 52 10.63 1.22 8.05
CA GLU A 52 11.84 0.70 7.38
C GLU A 52 12.17 1.48 6.10
N TYR A 53 11.18 2.12 5.47
CA TYR A 53 11.39 2.84 4.19
C TYR A 53 11.35 4.38 4.30
N GLU A 54 11.22 4.95 5.50
CA GLU A 54 10.84 6.36 5.73
C GLU A 54 11.73 7.38 5.00
N GLY A 55 11.10 8.42 4.44
CA GLY A 55 11.76 9.52 3.70
C GLY A 55 12.18 9.20 2.27
N LYS A 56 12.27 7.92 1.88
CA LYS A 56 12.66 7.44 0.53
C LYS A 56 11.51 6.81 -0.26
N VAL A 57 10.37 6.62 0.39
CA VAL A 57 9.21 5.78 0.01
C VAL A 57 7.97 6.37 0.69
N LEU A 58 6.82 6.37 0.01
CA LEU A 58 5.54 6.83 0.56
C LEU A 58 4.54 5.69 0.65
N ILE A 59 3.97 5.49 1.85
CA ILE A 59 3.13 4.34 2.20
C ILE A 59 1.74 4.79 2.65
N VAL A 60 0.69 4.20 2.07
CA VAL A 60 -0.73 4.51 2.39
C VAL A 60 -1.55 3.22 2.41
N LYS A 61 -2.59 3.14 3.27
CA LYS A 61 -3.56 2.04 3.24
C LYS A 61 -4.97 2.52 2.85
N MET A 62 -5.63 1.79 1.96
CA MET A 62 -6.83 2.21 1.25
C MET A 62 -8.01 1.33 1.67
N ASN A 63 -9.01 1.94 2.31
CA ASN A 63 -10.12 1.22 2.95
C ASN A 63 -11.27 1.02 1.97
N VAL A 64 -11.49 -0.23 1.56
CA VAL A 64 -12.55 -0.65 0.63
C VAL A 64 -13.96 -0.43 1.19
N ASP A 65 -14.12 -0.31 2.51
CA ASP A 65 -15.42 0.01 3.13
C ASP A 65 -15.81 1.49 2.93
N ASP A 66 -14.82 2.39 2.92
CA ASP A 66 -14.98 3.83 2.67
C ASP A 66 -14.99 4.17 1.17
N ASN A 67 -14.11 3.56 0.39
CA ASN A 67 -13.86 3.88 -1.03
C ASN A 67 -13.75 2.60 -1.89
N PRO A 68 -14.88 1.91 -2.19
CA PRO A 68 -14.91 0.64 -2.93
C PRO A 68 -14.54 0.75 -4.43
N ALA A 69 -14.40 1.96 -4.97
CA ALA A 69 -14.00 2.21 -6.36
C ALA A 69 -12.46 2.24 -6.55
N THR A 70 -11.71 2.60 -5.51
CA THR A 70 -10.24 2.64 -5.49
C THR A 70 -9.57 1.30 -5.80
N PRO A 71 -10.03 0.17 -5.24
CA PRO A 71 -9.51 -1.13 -5.64
C PRO A 71 -9.92 -1.45 -7.09
N SER A 72 -11.15 -1.14 -7.51
CA SER A 72 -11.69 -1.56 -8.81
C SER A 72 -10.94 -0.93 -9.97
N LYS A 73 -10.47 0.30 -9.77
CA LYS A 73 -9.71 1.07 -10.77
C LYS A 73 -8.23 0.67 -10.87
N TYR A 74 -7.74 -0.08 -9.88
CA TYR A 74 -6.44 -0.77 -9.88
C TYR A 74 -6.58 -2.27 -10.20
N GLY A 75 -7.81 -2.74 -10.43
CA GLY A 75 -8.16 -4.09 -10.86
C GLY A 75 -8.52 -5.08 -9.73
N ILE A 76 -8.85 -4.58 -8.55
CA ILE A 76 -9.06 -5.33 -7.29
C ILE A 76 -10.54 -5.23 -6.83
N ARG A 77 -11.03 -6.20 -6.05
CA ARG A 77 -12.30 -6.12 -5.33
C ARG A 77 -12.15 -5.77 -3.85
N ALA A 78 -12.03 -6.77 -2.98
CA ALA A 78 -12.03 -6.61 -1.53
C ALA A 78 -11.22 -7.72 -0.83
N ILE A 79 -9.89 -7.61 -0.94
CA ILE A 79 -8.90 -8.62 -0.55
C ILE A 79 -7.61 -7.96 0.01
N PRO A 80 -6.85 -8.66 0.88
CA PRO A 80 -5.56 -8.19 1.37
C PRO A 80 -4.48 -8.26 0.27
N THR A 81 -4.36 -7.19 -0.52
CA THR A 81 -3.41 -7.04 -1.63
C THR A 81 -2.69 -5.69 -1.56
N LEU A 82 -1.38 -5.68 -1.83
CA LEU A 82 -0.55 -4.48 -1.89
C LEU A 82 -0.10 -4.20 -3.32
N ILE A 83 0.02 -2.93 -3.70
CA ILE A 83 0.53 -2.50 -5.01
C ILE A 83 1.77 -1.62 -4.87
N LEU A 84 2.83 -1.99 -5.58
CA LEU A 84 4.15 -1.33 -5.55
C LEU A 84 4.48 -0.67 -6.90
N PHE A 85 4.60 0.65 -6.88
CA PHE A 85 4.79 1.48 -8.07
C PHE A 85 5.56 2.79 -7.81
N LYS A 86 5.75 3.63 -8.84
CA LYS A 86 6.33 4.99 -8.75
C LYS A 86 5.52 5.94 -9.64
N ASN A 87 5.67 7.26 -9.49
CA ASN A 87 5.01 8.31 -10.31
C ASN A 87 3.46 8.30 -10.38
N GLY A 88 2.76 7.27 -9.86
CA GLY A 88 1.37 6.95 -10.25
C GLY A 88 1.24 5.98 -11.44
N GLU A 89 2.32 5.26 -11.78
CA GLU A 89 2.47 4.34 -12.92
C GLU A 89 2.68 2.91 -12.38
N VAL A 90 1.60 2.11 -12.27
CA VAL A 90 1.65 0.74 -11.73
C VAL A 90 2.61 -0.17 -12.52
N VAL A 91 3.43 -0.94 -11.81
CA VAL A 91 4.36 -1.92 -12.41
C VAL A 91 4.18 -3.33 -11.86
N GLU A 92 3.84 -3.47 -10.58
CA GLU A 92 3.72 -4.78 -9.92
C GLU A 92 2.86 -4.72 -8.65
N GLN A 93 2.30 -5.87 -8.26
CA GLN A 93 1.49 -6.07 -7.06
C GLN A 93 1.86 -7.35 -6.32
N VAL A 94 1.38 -7.47 -5.08
CA VAL A 94 1.37 -8.74 -4.31
C VAL A 94 -0.01 -8.97 -3.69
N THR A 95 -0.71 -10.01 -4.16
CA THR A 95 -2.02 -10.44 -3.62
C THR A 95 -1.87 -11.54 -2.56
N GLY A 96 -2.74 -11.52 -1.55
CA GLY A 96 -2.69 -12.39 -0.37
C GLY A 96 -1.76 -11.85 0.72
N ALA A 97 -1.97 -12.30 1.97
CA ALA A 97 -1.18 -11.88 3.11
C ALA A 97 0.22 -12.52 3.09
N VAL A 98 1.23 -11.69 3.37
CA VAL A 98 2.65 -12.06 3.50
C VAL A 98 3.22 -11.49 4.80
N SER A 99 4.30 -12.09 5.31
CA SER A 99 4.93 -11.69 6.58
C SER A 99 5.57 -10.31 6.48
N LYS A 100 5.60 -9.55 7.59
CA LYS A 100 6.25 -8.23 7.69
C LYS A 100 7.66 -8.24 7.12
N SER A 101 8.37 -9.29 7.48
CA SER A 101 9.74 -9.60 7.09
C SER A 101 9.88 -9.84 5.59
N SER A 102 8.95 -10.58 4.98
CA SER A 102 8.90 -10.84 3.53
C SER A 102 8.69 -9.56 2.73
N ILE A 103 7.84 -8.64 3.22
CA ILE A 103 7.55 -7.36 2.56
C ILE A 103 8.79 -6.46 2.57
N LYS A 104 9.46 -6.34 3.73
CA LYS A 104 10.69 -5.53 3.90
C LYS A 104 11.87 -6.08 3.09
N ASP A 105 12.07 -7.40 3.12
CA ASP A 105 13.11 -8.09 2.35
C ASP A 105 12.90 -7.93 0.85
N MET A 106 11.65 -7.93 0.36
CA MET A 106 11.30 -7.61 -1.01
C MET A 106 11.65 -6.15 -1.35
N ILE A 107 11.08 -5.17 -0.63
CA ILE A 107 11.17 -3.74 -0.98
C ILE A 107 12.60 -3.18 -0.95
N ALA A 108 13.50 -3.84 -0.22
CA ALA A 108 14.94 -3.61 -0.31
C ALA A 108 15.50 -3.67 -1.76
N GLN A 109 14.81 -4.35 -2.69
CA GLN A 109 15.11 -4.39 -4.12
C GLN A 109 14.17 -3.54 -4.99
N LYS A 110 12.95 -3.25 -4.52
CA LYS A 110 11.86 -2.65 -5.33
C LYS A 110 11.82 -1.12 -5.22
N ALA A 111 11.56 -0.59 -4.02
CA ALA A 111 11.48 0.85 -3.78
C ALA A 111 12.82 1.46 -3.33
N LEU A 112 13.63 0.71 -2.58
CA LEU A 112 14.97 1.14 -2.12
C LEU A 112 16.07 0.78 -3.12
N GLY A 113 15.87 -0.31 -3.89
CA GLY A 113 16.81 -0.79 -4.91
C GLY A 113 16.91 0.12 -6.15
N MET A 7 4.81 5.60 9.31
CA MET A 7 4.44 6.64 8.36
C MET A 7 3.04 6.46 7.75
N ALA A 8 2.54 5.22 7.73
CA ALA A 8 1.31 4.86 7.02
C ALA A 8 0.03 5.39 7.71
N ALA A 9 -0.87 5.93 6.91
CA ALA A 9 -2.19 6.45 7.31
C ALA A 9 -3.30 6.11 6.30
N GLN A 10 -4.56 6.21 6.75
CA GLN A 10 -5.76 6.12 5.90
C GLN A 10 -5.95 7.38 5.07
N ILE A 11 -6.12 7.22 3.75
CA ILE A 11 -6.28 8.32 2.78
C ILE A 11 -7.51 8.09 1.89
N THR A 12 -7.97 9.15 1.22
CA THR A 12 -9.18 9.20 0.39
C THR A 12 -8.83 9.10 -1.10
N ASP A 13 -9.75 8.58 -1.91
CA ASP A 13 -9.56 8.17 -3.32
C ASP A 13 -9.05 9.29 -4.24
N ALA A 14 -9.51 10.52 -3.97
CA ALA A 14 -9.14 11.74 -4.69
C ALA A 14 -8.01 12.52 -4.03
N THR A 15 -7.65 12.18 -2.78
CA THR A 15 -6.66 12.89 -1.95
C THR A 15 -5.29 12.24 -2.01
N PHE A 16 -5.20 10.90 -2.07
CA PHE A 16 -3.91 10.21 -2.05
C PHE A 16 -3.09 10.52 -3.32
N GLU A 17 -3.75 10.44 -4.47
CA GLU A 17 -3.15 10.66 -5.79
C GLU A 17 -2.72 12.13 -6.00
N ALA A 18 -3.43 13.07 -5.38
CA ALA A 18 -3.05 14.48 -5.33
C ALA A 18 -1.76 14.75 -4.52
N SER A 19 -1.21 13.76 -3.82
CA SER A 19 0.06 13.84 -3.10
C SER A 19 1.11 12.95 -3.77
N VAL A 20 0.74 11.70 -4.13
CA VAL A 20 1.70 10.66 -4.53
C VAL A 20 1.82 10.46 -6.05
N LEU A 21 0.71 10.53 -6.77
CA LEU A 21 0.67 10.43 -8.23
C LEU A 21 1.36 11.62 -8.91
N LYS A 22 1.42 12.77 -8.20
CA LYS A 22 2.14 13.99 -8.57
C LYS A 22 3.60 14.05 -8.05
N SER A 23 4.10 12.96 -7.47
CA SER A 23 5.46 12.83 -6.92
C SER A 23 6.31 11.82 -7.71
N ALA A 24 7.63 11.98 -7.60
CA ALA A 24 8.63 11.07 -8.17
C ALA A 24 9.02 9.91 -7.23
N ILE A 25 8.66 9.98 -5.94
CA ILE A 25 9.02 8.97 -4.94
C ILE A 25 8.26 7.65 -5.16
N PRO A 26 8.86 6.48 -4.88
CA PRO A 26 8.12 5.22 -4.88
C PRO A 26 6.99 5.21 -3.83
N VAL A 27 5.83 4.67 -4.23
CA VAL A 27 4.57 4.69 -3.50
C VAL A 27 4.07 3.25 -3.30
N LEU A 28 3.64 2.94 -2.07
CA LEU A 28 3.10 1.66 -1.62
C LEU A 28 1.68 1.88 -1.10
N ILE A 29 0.72 1.20 -1.71
CA ILE A 29 -0.67 1.12 -1.27
C ILE A 29 -0.89 -0.23 -0.59
N ASP A 30 -1.71 -0.25 0.46
CA ASP A 30 -2.27 -1.49 1.04
C ASP A 30 -3.80 -1.38 1.10
N PHE A 31 -4.47 -2.27 0.35
CA PHE A 31 -5.93 -2.39 0.35
C PHE A 31 -6.39 -3.38 1.44
N TRP A 32 -7.30 -2.95 2.30
CA TRP A 32 -7.78 -3.73 3.44
C TRP A 32 -9.18 -3.32 3.91
N ALA A 33 -9.83 -4.18 4.71
CA ALA A 33 -11.07 -3.85 5.40
C ALA A 33 -11.18 -4.46 6.82
N PRO A 34 -11.81 -3.73 7.76
CA PRO A 34 -11.90 -4.13 9.18
C PRO A 34 -12.75 -5.38 9.43
N TRP A 35 -13.51 -5.84 8.44
CA TRP A 35 -14.33 -7.05 8.50
C TRP A 35 -13.60 -8.34 8.07
N CYS A 36 -12.33 -8.28 7.66
CA CYS A 36 -11.53 -9.47 7.32
C CYS A 36 -10.24 -9.64 8.16
N GLY A 37 -9.91 -10.89 8.51
CA GLY A 37 -8.88 -11.28 9.49
C GLY A 37 -7.46 -10.84 9.13
N PRO A 38 -6.85 -11.35 8.05
CA PRO A 38 -5.50 -10.92 7.62
C PRO A 38 -5.46 -9.43 7.21
N CYS A 39 -6.61 -8.85 6.85
CA CYS A 39 -6.74 -7.43 6.51
C CYS A 39 -6.51 -6.52 7.72
N ARG A 40 -7.23 -6.76 8.83
CA ARG A 40 -7.12 -5.98 10.07
C ARG A 40 -5.87 -6.33 10.88
N ALA A 41 -5.40 -7.58 10.77
CA ALA A 41 -4.15 -8.04 11.37
C ALA A 41 -2.88 -7.53 10.65
N MET A 42 -3.01 -6.86 9.51
CA MET A 42 -1.90 -6.19 8.83
C MET A 42 -1.48 -4.88 9.52
N GLY A 43 -2.21 -4.42 10.53
CA GLY A 43 -1.94 -3.19 11.30
C GLY A 43 -0.48 -3.08 11.78
N PRO A 44 0.00 -4.01 12.63
CA PRO A 44 1.40 -4.02 13.09
C PRO A 44 2.40 -4.36 11.97
N VAL A 45 1.97 -5.09 10.94
CA VAL A 45 2.78 -5.43 9.75
C VAL A 45 3.13 -4.16 8.98
N ILE A 46 2.11 -3.41 8.53
CA ILE A 46 2.25 -2.11 7.86
C ILE A 46 3.08 -1.14 8.71
N ASP A 47 2.83 -1.04 10.01
CA ASP A 47 3.50 -0.07 10.89
C ASP A 47 5.00 -0.33 11.07
N GLU A 48 5.45 -1.58 11.04
CA GLU A 48 6.88 -1.91 10.99
C GLU A 48 7.52 -1.51 9.67
N LEU A 49 7.04 -2.06 8.54
CA LEU A 49 7.63 -1.88 7.22
C LEU A 49 7.56 -0.42 6.77
N ALA A 50 6.50 0.29 7.16
CA ALA A 50 6.37 1.73 6.88
C ALA A 50 7.55 2.55 7.41
N ALA A 51 8.07 2.19 8.57
CA ALA A 51 9.23 2.82 9.21
C ALA A 51 10.58 2.25 8.73
N GLU A 52 10.60 1.10 8.04
CA GLU A 52 11.83 0.60 7.40
C GLU A 52 12.18 1.41 6.15
N TYR A 53 11.18 1.98 5.45
CA TYR A 53 11.38 2.65 4.17
C TYR A 53 11.39 4.19 4.23
N GLU A 54 11.16 4.79 5.41
CA GLU A 54 10.82 6.21 5.53
C GLU A 54 11.90 7.17 4.95
N GLY A 55 11.43 8.31 4.42
CA GLY A 55 12.27 9.35 3.80
C GLY A 55 12.65 9.13 2.33
N LYS A 56 12.48 7.91 1.79
CA LYS A 56 12.73 7.57 0.37
C LYS A 56 11.64 6.71 -0.31
N VAL A 57 10.48 6.57 0.35
CA VAL A 57 9.31 5.73 0.03
C VAL A 57 8.10 6.35 0.74
N LEU A 58 6.94 6.38 0.07
CA LEU A 58 5.67 6.86 0.62
C LEU A 58 4.69 5.68 0.76
N ILE A 59 4.09 5.53 1.94
CA ILE A 59 3.23 4.41 2.31
C ILE A 59 1.85 4.91 2.76
N VAL A 60 0.78 4.33 2.22
CA VAL A 60 -0.62 4.66 2.53
C VAL A 60 -1.49 3.39 2.58
N LYS A 61 -2.53 3.39 3.42
CA LYS A 61 -3.57 2.35 3.44
C LYS A 61 -4.90 2.89 2.88
N MET A 62 -5.61 2.05 2.13
CA MET A 62 -6.83 2.43 1.41
C MET A 62 -7.93 1.45 1.78
N ASN A 63 -8.86 1.86 2.66
CA ASN A 63 -9.90 0.99 3.18
C ASN A 63 -10.98 0.75 2.12
N VAL A 64 -11.05 -0.47 1.59
CA VAL A 64 -11.98 -0.85 0.50
C VAL A 64 -13.47 -0.74 0.88
N ASP A 65 -13.78 -0.68 2.19
CA ASP A 65 -15.15 -0.47 2.68
C ASP A 65 -15.57 1.01 2.66
N ASP A 66 -14.61 1.93 2.83
CA ASP A 66 -14.79 3.39 2.75
C ASP A 66 -14.60 3.94 1.32
N ASN A 67 -13.63 3.38 0.58
CA ASN A 67 -13.20 3.87 -0.74
C ASN A 67 -13.10 2.71 -1.78
N PRO A 68 -14.23 2.09 -2.17
CA PRO A 68 -14.28 0.98 -3.14
C PRO A 68 -13.93 1.35 -4.59
N ALA A 69 -13.81 2.65 -4.91
CA ALA A 69 -13.37 3.11 -6.23
C ALA A 69 -11.85 2.96 -6.43
N THR A 70 -11.07 3.14 -5.36
CA THR A 70 -9.60 3.07 -5.38
C THR A 70 -9.05 1.68 -5.73
N PRO A 71 -9.55 0.56 -5.18
CA PRO A 71 -9.14 -0.77 -5.63
C PRO A 71 -9.61 -1.02 -7.06
N SER A 72 -10.83 -0.58 -7.42
CA SER A 72 -11.48 -0.95 -8.69
C SER A 72 -10.72 -0.38 -9.89
N LYS A 73 -10.16 0.82 -9.70
CA LYS A 73 -9.37 1.52 -10.74
C LYS A 73 -7.92 1.03 -10.88
N TYR A 74 -7.47 0.25 -9.90
CA TYR A 74 -6.20 -0.48 -9.92
C TYR A 74 -6.41 -1.98 -10.29
N GLY A 75 -7.67 -2.37 -10.52
CA GLY A 75 -8.08 -3.73 -10.96
C GLY A 75 -8.40 -4.72 -9.85
N ILE A 76 -8.63 -4.24 -8.62
CA ILE A 76 -8.89 -5.01 -7.39
C ILE A 76 -10.39 -4.98 -7.02
N ARG A 77 -10.88 -5.99 -6.28
CA ARG A 77 -12.23 -6.02 -5.71
C ARG A 77 -12.24 -5.47 -4.28
N ALA A 78 -12.11 -6.35 -3.28
CA ALA A 78 -12.12 -6.02 -1.85
C ALA A 78 -11.41 -7.12 -1.03
N ILE A 79 -10.07 -7.10 -1.09
CA ILE A 79 -9.17 -8.17 -0.63
C ILE A 79 -7.86 -7.61 -0.02
N PRO A 80 -7.16 -8.38 0.83
CA PRO A 80 -5.85 -7.99 1.37
C PRO A 80 -4.75 -8.08 0.29
N THR A 81 -4.48 -6.95 -0.38
CA THR A 81 -3.47 -6.82 -1.44
C THR A 81 -2.71 -5.49 -1.32
N LEU A 82 -1.40 -5.48 -1.57
CA LEU A 82 -0.62 -4.26 -1.67
C LEU A 82 -0.09 -4.05 -3.10
N ILE A 83 0.05 -2.80 -3.52
CA ILE A 83 0.61 -2.42 -4.82
C ILE A 83 1.83 -1.53 -4.64
N LEU A 84 2.94 -1.90 -5.31
CA LEU A 84 4.21 -1.21 -5.27
C LEU A 84 4.57 -0.57 -6.62
N PHE A 85 4.63 0.77 -6.64
CA PHE A 85 4.82 1.58 -7.84
C PHE A 85 5.63 2.86 -7.62
N LYS A 86 5.86 3.63 -8.69
CA LYS A 86 6.64 4.88 -8.71
C LYS A 86 6.07 5.85 -9.76
N ASN A 87 6.41 7.13 -9.71
CA ASN A 87 6.05 8.16 -10.70
C ASN A 87 4.53 8.27 -11.03
N GLY A 88 3.64 7.70 -10.19
CA GLY A 88 2.20 7.58 -10.48
C GLY A 88 1.82 6.49 -11.51
N GLU A 89 2.67 5.49 -11.75
CA GLU A 89 2.50 4.43 -12.77
C GLU A 89 2.85 3.03 -12.19
N VAL A 90 1.86 2.15 -12.16
CA VAL A 90 1.95 0.77 -11.60
C VAL A 90 2.98 -0.09 -12.32
N VAL A 91 3.72 -0.91 -11.56
CA VAL A 91 4.68 -1.90 -12.09
C VAL A 91 4.49 -3.30 -11.52
N GLU A 92 4.09 -3.41 -10.25
CA GLU A 92 3.95 -4.71 -9.55
C GLU A 92 3.02 -4.63 -8.34
N GLN A 93 2.41 -5.76 -7.98
CA GLN A 93 1.58 -5.94 -6.79
C GLN A 93 1.94 -7.22 -6.03
N VAL A 94 1.41 -7.35 -4.80
CA VAL A 94 1.28 -8.66 -4.15
C VAL A 94 -0.03 -8.82 -3.36
N THR A 95 -0.78 -9.86 -3.72
CA THR A 95 -2.04 -10.27 -3.06
C THR A 95 -1.86 -11.36 -2.00
N GLY A 96 -2.75 -11.39 -1.00
CA GLY A 96 -2.82 -12.39 0.05
C GLY A 96 -2.22 -11.98 1.40
N ALA A 97 -2.31 -12.88 2.39
CA ALA A 97 -1.71 -12.71 3.71
C ALA A 97 -0.19 -12.88 3.63
N VAL A 98 0.53 -11.94 4.25
CA VAL A 98 1.99 -11.80 4.19
C VAL A 98 2.60 -11.45 5.55
N SER A 99 3.88 -11.78 5.74
CA SER A 99 4.65 -11.33 6.91
C SER A 99 5.40 -10.05 6.56
N LYS A 100 5.56 -9.14 7.54
CA LYS A 100 6.31 -7.88 7.33
C LYS A 100 7.71 -8.12 6.77
N SER A 101 8.36 -9.18 7.24
CA SER A 101 9.68 -9.65 6.87
C SER A 101 9.77 -9.95 5.37
N SER A 102 8.76 -10.60 4.79
CA SER A 102 8.67 -10.91 3.35
C SER A 102 8.55 -9.65 2.49
N ILE A 103 7.76 -8.67 2.96
CA ILE A 103 7.51 -7.40 2.27
C ILE A 103 8.74 -6.48 2.33
N LYS A 104 9.40 -6.38 3.50
CA LYS A 104 10.70 -5.72 3.64
C LYS A 104 11.79 -6.34 2.74
N ASP A 105 11.91 -7.67 2.78
CA ASP A 105 12.90 -8.41 2.01
C ASP A 105 12.69 -8.26 0.49
N MET A 106 11.45 -8.08 0.03
CA MET A 106 11.11 -7.72 -1.35
C MET A 106 11.47 -6.27 -1.68
N ILE A 107 11.02 -5.30 -0.87
CA ILE A 107 11.13 -3.86 -1.17
C ILE A 107 12.58 -3.35 -1.17
N ALA A 108 13.48 -4.05 -0.48
CA ALA A 108 14.92 -3.81 -0.53
C ALA A 108 15.51 -3.77 -1.96
N GLN A 109 14.84 -4.40 -2.93
CA GLN A 109 15.20 -4.34 -4.36
C GLN A 109 14.24 -3.48 -5.22
N LYS A 110 13.02 -3.20 -4.73
CA LYS A 110 11.94 -2.56 -5.51
C LYS A 110 11.85 -1.06 -5.28
N ALA A 111 11.52 -0.65 -4.05
CA ALA A 111 11.33 0.76 -3.68
C ALA A 111 12.59 1.39 -3.05
N LEU A 112 13.41 0.60 -2.35
CA LEU A 112 14.72 1.05 -1.85
C LEU A 112 15.82 0.91 -2.89
N GLY A 113 15.69 -0.06 -3.79
CA GLY A 113 16.67 -0.42 -4.81
C GLY A 113 17.90 -1.13 -4.22
N MET A 7 5.93 5.80 9.72
CA MET A 7 4.54 5.37 9.88
C MET A 7 3.75 5.44 8.56
N ALA A 8 2.75 4.58 8.41
CA ALA A 8 1.71 4.67 7.37
C ALA A 8 0.43 5.33 7.92
N ALA A 9 -0.46 5.77 7.02
CA ALA A 9 -1.73 6.41 7.36
C ALA A 9 -2.91 5.88 6.52
N GLN A 10 -4.12 6.05 7.05
CA GLN A 10 -5.39 5.76 6.39
C GLN A 10 -5.83 6.92 5.48
N ILE A 11 -5.80 6.72 4.16
CA ILE A 11 -6.00 7.75 3.13
C ILE A 11 -7.14 7.36 2.16
N THR A 12 -7.65 8.34 1.41
CA THR A 12 -8.78 8.27 0.49
C THR A 12 -8.31 8.59 -0.94
N ASP A 13 -9.02 8.13 -1.98
CA ASP A 13 -8.57 8.18 -3.38
C ASP A 13 -8.13 9.60 -3.81
N ALA A 14 -9.01 10.56 -3.56
CA ALA A 14 -8.83 11.97 -3.93
C ALA A 14 -7.75 12.68 -3.10
N THR A 15 -7.39 12.12 -1.94
CA THR A 15 -6.38 12.65 -1.01
C THR A 15 -4.99 12.12 -1.36
N PHE A 16 -4.86 10.81 -1.62
CA PHE A 16 -3.55 10.21 -1.91
C PHE A 16 -3.05 10.61 -3.29
N GLU A 17 -3.89 10.69 -4.31
CA GLU A 17 -3.45 11.00 -5.68
C GLU A 17 -2.96 12.45 -5.81
N ALA A 18 -3.56 13.38 -5.07
CA ALA A 18 -3.15 14.77 -4.99
C ALA A 18 -1.82 14.99 -4.20
N SER A 19 -1.32 13.94 -3.53
CA SER A 19 -0.06 13.97 -2.77
C SER A 19 1.04 13.11 -3.40
N VAL A 20 0.75 11.84 -3.70
CA VAL A 20 1.72 10.81 -4.08
C VAL A 20 1.76 10.55 -5.58
N LEU A 21 0.62 10.58 -6.28
CA LEU A 21 0.57 10.38 -7.74
C LEU A 21 1.20 11.57 -8.48
N LYS A 22 1.20 12.76 -7.85
CA LYS A 22 1.97 13.96 -8.29
C LYS A 22 3.49 13.87 -8.04
N SER A 23 3.95 12.90 -7.25
CA SER A 23 5.34 12.73 -6.84
C SER A 23 6.12 11.78 -7.76
N ALA A 24 7.44 11.86 -7.68
CA ALA A 24 8.37 10.94 -8.34
C ALA A 24 8.79 9.77 -7.42
N ILE A 25 8.52 9.88 -6.11
CA ILE A 25 8.98 8.92 -5.11
C ILE A 25 8.24 7.56 -5.22
N PRO A 26 8.89 6.42 -4.91
CA PRO A 26 8.19 5.14 -4.86
C PRO A 26 7.11 5.12 -3.78
N VAL A 27 5.99 4.48 -4.10
CA VAL A 27 4.72 4.53 -3.38
C VAL A 27 4.17 3.11 -3.18
N LEU A 28 3.71 2.86 -1.96
CA LEU A 28 3.13 1.60 -1.50
C LEU A 28 1.70 1.83 -1.01
N ILE A 29 0.76 1.12 -1.63
CA ILE A 29 -0.64 1.04 -1.21
C ILE A 29 -0.88 -0.32 -0.54
N ASP A 30 -1.68 -0.35 0.51
CA ASP A 30 -2.25 -1.57 1.09
C ASP A 30 -3.79 -1.46 1.13
N PHE A 31 -4.47 -2.35 0.42
CA PHE A 31 -5.94 -2.43 0.42
C PHE A 31 -6.46 -3.32 1.56
N TRP A 32 -7.41 -2.81 2.36
CA TRP A 32 -7.96 -3.53 3.52
C TRP A 32 -9.38 -3.10 3.87
N ALA A 33 -10.08 -3.90 4.69
CA ALA A 33 -11.36 -3.55 5.30
C ALA A 33 -11.51 -4.18 6.71
N PRO A 34 -12.23 -3.52 7.66
CA PRO A 34 -12.37 -3.98 9.04
C PRO A 34 -13.22 -5.25 9.20
N TRP A 35 -13.96 -5.65 8.17
CA TRP A 35 -14.77 -6.88 8.16
C TRP A 35 -13.98 -8.15 7.74
N CYS A 36 -12.69 -8.04 7.39
CA CYS A 36 -11.82 -9.21 7.13
C CYS A 36 -10.61 -9.26 8.08
N GLY A 37 -10.34 -10.45 8.62
CA GLY A 37 -9.34 -10.69 9.68
C GLY A 37 -7.90 -10.32 9.29
N PRO A 38 -7.29 -10.96 8.27
CA PRO A 38 -5.92 -10.64 7.85
C PRO A 38 -5.77 -9.20 7.32
N CYS A 39 -6.87 -8.58 6.87
CA CYS A 39 -6.90 -7.20 6.40
C CYS A 39 -6.59 -6.21 7.53
N ARG A 40 -7.32 -6.29 8.64
CA ARG A 40 -7.10 -5.42 9.82
C ARG A 40 -5.91 -5.85 10.70
N ALA A 41 -5.57 -7.14 10.70
CA ALA A 41 -4.42 -7.68 11.42
C ALA A 41 -3.05 -7.32 10.77
N MET A 42 -3.04 -6.75 9.57
CA MET A 42 -1.84 -6.18 8.94
C MET A 42 -1.45 -4.81 9.51
N GLY A 43 -2.22 -4.25 10.45
CA GLY A 43 -1.94 -2.94 11.07
C GLY A 43 -0.51 -2.79 11.61
N PRO A 44 -0.02 -3.68 12.51
CA PRO A 44 1.37 -3.65 12.98
C PRO A 44 2.39 -4.07 11.91
N VAL A 45 1.97 -4.82 10.89
CA VAL A 45 2.80 -5.20 9.74
C VAL A 45 3.15 -3.95 8.92
N ILE A 46 2.15 -3.23 8.40
CA ILE A 46 2.34 -1.99 7.62
C ILE A 46 3.12 -0.95 8.44
N ASP A 47 2.85 -0.80 9.74
CA ASP A 47 3.48 0.20 10.59
C ASP A 47 4.99 -0.05 10.86
N GLU A 48 5.44 -1.31 10.89
CA GLU A 48 6.88 -1.65 10.95
C GLU A 48 7.59 -1.29 9.64
N LEU A 49 7.15 -1.89 8.53
CA LEU A 49 7.78 -1.75 7.21
C LEU A 49 7.73 -0.31 6.71
N ALA A 50 6.68 0.44 7.08
CA ALA A 50 6.59 1.87 6.82
C ALA A 50 7.81 2.68 7.34
N ALA A 51 8.32 2.30 8.51
CA ALA A 51 9.49 2.93 9.12
C ALA A 51 10.82 2.36 8.59
N GLU A 52 10.81 1.18 7.96
CA GLU A 52 12.02 0.63 7.32
C GLU A 52 12.37 1.41 6.04
N TYR A 53 11.39 2.01 5.36
CA TYR A 53 11.60 2.70 4.08
C TYR A 53 11.61 4.25 4.18
N GLU A 54 11.54 4.82 5.39
CA GLU A 54 11.13 6.22 5.60
C GLU A 54 11.99 7.26 4.85
N GLY A 55 11.35 8.34 4.40
CA GLY A 55 11.97 9.49 3.71
C GLY A 55 12.29 9.25 2.22
N LYS A 56 12.43 8.00 1.79
CA LYS A 56 12.76 7.59 0.41
C LYS A 56 11.63 6.84 -0.32
N VAL A 57 10.51 6.62 0.40
CA VAL A 57 9.35 5.79 0.03
C VAL A 57 8.12 6.36 0.76
N LEU A 58 6.97 6.37 0.10
CA LEU A 58 5.68 6.83 0.63
C LEU A 58 4.72 5.64 0.82
N ILE A 59 4.09 5.56 1.99
CA ILE A 59 3.28 4.40 2.42
C ILE A 59 1.90 4.86 2.90
N VAL A 60 0.83 4.29 2.32
CA VAL A 60 -0.57 4.58 2.65
C VAL A 60 -1.40 3.29 2.66
N LYS A 61 -2.46 3.23 3.47
CA LYS A 61 -3.48 2.18 3.38
C LYS A 61 -4.84 2.73 2.97
N MET A 62 -5.57 1.97 2.18
CA MET A 62 -6.77 2.40 1.45
C MET A 62 -7.94 1.47 1.81
N ASN A 63 -9.00 2.03 2.39
CA ASN A 63 -10.08 1.23 2.96
C ASN A 63 -11.15 0.91 1.90
N VAL A 64 -11.23 -0.36 1.49
CA VAL A 64 -12.15 -0.82 0.43
C VAL A 64 -13.62 -0.84 0.85
N ASP A 65 -13.94 -0.63 2.13
CA ASP A 65 -15.33 -0.46 2.58
C ASP A 65 -15.81 0.99 2.43
N ASP A 66 -14.91 1.96 2.66
CA ASP A 66 -15.13 3.39 2.49
C ASP A 66 -15.02 3.81 1.01
N ASN A 67 -14.04 3.28 0.28
CA ASN A 67 -13.71 3.67 -1.09
C ASN A 67 -13.45 2.45 -2.02
N PRO A 68 -14.48 1.64 -2.33
CA PRO A 68 -14.39 0.48 -3.24
C PRO A 68 -14.04 0.82 -4.70
N ALA A 69 -14.03 2.11 -5.07
CA ALA A 69 -13.58 2.58 -6.38
C ALA A 69 -12.04 2.58 -6.53
N THR A 70 -11.31 2.84 -5.43
CA THR A 70 -9.84 2.88 -5.39
C THR A 70 -9.18 1.56 -5.77
N PRO A 71 -9.59 0.40 -5.21
CA PRO A 71 -9.03 -0.89 -5.63
C PRO A 71 -9.41 -1.23 -7.09
N SER A 72 -10.64 -0.90 -7.50
CA SER A 72 -11.24 -1.38 -8.75
C SER A 72 -10.68 -0.68 -9.98
N LYS A 73 -10.06 0.50 -9.78
CA LYS A 73 -9.37 1.22 -10.85
C LYS A 73 -8.04 0.56 -11.24
N TYR A 74 -7.40 -0.19 -10.31
CA TYR A 74 -6.13 -0.91 -10.52
C TYR A 74 -6.35 -2.43 -10.70
N GLY A 75 -7.62 -2.85 -10.71
CA GLY A 75 -8.07 -4.22 -11.00
C GLY A 75 -8.40 -5.09 -9.78
N ILE A 76 -8.38 -4.51 -8.57
CA ILE A 76 -8.69 -5.19 -7.30
C ILE A 76 -10.18 -5.07 -6.96
N ARG A 77 -10.79 -6.09 -6.32
CA ARG A 77 -12.18 -6.04 -5.81
C ARG A 77 -12.21 -5.51 -4.37
N ALA A 78 -12.05 -6.40 -3.39
CA ALA A 78 -12.04 -6.07 -1.96
C ALA A 78 -11.35 -7.18 -1.13
N ILE A 79 -10.02 -7.14 -1.11
CA ILE A 79 -9.12 -8.22 -0.62
C ILE A 79 -7.84 -7.66 0.03
N PRO A 80 -7.16 -8.42 0.92
CA PRO A 80 -5.85 -8.05 1.46
C PRO A 80 -4.76 -8.17 0.38
N THR A 81 -4.46 -7.07 -0.30
CA THR A 81 -3.44 -6.97 -1.38
C THR A 81 -2.71 -5.62 -1.29
N LEU A 82 -1.40 -5.60 -1.56
CA LEU A 82 -0.60 -4.38 -1.61
C LEU A 82 0.00 -4.16 -3.01
N ILE A 83 0.10 -2.89 -3.42
CA ILE A 83 0.65 -2.48 -4.73
C ILE A 83 1.87 -1.59 -4.57
N LEU A 84 2.95 -1.94 -5.25
CA LEU A 84 4.28 -1.30 -5.14
C LEU A 84 4.70 -0.69 -6.48
N PHE A 85 4.70 0.64 -6.53
CA PHE A 85 4.91 1.43 -7.75
C PHE A 85 5.72 2.73 -7.52
N LYS A 86 5.92 3.51 -8.60
CA LYS A 86 6.69 4.77 -8.63
C LYS A 86 6.04 5.75 -9.62
N ASN A 87 6.41 7.03 -9.57
CA ASN A 87 5.95 8.08 -10.53
C ASN A 87 4.41 8.20 -10.70
N GLY A 88 3.59 7.58 -9.82
CA GLY A 88 2.14 7.46 -10.00
C GLY A 88 1.71 6.42 -11.07
N GLU A 89 2.54 5.43 -11.41
CA GLU A 89 2.30 4.45 -12.47
C GLU A 89 2.70 3.03 -12.03
N VAL A 90 1.73 2.10 -12.03
CA VAL A 90 1.88 0.73 -11.51
C VAL A 90 2.93 -0.10 -12.28
N VAL A 91 3.66 -0.94 -11.54
CA VAL A 91 4.63 -1.91 -12.11
C VAL A 91 4.50 -3.32 -11.51
N GLU A 92 4.16 -3.42 -10.22
CA GLU A 92 4.09 -4.69 -9.50
C GLU A 92 3.12 -4.62 -8.30
N GLN A 93 2.56 -5.77 -7.93
CA GLN A 93 1.73 -5.96 -6.75
C GLN A 93 2.09 -7.24 -5.98
N VAL A 94 1.57 -7.39 -4.78
CA VAL A 94 1.44 -8.71 -4.14
C VAL A 94 0.08 -8.90 -3.45
N THR A 95 -0.65 -9.93 -3.91
CA THR A 95 -1.98 -10.32 -3.42
C THR A 95 -1.92 -11.43 -2.36
N GLY A 96 -2.86 -11.42 -1.42
CA GLY A 96 -2.87 -12.27 -0.24
C GLY A 96 -2.00 -11.71 0.89
N ALA A 97 -2.17 -12.24 2.10
CA ALA A 97 -1.44 -11.82 3.29
C ALA A 97 -0.01 -12.39 3.29
N VAL A 98 0.96 -11.52 3.56
CA VAL A 98 2.40 -11.80 3.70
C VAL A 98 2.97 -11.11 4.94
N SER A 99 4.04 -11.68 5.51
CA SER A 99 4.66 -11.17 6.73
C SER A 99 5.41 -9.86 6.47
N LYS A 100 5.55 -9.00 7.49
CA LYS A 100 6.34 -7.76 7.38
C LYS A 100 7.75 -8.01 6.87
N SER A 101 8.35 -9.11 7.30
CA SER A 101 9.67 -9.59 6.91
C SER A 101 9.76 -9.89 5.41
N SER A 102 8.73 -10.51 4.83
CA SER A 102 8.61 -10.80 3.40
C SER A 102 8.46 -9.52 2.58
N ILE A 103 7.65 -8.56 3.05
CA ILE A 103 7.39 -7.28 2.39
C ILE A 103 8.67 -6.42 2.38
N LYS A 104 9.38 -6.31 3.51
CA LYS A 104 10.70 -5.65 3.62
C LYS A 104 11.75 -6.30 2.70
N ASP A 105 11.86 -7.63 2.75
CA ASP A 105 12.81 -8.40 1.94
C ASP A 105 12.54 -8.26 0.43
N MET A 106 11.29 -8.01 0.01
CA MET A 106 10.92 -7.67 -1.36
C MET A 106 11.31 -6.22 -1.73
N ILE A 107 10.91 -5.24 -0.92
CA ILE A 107 11.06 -3.81 -1.23
C ILE A 107 12.51 -3.32 -1.24
N ALA A 108 13.40 -4.05 -0.57
CA ALA A 108 14.84 -3.86 -0.63
C ALA A 108 15.42 -3.86 -2.06
N GLN A 109 14.70 -4.43 -3.05
CA GLN A 109 15.06 -4.37 -4.48
C GLN A 109 14.07 -3.56 -5.34
N LYS A 110 12.83 -3.33 -4.86
CA LYS A 110 11.75 -2.72 -5.66
C LYS A 110 11.71 -1.20 -5.49
N ALA A 111 11.49 -0.73 -4.26
CA ALA A 111 11.44 0.70 -3.94
C ALA A 111 12.83 1.27 -3.57
N LEU A 112 13.64 0.49 -2.84
CA LEU A 112 14.98 0.92 -2.39
C LEU A 112 16.08 0.59 -3.42
N GLY A 113 15.87 -0.46 -4.22
CA GLY A 113 16.80 -0.90 -5.27
C GLY A 113 16.87 0.05 -6.48
N MET A 7 5.78 6.23 7.08
CA MET A 7 5.08 6.29 8.37
C MET A 7 3.76 5.50 8.38
N ALA A 8 3.14 5.38 7.20
CA ALA A 8 1.78 4.87 6.94
C ALA A 8 0.63 5.61 7.65
N ALA A 9 -0.48 5.72 6.94
CA ALA A 9 -1.75 6.27 7.42
C ALA A 9 -2.93 5.73 6.60
N GLN A 10 -4.15 5.87 7.12
CA GLN A 10 -5.38 5.54 6.42
C GLN A 10 -5.82 6.72 5.54
N ILE A 11 -5.71 6.58 4.20
CA ILE A 11 -5.89 7.66 3.23
C ILE A 11 -7.13 7.40 2.32
N THR A 12 -7.54 8.43 1.59
CA THR A 12 -8.77 8.56 0.81
C THR A 12 -8.44 8.70 -0.69
N ASP A 13 -9.34 8.28 -1.56
CA ASP A 13 -9.13 8.15 -3.02
C ASP A 13 -8.62 9.43 -3.70
N ALA A 14 -9.18 10.57 -3.28
CA ALA A 14 -8.87 11.91 -3.75
C ALA A 14 -7.69 12.57 -3.03
N THR A 15 -7.26 12.00 -1.90
CA THR A 15 -6.20 12.53 -1.02
C THR A 15 -4.86 11.89 -1.32
N PHE A 16 -4.81 10.57 -1.58
CA PHE A 16 -3.52 9.89 -1.78
C PHE A 16 -2.83 10.35 -3.08
N GLU A 17 -3.61 10.55 -4.14
CA GLU A 17 -3.14 11.02 -5.45
C GLU A 17 -2.57 12.44 -5.41
N ALA A 18 -3.09 13.28 -4.53
CA ALA A 18 -2.61 14.64 -4.31
C ALA A 18 -1.20 14.70 -3.65
N SER A 19 -0.71 13.56 -3.14
CA SER A 19 0.66 13.41 -2.60
C SER A 19 1.55 12.50 -3.45
N VAL A 20 1.04 11.34 -3.85
CA VAL A 20 1.77 10.28 -4.54
C VAL A 20 1.90 10.57 -6.03
N LEU A 21 0.74 10.74 -6.70
CA LEU A 21 0.67 10.98 -8.16
C LEU A 21 1.34 12.31 -8.58
N LYS A 22 1.53 13.24 -7.63
CA LYS A 22 2.28 14.50 -7.82
C LYS A 22 3.80 14.38 -7.59
N SER A 23 4.30 13.19 -7.24
CA SER A 23 5.69 12.92 -6.82
C SER A 23 6.39 11.87 -7.68
N ALA A 24 7.72 11.92 -7.69
CA ALA A 24 8.63 10.94 -8.32
C ALA A 24 9.07 9.80 -7.38
N ILE A 25 8.71 9.85 -6.09
CA ILE A 25 9.05 8.83 -5.10
C ILE A 25 8.29 7.50 -5.39
N PRO A 26 8.89 6.32 -5.14
CA PRO A 26 8.15 5.05 -5.18
C PRO A 26 7.11 4.97 -4.05
N VAL A 27 5.96 4.36 -4.33
CA VAL A 27 4.78 4.31 -3.46
C VAL A 27 4.33 2.86 -3.23
N LEU A 28 3.78 2.64 -2.03
CA LEU A 28 3.19 1.38 -1.56
C LEU A 28 1.76 1.61 -1.07
N ILE A 29 0.80 0.91 -1.67
CA ILE A 29 -0.60 0.83 -1.24
C ILE A 29 -0.84 -0.52 -0.55
N ASP A 30 -1.67 -0.55 0.48
CA ASP A 30 -2.28 -1.76 1.04
C ASP A 30 -3.80 -1.62 1.10
N PHE A 31 -4.54 -2.49 0.39
CA PHE A 31 -6.00 -2.50 0.40
C PHE A 31 -6.55 -3.35 1.54
N TRP A 32 -7.46 -2.79 2.35
CA TRP A 32 -7.99 -3.46 3.54
C TRP A 32 -9.42 -3.02 3.91
N ALA A 33 -10.11 -3.80 4.74
CA ALA A 33 -11.39 -3.43 5.36
C ALA A 33 -11.54 -4.06 6.76
N PRO A 34 -12.19 -3.38 7.72
CA PRO A 34 -12.33 -3.84 9.11
C PRO A 34 -13.22 -5.08 9.28
N TRP A 35 -14.02 -5.43 8.27
CA TRP A 35 -14.87 -6.62 8.25
C TRP A 35 -14.17 -7.89 7.72
N CYS A 36 -12.89 -7.84 7.35
CA CYS A 36 -12.08 -9.02 7.01
C CYS A 36 -10.82 -9.16 7.88
N GLY A 37 -10.60 -10.37 8.41
CA GLY A 37 -9.55 -10.67 9.40
C GLY A 37 -8.12 -10.38 8.93
N PRO A 38 -7.60 -11.05 7.89
CA PRO A 38 -6.25 -10.81 7.38
C PRO A 38 -6.02 -9.38 6.88
N CYS A 39 -7.10 -8.70 6.47
CA CYS A 39 -7.07 -7.31 6.01
C CYS A 39 -6.65 -6.35 7.14
N ARG A 40 -7.35 -6.40 8.29
CA ARG A 40 -7.03 -5.55 9.46
C ARG A 40 -5.84 -6.06 10.27
N ALA A 41 -5.54 -7.36 10.20
CA ALA A 41 -4.36 -7.97 10.82
C ALA A 41 -3.02 -7.58 10.14
N MET A 42 -3.07 -6.93 8.96
CA MET A 42 -1.90 -6.28 8.35
C MET A 42 -1.49 -5.00 9.08
N GLY A 43 -2.31 -4.48 9.99
CA GLY A 43 -2.07 -3.23 10.73
C GLY A 43 -0.65 -3.13 11.36
N PRO A 44 -0.25 -4.07 12.23
CA PRO A 44 1.10 -4.12 12.80
C PRO A 44 2.19 -4.55 11.80
N VAL A 45 1.81 -5.05 10.62
CA VAL A 45 2.71 -5.35 9.50
C VAL A 45 3.08 -4.06 8.77
N ILE A 46 2.08 -3.36 8.19
CA ILE A 46 2.27 -2.11 7.42
C ILE A 46 3.00 -1.05 8.27
N ASP A 47 2.68 -0.91 9.56
CA ASP A 47 3.28 0.10 10.44
C ASP A 47 4.80 -0.07 10.67
N GLU A 48 5.32 -1.30 10.68
CA GLU A 48 6.75 -1.55 10.92
C GLU A 48 7.61 -1.38 9.67
N LEU A 49 7.15 -1.90 8.53
CA LEU A 49 7.78 -1.74 7.23
C LEU A 49 7.67 -0.30 6.72
N ALA A 50 6.57 0.39 7.05
CA ALA A 50 6.42 1.81 6.72
C ALA A 50 7.55 2.69 7.28
N ALA A 51 7.97 2.39 8.52
CA ALA A 51 9.06 3.07 9.20
C ALA A 51 10.45 2.64 8.71
N GLU A 52 10.56 1.48 8.05
CA GLU A 52 11.83 1.05 7.43
C GLU A 52 12.09 1.76 6.10
N TYR A 53 11.07 2.28 5.43
CA TYR A 53 11.24 2.97 4.14
C TYR A 53 11.09 4.50 4.18
N GLU A 54 10.63 5.09 5.29
CA GLU A 54 10.06 6.46 5.28
C GLU A 54 11.05 7.55 4.78
N GLY A 55 10.50 8.53 4.05
CA GLY A 55 11.24 9.63 3.41
C GLY A 55 11.84 9.28 2.04
N LYS A 56 12.13 8.00 1.77
CA LYS A 56 12.62 7.46 0.48
C LYS A 56 11.52 6.76 -0.35
N VAL A 57 10.32 6.64 0.23
CA VAL A 57 9.19 5.78 -0.13
C VAL A 57 7.94 6.39 0.52
N LEU A 58 6.81 6.38 -0.20
CA LEU A 58 5.52 6.83 0.33
C LEU A 58 4.63 5.60 0.60
N ILE A 59 4.02 5.52 1.79
CA ILE A 59 3.22 4.38 2.23
C ILE A 59 1.84 4.84 2.70
N VAL A 60 0.78 4.19 2.20
CA VAL A 60 -0.63 4.45 2.55
C VAL A 60 -1.44 3.16 2.64
N LYS A 61 -2.45 3.08 3.50
CA LYS A 61 -3.45 2.01 3.44
C LYS A 61 -4.83 2.56 3.03
N MET A 62 -5.48 1.88 2.08
CA MET A 62 -6.68 2.35 1.40
C MET A 62 -7.86 1.46 1.82
N ASN A 63 -8.84 2.03 2.50
CA ASN A 63 -9.96 1.28 3.05
C ASN A 63 -11.01 1.04 1.95
N VAL A 64 -11.23 -0.21 1.58
CA VAL A 64 -12.13 -0.59 0.47
C VAL A 64 -13.63 -0.44 0.81
N ASP A 65 -13.98 -0.20 2.07
CA ASP A 65 -15.36 0.09 2.49
C ASP A 65 -15.69 1.59 2.36
N ASP A 66 -14.71 2.46 2.64
CA ASP A 66 -14.77 3.93 2.51
C ASP A 66 -14.45 4.41 1.08
N ASN A 67 -13.62 3.64 0.35
CA ASN A 67 -13.09 3.97 -0.98
C ASN A 67 -13.21 2.76 -1.93
N PRO A 68 -14.41 2.37 -2.37
CA PRO A 68 -14.60 1.23 -3.28
C PRO A 68 -14.08 1.50 -4.71
N ALA A 69 -13.81 2.74 -5.07
CA ALA A 69 -13.27 3.13 -6.39
C ALA A 69 -11.76 2.90 -6.52
N THR A 70 -10.99 3.10 -5.44
CA THR A 70 -9.52 2.96 -5.41
C THR A 70 -9.03 1.55 -5.74
N PRO A 71 -9.61 0.46 -5.19
CA PRO A 71 -9.24 -0.89 -5.59
C PRO A 71 -9.69 -1.15 -7.03
N SER A 72 -10.90 -0.72 -7.42
CA SER A 72 -11.56 -1.08 -8.66
C SER A 72 -10.85 -0.50 -9.88
N LYS A 73 -10.18 0.65 -9.68
CA LYS A 73 -9.41 1.34 -10.72
C LYS A 73 -7.97 0.81 -10.88
N TYR A 74 -7.51 0.04 -9.89
CA TYR A 74 -6.25 -0.73 -9.91
C TYR A 74 -6.51 -2.23 -10.24
N GLY A 75 -7.79 -2.59 -10.45
CA GLY A 75 -8.25 -3.93 -10.86
C GLY A 75 -8.59 -4.90 -9.71
N ILE A 76 -8.86 -4.38 -8.52
CA ILE A 76 -9.13 -5.11 -7.26
C ILE A 76 -10.60 -4.94 -6.84
N ARG A 77 -11.15 -5.90 -6.09
CA ARG A 77 -12.48 -5.80 -5.46
C ARG A 77 -12.36 -5.39 -3.97
N ALA A 78 -12.24 -6.38 -3.08
CA ALA A 78 -12.13 -6.17 -1.62
C ALA A 78 -11.39 -7.36 -0.95
N ILE A 79 -10.07 -7.33 -0.99
CA ILE A 79 -9.15 -8.41 -0.57
C ILE A 79 -7.85 -7.87 0.04
N PRO A 80 -7.15 -8.65 0.89
CA PRO A 80 -5.86 -8.26 1.47
C PRO A 80 -4.73 -8.33 0.41
N THR A 81 -4.54 -7.23 -0.32
CA THR A 81 -3.56 -7.10 -1.41
C THR A 81 -2.81 -5.76 -1.32
N LEU A 82 -1.49 -5.78 -1.55
CA LEU A 82 -0.65 -4.59 -1.61
C LEU A 82 -0.13 -4.37 -3.04
N ILE A 83 0.03 -3.10 -3.45
CA ILE A 83 0.58 -2.73 -4.75
C ILE A 83 1.82 -1.83 -4.59
N LEU A 84 2.92 -2.22 -5.25
CA LEU A 84 4.21 -1.51 -5.21
C LEU A 84 4.55 -0.91 -6.59
N PHE A 85 4.63 0.41 -6.63
CA PHE A 85 4.78 1.18 -7.88
C PHE A 85 5.53 2.51 -7.72
N LYS A 86 5.67 3.28 -8.81
CA LYS A 86 6.34 4.60 -8.85
C LYS A 86 5.61 5.54 -9.80
N ASN A 87 5.82 6.85 -9.67
CA ASN A 87 5.31 7.88 -10.59
C ASN A 87 3.78 7.86 -10.83
N GLY A 88 3.00 7.16 -10.00
CA GLY A 88 1.56 6.91 -10.20
C GLY A 88 1.21 5.85 -11.25
N GLU A 89 2.13 4.92 -11.58
CA GLU A 89 1.94 3.88 -12.61
C GLU A 89 2.44 2.51 -12.12
N VAL A 90 1.54 1.52 -12.06
CA VAL A 90 1.78 0.19 -11.49
C VAL A 90 2.86 -0.61 -12.25
N VAL A 91 3.66 -1.37 -11.49
CA VAL A 91 4.66 -2.31 -12.04
C VAL A 91 4.54 -3.72 -11.44
N GLU A 92 4.16 -3.84 -10.17
CA GLU A 92 4.01 -5.14 -9.48
C GLU A 92 3.05 -5.04 -8.27
N GLN A 93 2.42 -6.16 -7.93
CA GLN A 93 1.55 -6.31 -6.75
C GLN A 93 1.86 -7.60 -5.97
N VAL A 94 1.37 -7.67 -4.73
CA VAL A 94 1.31 -8.91 -3.92
C VAL A 94 -0.07 -9.12 -3.34
N THR A 95 -0.80 -10.12 -3.82
CA THR A 95 -2.11 -10.55 -3.28
C THR A 95 -1.94 -11.65 -2.22
N GLY A 96 -2.84 -11.66 -1.23
CA GLY A 96 -2.73 -12.50 -0.03
C GLY A 96 -1.77 -11.93 1.03
N ALA A 97 -1.81 -12.50 2.23
CA ALA A 97 -1.01 -12.06 3.37
C ALA A 97 0.46 -12.50 3.24
N VAL A 98 1.36 -11.56 3.49
CA VAL A 98 2.81 -11.74 3.60
C VAL A 98 3.34 -11.03 4.85
N SER A 99 4.42 -11.54 5.45
CA SER A 99 5.00 -10.99 6.69
C SER A 99 5.77 -9.70 6.43
N LYS A 100 5.86 -8.82 7.44
CA LYS A 100 6.64 -7.56 7.36
C LYS A 100 8.09 -7.80 6.94
N SER A 101 8.68 -8.87 7.43
CA SER A 101 10.01 -9.38 7.05
C SER A 101 10.13 -9.62 5.55
N SER A 102 9.18 -10.35 4.96
CA SER A 102 9.10 -10.66 3.52
C SER A 102 8.91 -9.40 2.66
N ILE A 103 8.04 -8.49 3.10
CA ILE A 103 7.72 -7.23 2.41
C ILE A 103 8.94 -6.28 2.41
N LYS A 104 9.65 -6.14 3.54
CA LYS A 104 10.93 -5.40 3.63
C LYS A 104 12.04 -6.03 2.78
N ASP A 105 12.20 -7.35 2.88
CA ASP A 105 13.21 -8.09 2.11
C ASP A 105 12.98 -8.00 0.58
N MET A 106 11.73 -7.81 0.15
CA MET A 106 11.38 -7.41 -1.22
C MET A 106 11.71 -5.94 -1.50
N ILE A 107 11.16 -4.99 -0.74
CA ILE A 107 11.27 -3.54 -1.05
C ILE A 107 12.70 -3.00 -0.99
N ALA A 108 13.58 -3.68 -0.26
CA ALA A 108 15.01 -3.44 -0.27
C ALA A 108 15.67 -3.40 -1.67
N GLN A 109 15.06 -4.03 -2.69
CA GLN A 109 15.45 -3.83 -4.09
C GLN A 109 14.45 -3.04 -4.95
N LYS A 110 13.15 -3.16 -4.65
CA LYS A 110 12.05 -2.57 -5.48
C LYS A 110 12.01 -1.05 -5.37
N ALA A 111 11.87 -0.55 -4.13
CA ALA A 111 11.81 0.89 -3.85
C ALA A 111 13.17 1.49 -3.47
N LEU A 112 13.99 0.76 -2.70
CA LEU A 112 15.26 1.26 -2.14
C LEU A 112 16.47 0.99 -3.05
N GLY A 113 16.35 0.01 -3.95
CA GLY A 113 17.40 -0.36 -4.91
C GLY A 113 17.66 0.69 -5.99
N MET A 7 5.25 6.23 8.79
CA MET A 7 4.61 7.25 7.96
C MET A 7 3.19 6.89 7.50
N ALA A 8 2.84 5.60 7.53
CA ALA A 8 1.61 5.07 6.93
C ALA A 8 0.34 5.58 7.64
N ALA A 9 -0.67 5.91 6.84
CA ALA A 9 -1.97 6.40 7.27
C ALA A 9 -3.12 5.93 6.35
N GLN A 10 -4.36 6.11 6.81
CA GLN A 10 -5.59 5.83 6.08
C GLN A 10 -5.98 7.01 5.17
N ILE A 11 -5.91 6.81 3.85
CA ILE A 11 -6.05 7.86 2.82
C ILE A 11 -7.15 7.49 1.80
N THR A 12 -7.59 8.46 1.00
CA THR A 12 -8.64 8.40 -0.04
C THR A 12 -8.04 8.65 -1.42
N ASP A 13 -8.63 8.11 -2.49
CA ASP A 13 -8.15 8.24 -3.88
C ASP A 13 -7.97 9.69 -4.34
N ALA A 14 -8.84 10.59 -3.87
CA ALA A 14 -8.80 12.02 -4.16
C ALA A 14 -7.76 12.81 -3.34
N THR A 15 -7.16 12.17 -2.32
CA THR A 15 -6.25 12.78 -1.34
C THR A 15 -4.82 12.27 -1.49
N PHE A 16 -4.62 10.98 -1.77
CA PHE A 16 -3.27 10.40 -1.92
C PHE A 16 -2.58 10.92 -3.19
N GLU A 17 -3.37 11.21 -4.23
CA GLU A 17 -2.89 11.73 -5.51
C GLU A 17 -2.22 13.11 -5.38
N ALA A 18 -2.66 13.92 -4.41
CA ALA A 18 -2.07 15.21 -4.10
C ALA A 18 -0.68 15.12 -3.43
N SER A 19 -0.28 13.92 -2.97
CA SER A 19 1.04 13.66 -2.36
C SER A 19 1.93 12.74 -3.20
N VAL A 20 1.37 11.67 -3.74
CA VAL A 20 2.09 10.62 -4.49
C VAL A 20 2.22 10.99 -5.96
N LEU A 21 1.09 11.24 -6.61
CA LEU A 21 1.01 11.49 -8.07
C LEU A 21 1.71 12.82 -8.47
N LYS A 22 1.91 13.75 -7.52
CA LYS A 22 2.71 14.98 -7.68
C LYS A 22 4.23 14.80 -7.49
N SER A 23 4.67 13.60 -7.11
CA SER A 23 6.05 13.25 -6.74
C SER A 23 6.67 12.20 -7.67
N ALA A 24 8.01 12.11 -7.62
CA ALA A 24 8.82 11.09 -8.30
C ALA A 24 9.17 9.90 -7.38
N ILE A 25 8.82 9.97 -6.09
CA ILE A 25 9.13 8.95 -5.08
C ILE A 25 8.33 7.65 -5.32
N PRO A 26 8.92 6.46 -5.07
CA PRO A 26 8.17 5.20 -5.12
C PRO A 26 7.14 5.13 -3.99
N VAL A 27 5.98 4.54 -4.30
CA VAL A 27 4.77 4.51 -3.49
C VAL A 27 4.27 3.08 -3.28
N LEU A 28 3.69 2.84 -2.10
CA LEU A 28 3.10 1.59 -1.65
C LEU A 28 1.67 1.82 -1.17
N ILE A 29 0.73 1.09 -1.79
CA ILE A 29 -0.68 1.00 -1.40
C ILE A 29 -0.92 -0.33 -0.69
N ASP A 30 -1.76 -0.36 0.34
CA ASP A 30 -2.31 -1.58 0.93
C ASP A 30 -3.85 -1.48 1.01
N PHE A 31 -4.55 -2.41 0.36
CA PHE A 31 -6.01 -2.50 0.40
C PHE A 31 -6.50 -3.40 1.55
N TRP A 32 -7.45 -2.92 2.35
CA TRP A 32 -7.96 -3.63 3.53
C TRP A 32 -9.41 -3.25 3.89
N ALA A 33 -10.07 -4.05 4.73
CA ALA A 33 -11.36 -3.74 5.35
C ALA A 33 -11.47 -4.33 6.76
N PRO A 34 -12.18 -3.67 7.69
CA PRO A 34 -12.35 -4.14 9.08
C PRO A 34 -13.17 -5.44 9.24
N TRP A 35 -13.87 -5.89 8.18
CA TRP A 35 -14.62 -7.15 8.17
C TRP A 35 -13.82 -8.36 7.64
N CYS A 36 -12.52 -8.23 7.38
CA CYS A 36 -11.62 -9.36 7.12
C CYS A 36 -10.39 -9.37 8.05
N GLY A 37 -10.04 -10.57 8.55
CA GLY A 37 -9.07 -10.79 9.62
C GLY A 37 -7.64 -10.32 9.30
N PRO A 38 -6.94 -10.92 8.31
CA PRO A 38 -5.59 -10.50 7.93
C PRO A 38 -5.52 -9.05 7.44
N CYS A 39 -6.63 -8.51 6.92
CA CYS A 39 -6.73 -7.14 6.44
C CYS A 39 -6.48 -6.11 7.55
N ARG A 40 -7.20 -6.23 8.68
CA ARG A 40 -7.04 -5.34 9.85
C ARG A 40 -5.85 -5.73 10.75
N ALA A 41 -5.46 -7.02 10.74
CA ALA A 41 -4.28 -7.52 11.44
C ALA A 41 -2.94 -7.12 10.77
N MET A 42 -2.98 -6.48 9.60
CA MET A 42 -1.82 -5.88 8.93
C MET A 42 -1.35 -4.57 9.59
N GLY A 43 -2.09 -4.05 10.59
CA GLY A 43 -1.77 -2.81 11.30
C GLY A 43 -0.31 -2.72 11.80
N PRO A 44 0.17 -3.66 12.63
CA PRO A 44 1.58 -3.71 13.06
C PRO A 44 2.54 -4.07 11.92
N VAL A 45 2.10 -4.84 10.92
CA VAL A 45 2.90 -5.19 9.73
C VAL A 45 3.25 -3.92 8.93
N ILE A 46 2.22 -3.14 8.56
CA ILE A 46 2.32 -1.83 7.90
C ILE A 46 3.18 -0.84 8.70
N ASP A 47 3.01 -0.75 10.02
CA ASP A 47 3.78 0.17 10.87
C ASP A 47 5.29 -0.15 10.89
N GLU A 48 5.66 -1.43 10.87
CA GLU A 48 7.07 -1.86 10.81
C GLU A 48 7.73 -1.57 9.45
N LEU A 49 7.08 -1.94 8.34
CA LEU A 49 7.62 -1.66 6.99
C LEU A 49 7.64 -0.17 6.69
N ALA A 50 6.64 0.55 7.15
CA ALA A 50 6.53 1.98 6.89
C ALA A 50 7.74 2.78 7.43
N ALA A 51 8.21 2.37 8.62
CA ALA A 51 9.40 2.89 9.27
C ALA A 51 10.72 2.33 8.68
N GLU A 52 10.69 1.16 8.03
CA GLU A 52 11.88 0.63 7.34
C GLU A 52 12.22 1.40 6.05
N TYR A 53 11.24 2.07 5.43
CA TYR A 53 11.44 2.80 4.18
C TYR A 53 11.42 4.35 4.31
N GLU A 54 11.30 4.90 5.53
CA GLU A 54 10.90 6.30 5.75
C GLU A 54 11.75 7.36 5.02
N GLY A 55 11.08 8.39 4.50
CA GLY A 55 11.69 9.54 3.80
C GLY A 55 12.10 9.28 2.33
N LYS A 56 12.18 8.02 1.90
CA LYS A 56 12.60 7.60 0.54
C LYS A 56 11.49 6.85 -0.24
N VAL A 57 10.33 6.67 0.38
CA VAL A 57 9.20 5.81 0.00
C VAL A 57 7.94 6.38 0.64
N LEU A 58 6.81 6.40 -0.08
CA LEU A 58 5.53 6.88 0.40
C LEU A 58 4.55 5.71 0.61
N ILE A 59 4.03 5.56 1.82
CA ILE A 59 3.18 4.43 2.22
C ILE A 59 1.79 4.92 2.64
N VAL A 60 0.73 4.32 2.10
CA VAL A 60 -0.68 4.62 2.39
C VAL A 60 -1.52 3.34 2.42
N LYS A 61 -2.58 3.29 3.24
CA LYS A 61 -3.58 2.21 3.19
C LYS A 61 -4.95 2.74 2.78
N MET A 62 -5.70 1.93 2.03
CA MET A 62 -6.92 2.32 1.32
C MET A 62 -8.04 1.37 1.71
N ASN A 63 -9.11 1.88 2.33
CA ASN A 63 -10.15 1.03 2.91
C ASN A 63 -11.21 0.70 1.87
N VAL A 64 -11.39 -0.59 1.56
CA VAL A 64 -12.33 -1.06 0.52
C VAL A 64 -13.81 -1.06 0.95
N ASP A 65 -14.09 -0.82 2.23
CA ASP A 65 -15.49 -0.65 2.70
C ASP A 65 -15.96 0.81 2.53
N ASP A 66 -15.06 1.76 2.77
CA ASP A 66 -15.23 3.21 2.59
C ASP A 66 -15.04 3.64 1.13
N ASN A 67 -14.27 2.88 0.34
CA ASN A 67 -13.86 3.21 -1.03
C ASN A 67 -13.94 1.97 -1.95
N PRO A 68 -15.10 1.63 -2.51
CA PRO A 68 -15.24 0.51 -3.46
C PRO A 68 -14.60 0.78 -4.84
N ALA A 69 -14.32 2.04 -5.19
CA ALA A 69 -13.77 2.43 -6.50
C ALA A 69 -12.23 2.40 -6.57
N THR A 70 -11.54 2.73 -5.46
CA THR A 70 -10.07 2.77 -5.37
C THR A 70 -9.41 1.41 -5.63
N PRO A 71 -9.93 0.27 -5.15
CA PRO A 71 -9.41 -1.03 -5.54
C PRO A 71 -9.77 -1.35 -6.99
N SER A 72 -10.99 -1.02 -7.44
CA SER A 72 -11.49 -1.50 -8.74
C SER A 72 -10.82 -0.79 -9.91
N LYS A 73 -10.34 0.44 -9.68
CA LYS A 73 -9.54 1.21 -10.65
C LYS A 73 -8.08 0.77 -10.77
N TYR A 74 -7.62 -0.03 -9.80
CA TYR A 74 -6.34 -0.76 -9.81
C TYR A 74 -6.54 -2.26 -10.18
N GLY A 75 -7.80 -2.66 -10.41
CA GLY A 75 -8.21 -4.01 -10.85
C GLY A 75 -8.59 -5.00 -9.73
N ILE A 76 -8.82 -4.50 -8.51
CA ILE A 76 -9.06 -5.25 -7.27
C ILE A 76 -10.55 -5.19 -6.86
N ARG A 77 -11.08 -6.23 -6.21
CA ARG A 77 -12.45 -6.22 -5.64
C ARG A 77 -12.41 -5.73 -4.18
N ALA A 78 -12.24 -6.64 -3.23
CA ALA A 78 -12.18 -6.37 -1.79
C ALA A 78 -11.45 -7.49 -1.02
N ILE A 79 -10.12 -7.40 -0.99
CA ILE A 79 -9.18 -8.44 -0.53
C ILE A 79 -7.91 -7.82 0.09
N PRO A 80 -7.16 -8.55 0.94
CA PRO A 80 -5.85 -8.14 1.43
C PRO A 80 -4.79 -8.22 0.31
N THR A 81 -4.53 -7.10 -0.37
CA THR A 81 -3.56 -6.96 -1.46
C THR A 81 -2.81 -5.63 -1.37
N LEU A 82 -1.50 -5.63 -1.65
CA LEU A 82 -0.67 -4.42 -1.71
C LEU A 82 -0.15 -4.19 -3.14
N ILE A 83 0.01 -2.92 -3.52
CA ILE A 83 0.54 -2.51 -4.83
C ILE A 83 1.77 -1.62 -4.67
N LEU A 84 2.87 -2.00 -5.32
CA LEU A 84 4.16 -1.32 -5.26
C LEU A 84 4.55 -0.72 -6.63
N PHE A 85 4.65 0.60 -6.68
CA PHE A 85 4.86 1.38 -7.90
C PHE A 85 5.60 2.71 -7.68
N LYS A 86 5.72 3.51 -8.74
CA LYS A 86 6.27 4.89 -8.73
C LYS A 86 5.42 5.78 -9.65
N ASN A 87 5.46 7.11 -9.51
CA ASN A 87 4.83 8.09 -10.42
C ASN A 87 3.29 7.96 -10.66
N GLY A 88 2.57 7.07 -9.97
CA GLY A 88 1.23 6.61 -10.38
C GLY A 88 1.21 5.60 -11.54
N GLU A 89 2.33 4.92 -11.79
CA GLU A 89 2.57 4.00 -12.90
C GLU A 89 2.82 2.59 -12.34
N VAL A 90 1.76 1.77 -12.21
CA VAL A 90 1.86 0.42 -11.61
C VAL A 90 2.84 -0.50 -12.34
N VAL A 91 3.65 -1.24 -11.58
CA VAL A 91 4.63 -2.21 -12.12
C VAL A 91 4.52 -3.60 -11.49
N GLU A 92 4.15 -3.67 -10.20
CA GLU A 92 4.05 -4.93 -9.46
C GLU A 92 3.06 -4.84 -8.29
N GLN A 93 2.42 -5.96 -7.95
CA GLN A 93 1.55 -6.11 -6.80
C GLN A 93 1.84 -7.41 -6.05
N VAL A 94 1.34 -7.50 -4.80
CA VAL A 94 1.29 -8.75 -4.03
C VAL A 94 -0.13 -8.95 -3.48
N THR A 95 -0.83 -9.96 -4.00
CA THR A 95 -2.18 -10.36 -3.57
C THR A 95 -2.15 -11.52 -2.57
N GLY A 96 -3.05 -11.49 -1.58
CA GLY A 96 -3.01 -12.34 -0.40
C GLY A 96 -2.06 -11.80 0.68
N ALA A 97 -2.17 -12.34 1.90
CA ALA A 97 -1.37 -11.92 3.04
C ALA A 97 0.08 -12.42 2.93
N VAL A 98 1.01 -11.53 3.26
CA VAL A 98 2.47 -11.78 3.34
C VAL A 98 3.04 -11.19 4.64
N SER A 99 4.19 -11.69 5.08
CA SER A 99 4.77 -11.36 6.39
C SER A 99 5.49 -10.01 6.37
N LYS A 100 5.55 -9.33 7.52
CA LYS A 100 6.30 -8.08 7.71
C LYS A 100 7.73 -8.20 7.16
N SER A 101 8.38 -9.31 7.48
CA SER A 101 9.70 -9.72 7.05
C SER A 101 9.84 -9.82 5.54
N SER A 102 8.93 -10.54 4.88
CA SER A 102 8.97 -10.78 3.43
C SER A 102 8.61 -9.54 2.59
N ILE A 103 7.75 -8.65 3.10
CA ILE A 103 7.46 -7.35 2.47
C ILE A 103 8.71 -6.45 2.46
N LYS A 104 9.43 -6.36 3.59
CA LYS A 104 10.69 -5.60 3.72
C LYS A 104 11.81 -6.20 2.86
N ASP A 105 11.96 -7.52 2.89
CA ASP A 105 12.93 -8.24 2.07
C ASP A 105 12.70 -8.00 0.57
N MET A 106 11.44 -7.97 0.12
CA MET A 106 11.05 -7.61 -1.25
C MET A 106 11.43 -6.16 -1.58
N ILE A 107 10.95 -5.18 -0.79
CA ILE A 107 11.08 -3.75 -1.11
C ILE A 107 12.52 -3.25 -1.08
N ALA A 108 13.41 -3.96 -0.39
CA ALA A 108 14.86 -3.78 -0.48
C ALA A 108 15.41 -3.84 -1.92
N GLN A 109 14.69 -4.49 -2.85
CA GLN A 109 15.03 -4.51 -4.28
C GLN A 109 14.14 -3.58 -5.15
N LYS A 110 12.95 -3.19 -4.68
CA LYS A 110 11.92 -2.49 -5.46
C LYS A 110 11.91 -0.98 -5.24
N ALA A 111 11.56 -0.54 -4.03
CA ALA A 111 11.46 0.90 -3.70
C ALA A 111 12.77 1.48 -3.13
N LEU A 112 13.56 0.67 -2.41
CA LEU A 112 14.91 1.05 -1.95
C LEU A 112 16.00 0.75 -3.00
N GLY A 113 15.76 -0.26 -3.83
CA GLY A 113 16.66 -0.66 -4.93
C GLY A 113 16.70 0.33 -6.10
N MET A 7 5.02 8.29 6.57
CA MET A 7 4.46 7.15 7.30
C MET A 7 3.03 6.80 6.88
N ALA A 8 2.63 5.55 7.13
CA ALA A 8 1.33 5.01 6.74
C ALA A 8 0.17 5.52 7.62
N ALA A 9 -0.92 5.90 6.94
CA ALA A 9 -2.24 6.20 7.51
C ALA A 9 -3.36 5.87 6.51
N GLN A 10 -4.62 5.94 6.94
CA GLN A 10 -5.78 5.91 6.04
C GLN A 10 -5.89 7.24 5.27
N ILE A 11 -5.94 7.17 3.94
CA ILE A 11 -6.01 8.33 3.04
C ILE A 11 -7.22 8.23 2.09
N THR A 12 -7.63 9.35 1.52
CA THR A 12 -8.82 9.50 0.65
C THR A 12 -8.39 9.49 -0.82
N ASP A 13 -9.25 8.97 -1.70
CA ASP A 13 -8.97 8.70 -3.12
C ASP A 13 -8.52 9.95 -3.90
N ALA A 14 -9.08 11.11 -3.53
CA ALA A 14 -8.79 12.42 -4.10
C ALA A 14 -7.64 13.18 -3.39
N THR A 15 -7.21 12.69 -2.23
CA THR A 15 -6.21 13.34 -1.36
C THR A 15 -4.83 12.70 -1.53
N PHE A 16 -4.77 11.36 -1.62
CA PHE A 16 -3.48 10.64 -1.74
C PHE A 16 -2.80 10.95 -3.10
N GLU A 17 -3.60 11.16 -4.15
CA GLU A 17 -3.09 11.36 -5.50
C GLU A 17 -2.30 12.68 -5.65
N ALA A 18 -2.79 13.75 -5.01
CA ALA A 18 -2.12 15.06 -4.99
C ALA A 18 -0.75 15.02 -4.31
N SER A 19 -0.51 14.04 -3.42
CA SER A 19 0.75 13.87 -2.69
C SER A 19 1.70 12.83 -3.28
N VAL A 20 1.18 11.86 -4.04
CA VAL A 20 1.93 10.63 -4.40
C VAL A 20 1.86 10.26 -5.88
N LEU A 21 0.68 10.39 -6.50
CA LEU A 21 0.46 10.17 -7.93
C LEU A 21 1.09 11.33 -8.73
N LYS A 22 1.02 12.55 -8.19
CA LYS A 22 1.74 13.76 -8.65
C LYS A 22 3.18 13.87 -8.11
N SER A 23 3.80 12.77 -7.68
CA SER A 23 5.19 12.68 -7.20
C SER A 23 6.01 11.68 -8.01
N ALA A 24 7.34 11.78 -7.89
CA ALA A 24 8.29 10.85 -8.51
C ALA A 24 8.63 9.67 -7.57
N ILE A 25 8.40 9.81 -6.26
CA ILE A 25 8.83 8.85 -5.26
C ILE A 25 8.05 7.53 -5.36
N PRO A 26 8.66 6.37 -5.03
CA PRO A 26 7.94 5.09 -5.03
C PRO A 26 6.79 5.06 -4.01
N VAL A 27 5.65 4.55 -4.45
CA VAL A 27 4.42 4.38 -3.68
C VAL A 27 4.22 2.92 -3.28
N LEU A 28 3.76 2.71 -2.05
CA LEU A 28 3.22 1.44 -1.55
C LEU A 28 1.79 1.66 -1.03
N ILE A 29 0.82 1.18 -1.80
CA ILE A 29 -0.58 1.03 -1.36
C ILE A 29 -0.78 -0.32 -0.67
N ASP A 30 -1.64 -0.36 0.35
CA ASP A 30 -2.23 -1.59 0.88
C ASP A 30 -3.77 -1.46 0.95
N PHE A 31 -4.46 -2.41 0.34
CA PHE A 31 -5.93 -2.51 0.39
C PHE A 31 -6.40 -3.45 1.52
N TRP A 32 -7.33 -2.99 2.37
CA TRP A 32 -7.85 -3.78 3.50
C TRP A 32 -9.30 -3.43 3.90
N ALA A 33 -9.94 -4.33 4.65
CA ALA A 33 -11.26 -4.12 5.24
C ALA A 33 -11.41 -4.74 6.65
N PRO A 34 -12.15 -4.09 7.58
CA PRO A 34 -12.33 -4.55 8.96
C PRO A 34 -13.13 -5.85 9.09
N TRP A 35 -13.87 -6.25 8.06
CA TRP A 35 -14.63 -7.51 8.01
C TRP A 35 -13.83 -8.73 7.52
N CYS A 36 -12.53 -8.58 7.20
CA CYS A 36 -11.64 -9.72 6.91
C CYS A 36 -10.39 -9.74 7.83
N GLY A 37 -10.15 -10.89 8.47
CA GLY A 37 -9.09 -11.11 9.47
C GLY A 37 -7.67 -10.78 9.01
N PRO A 38 -7.14 -11.42 7.93
CA PRO A 38 -5.81 -11.12 7.41
C PRO A 38 -5.65 -9.68 6.89
N CYS A 39 -6.76 -9.01 6.55
CA CYS A 39 -6.79 -7.62 6.12
C CYS A 39 -6.52 -6.66 7.29
N ARG A 40 -7.27 -6.80 8.40
CA ARG A 40 -7.10 -5.94 9.60
C ARG A 40 -5.85 -6.29 10.41
N ALA A 41 -5.38 -7.55 10.34
CA ALA A 41 -4.12 -8.00 10.95
C ALA A 41 -2.86 -7.39 10.31
N MET A 42 -2.97 -6.70 9.18
CA MET A 42 -1.88 -5.92 8.58
C MET A 42 -1.56 -4.63 9.36
N GLY A 43 -2.40 -4.23 10.32
CA GLY A 43 -2.24 -3.01 11.12
C GLY A 43 -0.84 -2.82 11.73
N PRO A 44 -0.34 -3.74 12.58
CA PRO A 44 1.01 -3.69 13.14
C PRO A 44 2.11 -4.01 12.11
N VAL A 45 1.78 -4.74 11.03
CA VAL A 45 2.69 -5.10 9.93
C VAL A 45 3.09 -3.84 9.16
N ILE A 46 2.11 -3.10 8.64
CA ILE A 46 2.30 -1.84 7.89
C ILE A 46 3.12 -0.82 8.68
N ASP A 47 2.91 -0.68 9.98
CA ASP A 47 3.59 0.31 10.84
C ASP A 47 5.10 0.06 11.00
N GLU A 48 5.55 -1.20 11.04
CA GLU A 48 6.99 -1.52 11.09
C GLU A 48 7.69 -1.20 9.77
N LEU A 49 7.18 -1.78 8.68
CA LEU A 49 7.77 -1.66 7.34
C LEU A 49 7.70 -0.22 6.83
N ALA A 50 6.65 0.53 7.20
CA ALA A 50 6.56 1.95 6.89
C ALA A 50 7.78 2.75 7.38
N ALA A 51 8.28 2.40 8.57
CA ALA A 51 9.48 3.01 9.15
C ALA A 51 10.80 2.43 8.60
N GLU A 52 10.78 1.27 7.94
CA GLU A 52 11.97 0.75 7.26
C GLU A 52 12.28 1.52 5.97
N TYR A 53 11.28 2.15 5.34
CA TYR A 53 11.45 2.83 4.04
C TYR A 53 11.40 4.36 4.09
N GLU A 54 11.26 4.97 5.28
CA GLU A 54 10.93 6.40 5.42
C GLU A 54 11.91 7.34 4.69
N GLY A 55 11.37 8.41 4.11
CA GLY A 55 12.10 9.43 3.33
C GLY A 55 12.48 9.01 1.89
N LYS A 56 12.46 7.71 1.56
CA LYS A 56 12.78 7.16 0.23
C LYS A 56 11.56 6.55 -0.51
N VAL A 57 10.45 6.38 0.21
CA VAL A 57 9.25 5.61 -0.15
C VAL A 57 8.06 6.24 0.59
N LEU A 58 6.90 6.34 -0.06
CA LEU A 58 5.66 6.83 0.55
C LEU A 58 4.61 5.71 0.61
N ILE A 59 4.14 5.44 1.83
CA ILE A 59 3.26 4.34 2.21
C ILE A 59 1.88 4.88 2.60
N VAL A 60 0.81 4.27 2.11
CA VAL A 60 -0.60 4.60 2.46
C VAL A 60 -1.46 3.32 2.48
N LYS A 61 -2.51 3.28 3.31
CA LYS A 61 -3.50 2.20 3.28
C LYS A 61 -4.89 2.71 2.94
N MET A 62 -5.65 1.90 2.20
CA MET A 62 -6.90 2.31 1.54
C MET A 62 -8.00 1.32 1.94
N ASN A 63 -8.99 1.75 2.71
CA ASN A 63 -10.03 0.88 3.22
C ASN A 63 -11.12 0.62 2.16
N VAL A 64 -11.16 -0.58 1.61
CA VAL A 64 -12.10 -0.96 0.52
C VAL A 64 -13.57 -0.92 0.94
N ASP A 65 -13.86 -0.90 2.24
CA ASP A 65 -15.23 -0.73 2.77
C ASP A 65 -15.68 0.75 2.79
N ASP A 66 -14.74 1.69 2.87
CA ASP A 66 -14.95 3.14 2.81
C ASP A 66 -14.84 3.68 1.36
N ASN A 67 -13.86 3.17 0.61
CA ASN A 67 -13.49 3.65 -0.73
C ASN A 67 -13.39 2.48 -1.75
N PRO A 68 -14.51 1.84 -2.12
CA PRO A 68 -14.54 0.69 -3.05
C PRO A 68 -14.17 1.03 -4.51
N ALA A 69 -14.08 2.31 -4.88
CA ALA A 69 -13.64 2.74 -6.20
C ALA A 69 -12.10 2.71 -6.38
N THR A 70 -11.35 2.95 -5.29
CA THR A 70 -9.89 2.98 -5.27
C THR A 70 -9.24 1.62 -5.61
N PRO A 71 -9.71 0.47 -5.07
CA PRO A 71 -9.23 -0.83 -5.53
C PRO A 71 -9.69 -1.10 -6.97
N SER A 72 -10.92 -0.73 -7.34
CA SER A 72 -11.55 -1.13 -8.61
C SER A 72 -10.88 -0.50 -9.80
N LYS A 73 -10.31 0.71 -9.61
CA LYS A 73 -9.56 1.44 -10.65
C LYS A 73 -8.10 0.99 -10.81
N TYR A 74 -7.61 0.20 -9.85
CA TYR A 74 -6.35 -0.52 -9.88
C TYR A 74 -6.54 -2.01 -10.26
N GLY A 75 -7.80 -2.42 -10.48
CA GLY A 75 -8.20 -3.77 -10.91
C GLY A 75 -8.49 -4.78 -9.78
N ILE A 76 -8.73 -4.30 -8.56
CA ILE A 76 -8.94 -5.05 -7.32
C ILE A 76 -10.40 -4.94 -6.86
N ARG A 77 -10.95 -5.97 -6.21
CA ARG A 77 -12.30 -5.96 -5.63
C ARG A 77 -12.28 -5.56 -4.14
N ALA A 78 -12.09 -6.52 -3.26
CA ALA A 78 -12.00 -6.33 -1.80
C ALA A 78 -11.25 -7.50 -1.15
N ILE A 79 -9.92 -7.41 -1.12
CA ILE A 79 -8.97 -8.47 -0.72
C ILE A 79 -7.70 -7.88 -0.08
N PRO A 80 -6.96 -8.64 0.77
CA PRO A 80 -5.69 -8.20 1.35
C PRO A 80 -4.56 -8.22 0.31
N THR A 81 -4.36 -7.12 -0.41
CA THR A 81 -3.38 -6.97 -1.51
C THR A 81 -2.65 -5.62 -1.43
N LEU A 82 -1.35 -5.60 -1.72
CA LEU A 82 -0.56 -4.36 -1.76
C LEU A 82 0.00 -4.12 -3.16
N ILE A 83 0.08 -2.85 -3.57
CA ILE A 83 0.59 -2.44 -4.89
C ILE A 83 1.84 -1.57 -4.75
N LEU A 84 2.90 -1.94 -5.47
CA LEU A 84 4.21 -1.25 -5.46
C LEU A 84 4.50 -0.58 -6.81
N PHE A 85 4.56 0.74 -6.79
CA PHE A 85 4.70 1.57 -7.99
C PHE A 85 5.57 2.82 -7.80
N LYS A 86 5.80 3.58 -8.87
CA LYS A 86 6.63 4.80 -8.90
C LYS A 86 6.10 5.78 -9.96
N ASN A 87 6.53 7.04 -9.95
CA ASN A 87 6.17 8.07 -10.95
C ASN A 87 4.65 8.26 -11.21
N GLY A 88 3.79 7.75 -10.31
CA GLY A 88 2.34 7.69 -10.50
C GLY A 88 1.83 6.65 -11.51
N GLU A 89 2.61 5.60 -11.81
CA GLU A 89 2.29 4.54 -12.77
C GLU A 89 2.59 3.14 -12.20
N VAL A 90 1.58 2.27 -12.17
CA VAL A 90 1.67 0.89 -11.66
C VAL A 90 2.66 0.04 -12.47
N VAL A 91 3.42 -0.80 -11.76
CA VAL A 91 4.33 -1.80 -12.41
C VAL A 91 4.17 -3.19 -11.81
N GLU A 92 3.94 -3.31 -10.51
CA GLU A 92 3.86 -4.59 -9.78
C GLU A 92 2.92 -4.51 -8.57
N GLN A 93 2.45 -5.68 -8.15
CA GLN A 93 1.65 -5.89 -6.94
C GLN A 93 2.04 -7.18 -6.22
N VAL A 94 1.53 -7.35 -5.01
CA VAL A 94 1.43 -8.67 -4.37
C VAL A 94 0.11 -8.86 -3.62
N THR A 95 -0.62 -9.90 -4.04
CA THR A 95 -1.89 -10.34 -3.44
C THR A 95 -1.71 -11.42 -2.37
N GLY A 96 -2.60 -11.44 -1.39
CA GLY A 96 -2.52 -12.28 -0.18
C GLY A 96 -1.68 -11.66 0.94
N ALA A 97 -1.98 -12.02 2.19
CA ALA A 97 -1.28 -11.53 3.36
C ALA A 97 0.07 -12.26 3.55
N VAL A 98 1.09 -11.48 3.88
CA VAL A 98 2.47 -11.91 4.13
C VAL A 98 3.04 -11.18 5.35
N SER A 99 4.09 -11.72 5.98
CA SER A 99 4.71 -11.15 7.17
C SER A 99 5.42 -9.83 6.86
N LYS A 100 5.49 -8.91 7.83
CA LYS A 100 6.28 -7.66 7.70
C LYS A 100 7.72 -7.92 7.22
N SER A 101 8.33 -8.98 7.70
CA SER A 101 9.67 -9.46 7.33
C SER A 101 9.77 -9.80 5.85
N SER A 102 8.76 -10.48 5.29
CA SER A 102 8.66 -10.82 3.87
C SER A 102 8.50 -9.58 2.99
N ILE A 103 7.70 -8.61 3.43
CA ILE A 103 7.45 -7.35 2.72
C ILE A 103 8.73 -6.49 2.69
N LYS A 104 9.42 -6.35 3.83
CA LYS A 104 10.74 -5.67 3.92
C LYS A 104 11.80 -6.35 3.05
N ASP A 105 11.90 -7.68 3.15
CA ASP A 105 12.86 -8.49 2.39
C ASP A 105 12.62 -8.45 0.87
N MET A 106 11.38 -8.20 0.44
CA MET A 106 11.04 -7.84 -0.94
C MET A 106 11.49 -6.41 -1.27
N ILE A 107 10.98 -5.39 -0.57
CA ILE A 107 11.13 -3.97 -0.92
C ILE A 107 12.58 -3.47 -0.90
N ALA A 108 13.45 -4.15 -0.15
CA ALA A 108 14.90 -3.99 -0.20
C ALA A 108 15.51 -4.07 -1.62
N GLN A 109 14.79 -4.67 -2.59
CA GLN A 109 15.16 -4.67 -4.02
C GLN A 109 14.23 -3.82 -4.92
N LYS A 110 12.98 -3.52 -4.48
CA LYS A 110 11.91 -2.93 -5.30
C LYS A 110 11.82 -1.40 -5.15
N ALA A 111 11.39 -0.92 -3.99
CA ALA A 111 11.16 0.51 -3.74
C ALA A 111 12.43 1.21 -3.17
N LEU A 112 13.32 0.49 -2.49
CA LEU A 112 14.66 1.00 -2.13
C LEU A 112 15.68 0.82 -3.27
N GLY A 113 15.41 -0.11 -4.18
CA GLY A 113 16.18 -0.36 -5.41
C GLY A 113 17.59 -0.88 -5.19
N MET A 7 6.42 6.29 8.75
CA MET A 7 5.05 6.02 9.19
C MET A 7 4.05 5.88 8.02
N ALA A 8 2.98 5.12 8.25
CA ALA A 8 1.85 4.96 7.32
C ALA A 8 0.52 5.37 8.01
N ALA A 9 -0.48 5.70 7.19
CA ALA A 9 -1.82 6.10 7.64
C ALA A 9 -2.93 5.58 6.72
N GLN A 10 -4.17 5.71 7.18
CA GLN A 10 -5.39 5.39 6.44
C GLN A 10 -5.81 6.60 5.57
N ILE A 11 -5.73 6.47 4.25
CA ILE A 11 -5.88 7.57 3.28
C ILE A 11 -7.10 7.34 2.35
N THR A 12 -7.49 8.38 1.62
CA THR A 12 -8.72 8.55 0.83
C THR A 12 -8.41 8.64 -0.67
N ASP A 13 -9.37 8.25 -1.52
CA ASP A 13 -9.22 8.04 -2.98
C ASP A 13 -8.67 9.24 -3.74
N ALA A 14 -9.05 10.44 -3.30
CA ALA A 14 -8.66 11.73 -3.85
C ALA A 14 -7.45 12.37 -3.13
N THR A 15 -7.06 11.83 -1.97
CA THR A 15 -6.02 12.37 -1.09
C THR A 15 -4.68 11.67 -1.28
N PHE A 16 -4.67 10.35 -1.54
CA PHE A 16 -3.41 9.61 -1.65
C PHE A 16 -2.64 10.03 -2.93
N GLU A 17 -3.34 10.11 -4.06
CA GLU A 17 -2.80 10.51 -5.36
C GLU A 17 -2.32 11.97 -5.37
N ALA A 18 -2.97 12.85 -4.61
CA ALA A 18 -2.51 14.22 -4.37
C ALA A 18 -1.13 14.29 -3.64
N SER A 19 -0.60 13.16 -3.15
CA SER A 19 0.78 13.04 -2.66
C SER A 19 1.66 12.29 -3.67
N VAL A 20 1.18 11.15 -4.20
CA VAL A 20 2.03 10.18 -4.92
C VAL A 20 1.96 10.22 -6.44
N LEU A 21 0.78 10.49 -7.02
CA LEU A 21 0.65 10.81 -8.46
C LEU A 21 1.27 12.18 -8.78
N LYS A 22 1.35 13.07 -7.79
CA LYS A 22 1.99 14.40 -7.86
C LYS A 22 3.47 14.39 -7.43
N SER A 23 4.11 13.22 -7.35
CA SER A 23 5.51 13.02 -6.94
C SER A 23 6.22 11.94 -7.79
N ALA A 24 7.56 11.93 -7.71
CA ALA A 24 8.41 10.91 -8.30
C ALA A 24 8.75 9.74 -7.32
N ILE A 25 8.38 9.85 -6.04
CA ILE A 25 8.74 8.89 -4.99
C ILE A 25 8.05 7.52 -5.18
N PRO A 26 8.71 6.38 -4.81
CA PRO A 26 8.05 5.09 -4.78
C PRO A 26 6.91 5.05 -3.75
N VAL A 27 5.81 4.39 -4.11
CA VAL A 27 4.54 4.37 -3.40
C VAL A 27 4.07 2.93 -3.17
N LEU A 28 3.60 2.67 -1.95
CA LEU A 28 3.07 1.39 -1.48
C LEU A 28 1.65 1.55 -0.95
N ILE A 29 0.70 0.84 -1.57
CA ILE A 29 -0.70 0.73 -1.13
C ILE A 29 -0.91 -0.63 -0.46
N ASP A 30 -1.74 -0.65 0.58
CA ASP A 30 -2.35 -1.86 1.13
C ASP A 30 -3.88 -1.72 1.16
N PHE A 31 -4.60 -2.53 0.36
CA PHE A 31 -6.06 -2.54 0.36
C PHE A 31 -6.60 -3.44 1.48
N TRP A 32 -7.52 -2.91 2.28
CA TRP A 32 -8.04 -3.60 3.46
C TRP A 32 -9.50 -3.26 3.77
N ALA A 33 -10.15 -4.07 4.62
CA ALA A 33 -11.48 -3.81 5.15
C ALA A 33 -11.63 -4.37 6.58
N PRO A 34 -12.41 -3.72 7.48
CA PRO A 34 -12.58 -4.16 8.87
C PRO A 34 -13.38 -5.46 9.03
N TRP A 35 -14.11 -5.90 7.99
CA TRP A 35 -14.88 -7.14 7.98
C TRP A 35 -14.06 -8.38 7.58
N CYS A 36 -12.76 -8.23 7.26
CA CYS A 36 -11.87 -9.37 6.98
C CYS A 36 -10.61 -9.38 7.88
N GLY A 37 -10.30 -10.55 8.43
CA GLY A 37 -9.24 -10.77 9.44
C GLY A 37 -7.82 -10.40 8.96
N PRO A 38 -7.26 -11.07 7.93
CA PRO A 38 -5.92 -10.76 7.42
C PRO A 38 -5.80 -9.33 6.87
N CYS A 39 -6.91 -8.71 6.47
CA CYS A 39 -6.96 -7.33 5.99
C CYS A 39 -6.62 -6.33 7.11
N ARG A 40 -7.34 -6.38 8.25
CA ARG A 40 -7.10 -5.49 9.40
C ARG A 40 -5.89 -5.90 10.24
N ALA A 41 -5.51 -7.18 10.21
CA ALA A 41 -4.30 -7.69 10.86
C ALA A 41 -2.97 -7.26 10.19
N MET A 42 -3.01 -6.62 9.02
CA MET A 42 -1.85 -5.96 8.41
C MET A 42 -1.40 -4.69 9.16
N GLY A 43 -2.21 -4.18 10.10
CA GLY A 43 -1.96 -2.94 10.85
C GLY A 43 -0.54 -2.84 11.45
N PRO A 44 -0.12 -3.79 12.31
CA PRO A 44 1.25 -3.83 12.85
C PRO A 44 2.31 -4.18 11.79
N VAL A 45 1.92 -4.83 10.68
CA VAL A 45 2.81 -5.14 9.54
C VAL A 45 3.18 -3.87 8.78
N ILE A 46 2.19 -3.11 8.27
CA ILE A 46 2.44 -1.84 7.54
C ILE A 46 3.21 -0.84 8.42
N ASP A 47 2.90 -0.72 9.71
CA ASP A 47 3.58 0.21 10.63
C ASP A 47 5.08 -0.11 10.85
N GLU A 48 5.47 -1.38 10.82
CA GLU A 48 6.87 -1.81 10.93
C GLU A 48 7.71 -1.43 9.70
N LEU A 49 7.27 -1.87 8.52
CA LEU A 49 7.92 -1.64 7.23
C LEU A 49 7.84 -0.18 6.78
N ALA A 50 6.78 0.55 7.15
CA ALA A 50 6.66 1.98 6.86
C ALA A 50 7.85 2.81 7.37
N ALA A 51 8.35 2.44 8.56
CA ALA A 51 9.51 3.06 9.20
C ALA A 51 10.85 2.58 8.65
N GLU A 52 10.89 1.44 7.95
CA GLU A 52 12.13 1.00 7.27
C GLU A 52 12.41 1.83 6.02
N TYR A 53 11.37 2.36 5.36
CA TYR A 53 11.50 3.11 4.12
C TYR A 53 11.37 4.65 4.26
N GLU A 54 11.25 5.19 5.48
CA GLU A 54 10.75 6.54 5.74
C GLU A 54 11.53 7.66 5.03
N GLY A 55 10.80 8.69 4.57
CA GLY A 55 11.34 9.89 3.91
C GLY A 55 11.76 9.72 2.44
N LYS A 56 11.89 8.49 1.94
CA LYS A 56 12.31 8.16 0.56
C LYS A 56 11.37 7.21 -0.20
N VAL A 57 10.20 6.94 0.39
CA VAL A 57 9.12 6.02 0.00
C VAL A 57 7.85 6.51 0.72
N LEU A 58 6.67 6.42 0.07
CA LEU A 58 5.39 6.84 0.61
C LEU A 58 4.45 5.63 0.77
N ILE A 59 3.91 5.44 1.98
CA ILE A 59 3.18 4.25 2.41
C ILE A 59 1.78 4.63 2.92
N VAL A 60 0.73 3.99 2.39
CA VAL A 60 -0.68 4.25 2.72
C VAL A 60 -1.49 2.95 2.79
N LYS A 61 -2.53 2.89 3.63
CA LYS A 61 -3.54 1.83 3.55
C LYS A 61 -4.91 2.38 3.13
N MET A 62 -5.59 1.70 2.21
CA MET A 62 -6.78 2.19 1.51
C MET A 62 -7.98 1.30 1.89
N ASN A 63 -8.97 1.88 2.57
CA ASN A 63 -10.13 1.14 3.03
C ASN A 63 -11.18 1.00 1.91
N VAL A 64 -11.51 -0.24 1.55
CA VAL A 64 -12.42 -0.55 0.43
C VAL A 64 -13.89 -0.23 0.70
N ASP A 65 -14.28 -0.05 1.96
CA ASP A 65 -15.67 0.31 2.32
C ASP A 65 -15.90 1.84 2.27
N ASP A 66 -14.85 2.61 2.59
CA ASP A 66 -14.81 4.08 2.49
C ASP A 66 -14.44 4.55 1.07
N ASN A 67 -13.67 3.74 0.33
CA ASN A 67 -13.11 4.06 -0.99
C ASN A 67 -13.29 2.87 -1.95
N PRO A 68 -14.50 2.62 -2.48
CA PRO A 68 -14.74 1.53 -3.43
C PRO A 68 -14.13 1.79 -4.83
N ALA A 69 -13.75 3.05 -5.13
CA ALA A 69 -13.17 3.45 -6.42
C ALA A 69 -11.65 3.17 -6.51
N THR A 70 -10.91 3.31 -5.41
CA THR A 70 -9.44 3.14 -5.37
C THR A 70 -8.99 1.72 -5.72
N PRO A 71 -9.60 0.64 -5.19
CA PRO A 71 -9.27 -0.71 -5.63
C PRO A 71 -9.72 -0.93 -7.07
N SER A 72 -10.91 -0.45 -7.46
CA SER A 72 -11.54 -0.74 -8.74
C SER A 72 -10.73 -0.17 -9.91
N LYS A 73 -10.11 0.99 -9.67
CA LYS A 73 -9.29 1.69 -10.67
C LYS A 73 -7.87 1.13 -10.81
N TYR A 74 -7.46 0.30 -9.85
CA TYR A 74 -6.23 -0.52 -9.87
C TYR A 74 -6.55 -2.00 -10.24
N GLY A 75 -7.82 -2.30 -10.52
CA GLY A 75 -8.34 -3.60 -10.98
C GLY A 75 -8.77 -4.58 -9.87
N ILE A 76 -8.86 -4.11 -8.63
CA ILE A 76 -9.16 -4.87 -7.40
C ILE A 76 -10.64 -4.72 -7.02
N ARG A 77 -11.23 -5.77 -6.44
CA ARG A 77 -12.59 -5.72 -5.85
C ARG A 77 -12.55 -5.33 -4.37
N ALA A 78 -12.39 -6.30 -3.47
CA ALA A 78 -12.23 -6.10 -2.02
C ALA A 78 -11.54 -7.32 -1.36
N ILE A 79 -10.20 -7.28 -1.32
CA ILE A 79 -9.32 -8.38 -0.89
C ILE A 79 -8.04 -7.83 -0.19
N PRO A 80 -7.39 -8.63 0.69
CA PRO A 80 -6.13 -8.25 1.34
C PRO A 80 -4.95 -8.30 0.34
N THR A 81 -4.74 -7.20 -0.40
CA THR A 81 -3.74 -7.09 -1.47
C THR A 81 -2.96 -5.78 -1.37
N LEU A 82 -1.64 -5.83 -1.55
CA LEU A 82 -0.76 -4.66 -1.59
C LEU A 82 -0.22 -4.43 -3.01
N ILE A 83 -0.04 -3.17 -3.40
CA ILE A 83 0.54 -2.80 -4.70
C ILE A 83 1.75 -1.89 -4.51
N LEU A 84 2.87 -2.27 -5.15
CA LEU A 84 4.15 -1.55 -5.11
C LEU A 84 4.50 -0.93 -6.47
N PHE A 85 4.63 0.40 -6.49
CA PHE A 85 4.85 1.19 -7.69
C PHE A 85 5.61 2.51 -7.46
N LYS A 86 5.80 3.29 -8.53
CA LYS A 86 6.34 4.67 -8.52
C LYS A 86 5.52 5.53 -9.49
N ASN A 87 5.52 6.86 -9.37
CA ASN A 87 4.84 7.80 -10.29
C ASN A 87 3.31 7.61 -10.51
N GLY A 88 2.63 6.67 -9.83
CA GLY A 88 1.31 6.15 -10.22
C GLY A 88 1.33 5.12 -11.37
N GLU A 89 2.50 4.62 -11.74
CA GLU A 89 2.75 3.64 -12.81
C GLU A 89 2.97 2.25 -12.16
N VAL A 90 1.91 1.44 -12.05
CA VAL A 90 1.96 0.10 -11.42
C VAL A 90 2.99 -0.82 -12.10
N VAL A 91 3.81 -1.51 -11.31
CA VAL A 91 4.81 -2.47 -11.82
C VAL A 91 4.67 -3.87 -11.22
N GLU A 92 4.25 -3.97 -9.95
CA GLU A 92 4.05 -5.25 -9.27
C GLU A 92 3.05 -5.14 -8.11
N GLN A 93 2.37 -6.24 -7.81
CA GLN A 93 1.47 -6.39 -6.66
C GLN A 93 1.72 -7.71 -5.90
N VAL A 94 1.21 -7.77 -4.67
CA VAL A 94 1.12 -9.01 -3.88
C VAL A 94 -0.30 -9.20 -3.34
N THR A 95 -1.00 -10.21 -3.87
CA THR A 95 -2.29 -10.68 -3.36
C THR A 95 -2.11 -11.66 -2.20
N GLY A 96 -3.00 -11.60 -1.21
CA GLY A 96 -2.89 -12.32 0.06
C GLY A 96 -1.88 -11.68 1.04
N ALA A 97 -1.92 -12.12 2.30
CA ALA A 97 -1.08 -11.61 3.36
C ALA A 97 0.36 -12.17 3.28
N VAL A 98 1.32 -11.29 3.56
CA VAL A 98 2.76 -11.59 3.70
C VAL A 98 3.33 -10.88 4.94
N SER A 99 4.40 -11.42 5.52
CA SER A 99 5.00 -10.90 6.75
C SER A 99 5.74 -9.59 6.49
N LYS A 100 5.82 -8.69 7.49
CA LYS A 100 6.64 -7.46 7.41
C LYS A 100 8.07 -7.75 6.95
N SER A 101 8.64 -8.85 7.42
CA SER A 101 9.97 -9.35 7.08
C SER A 101 10.11 -9.63 5.57
N SER A 102 9.12 -10.28 4.96
CA SER A 102 9.05 -10.58 3.53
C SER A 102 8.88 -9.32 2.68
N ILE A 103 8.02 -8.39 3.13
CA ILE A 103 7.72 -7.14 2.45
C ILE A 103 8.96 -6.20 2.44
N LYS A 104 9.67 -6.08 3.58
CA LYS A 104 10.97 -5.36 3.68
C LYS A 104 12.04 -5.97 2.79
N ASP A 105 12.21 -7.30 2.86
CA ASP A 105 13.20 -8.03 2.07
C ASP A 105 12.98 -7.83 0.56
N MET A 106 11.71 -7.76 0.11
CA MET A 106 11.34 -7.43 -1.26
C MET A 106 11.68 -5.97 -1.60
N ILE A 107 11.15 -5.00 -0.83
CA ILE A 107 11.29 -3.56 -1.13
C ILE A 107 12.73 -3.06 -1.11
N ALA A 108 13.59 -3.74 -0.37
CA ALA A 108 15.04 -3.55 -0.42
C ALA A 108 15.64 -3.61 -1.84
N GLN A 109 14.97 -4.28 -2.79
CA GLN A 109 15.31 -4.24 -4.22
C GLN A 109 14.37 -3.31 -5.03
N LYS A 110 13.08 -3.27 -4.69
CA LYS A 110 12.04 -2.63 -5.54
C LYS A 110 12.04 -1.10 -5.45
N ALA A 111 11.81 -0.55 -4.25
CA ALA A 111 11.76 0.90 -4.04
C ALA A 111 13.16 1.54 -4.08
N LEU A 112 14.17 0.85 -3.52
CA LEU A 112 15.53 1.40 -3.33
C LEU A 112 16.43 1.23 -4.57
N GLY A 113 16.09 0.29 -5.45
CA GLY A 113 16.82 0.01 -6.70
C GLY A 113 16.73 1.14 -7.72
N MET A 7 5.52 6.47 9.86
CA MET A 7 4.39 5.55 9.76
C MET A 7 3.60 5.68 8.45
N ALA A 8 2.83 4.64 8.11
CA ALA A 8 1.71 4.74 7.20
C ALA A 8 0.46 5.28 7.93
N ALA A 9 -0.54 5.70 7.17
CA ALA A 9 -1.88 6.06 7.63
C ALA A 9 -2.96 5.59 6.64
N GLN A 10 -4.23 5.61 7.08
CA GLN A 10 -5.38 5.36 6.20
C GLN A 10 -5.75 6.65 5.44
N ILE A 11 -5.81 6.58 4.12
CA ILE A 11 -6.04 7.73 3.22
C ILE A 11 -7.24 7.47 2.28
N THR A 12 -7.71 8.53 1.61
CA THR A 12 -8.89 8.59 0.73
C THR A 12 -8.44 8.81 -0.72
N ASP A 13 -9.24 8.37 -1.69
CA ASP A 13 -8.87 8.30 -3.13
C ASP A 13 -8.37 9.64 -3.68
N ALA A 14 -9.07 10.72 -3.33
CA ALA A 14 -8.82 12.09 -3.77
C ALA A 14 -7.73 12.80 -2.94
N THR A 15 -7.41 12.27 -1.75
CA THR A 15 -6.40 12.84 -0.83
C THR A 15 -5.01 12.25 -1.12
N PHE A 16 -4.93 10.94 -1.37
CA PHE A 16 -3.63 10.29 -1.62
C PHE A 16 -3.06 10.71 -2.99
N GLU A 17 -3.90 10.81 -4.03
CA GLU A 17 -3.42 11.08 -5.39
C GLU A 17 -2.85 12.49 -5.54
N ALA A 18 -3.52 13.47 -4.92
CA ALA A 18 -3.05 14.86 -4.77
C ALA A 18 -1.72 14.98 -3.99
N SER A 19 -1.31 13.94 -3.26
CA SER A 19 -0.09 13.92 -2.44
C SER A 19 1.03 13.08 -3.07
N VAL A 20 0.70 11.92 -3.64
CA VAL A 20 1.68 10.89 -4.04
C VAL A 20 1.73 10.69 -5.56
N LEU A 21 0.59 10.73 -6.26
CA LEU A 21 0.54 10.62 -7.72
C LEU A 21 1.29 11.78 -8.41
N LYS A 22 1.33 12.95 -7.76
CA LYS A 22 2.08 14.15 -8.22
C LYS A 22 3.59 14.08 -7.94
N SER A 23 4.06 13.08 -7.17
CA SER A 23 5.45 12.88 -6.77
C SER A 23 6.18 11.88 -7.68
N ALA A 24 7.52 11.90 -7.61
CA ALA A 24 8.40 10.95 -8.29
C ALA A 24 8.85 9.78 -7.37
N ILE A 25 8.56 9.88 -6.06
CA ILE A 25 8.98 8.90 -5.05
C ILE A 25 8.23 7.55 -5.20
N PRO A 26 8.84 6.40 -4.85
CA PRO A 26 8.13 5.12 -4.84
C PRO A 26 7.01 5.11 -3.78
N VAL A 27 5.88 4.53 -4.14
CA VAL A 27 4.61 4.55 -3.43
C VAL A 27 4.09 3.12 -3.22
N LEU A 28 3.61 2.86 -2.01
CA LEU A 28 3.08 1.58 -1.53
C LEU A 28 1.65 1.75 -1.03
N ILE A 29 0.73 1.03 -1.66
CA ILE A 29 -0.67 0.90 -1.24
C ILE A 29 -0.88 -0.47 -0.58
N ASP A 30 -1.72 -0.51 0.46
CA ASP A 30 -2.35 -1.74 0.96
C ASP A 30 -3.87 -1.57 0.99
N PHE A 31 -4.60 -2.45 0.30
CA PHE A 31 -6.07 -2.48 0.29
C PHE A 31 -6.63 -3.33 1.44
N TRP A 32 -7.54 -2.77 2.23
CA TRP A 32 -8.05 -3.41 3.46
C TRP A 32 -9.46 -2.97 3.84
N ALA A 33 -10.12 -3.77 4.70
CA ALA A 33 -11.38 -3.41 5.34
C ALA A 33 -11.50 -3.97 6.77
N PRO A 34 -12.15 -3.23 7.71
CA PRO A 34 -12.28 -3.62 9.12
C PRO A 34 -13.17 -4.87 9.34
N TRP A 35 -13.94 -5.30 8.34
CA TRP A 35 -14.76 -6.51 8.38
C TRP A 35 -14.02 -7.79 7.95
N CYS A 36 -12.75 -7.73 7.54
CA CYS A 36 -11.93 -8.91 7.25
C CYS A 36 -10.67 -9.01 8.13
N GLY A 37 -10.42 -10.20 8.68
CA GLY A 37 -9.38 -10.49 9.68
C GLY A 37 -7.95 -10.17 9.22
N PRO A 38 -7.42 -10.85 8.18
CA PRO A 38 -6.07 -10.58 7.67
C PRO A 38 -5.89 -9.14 7.14
N CYS A 39 -6.98 -8.49 6.73
CA CYS A 39 -6.98 -7.10 6.26
C CYS A 39 -6.59 -6.11 7.36
N ARG A 40 -7.28 -6.16 8.51
CA ARG A 40 -6.98 -5.31 9.68
C ARG A 40 -5.78 -5.79 10.50
N ALA A 41 -5.48 -7.09 10.46
CA ALA A 41 -4.28 -7.68 11.07
C ALA A 41 -2.97 -7.31 10.35
N MET A 42 -3.02 -6.68 9.16
CA MET A 42 -1.87 -6.06 8.50
C MET A 42 -1.41 -4.77 9.19
N GLY A 43 -2.16 -4.24 10.15
CA GLY A 43 -1.86 -3.01 10.88
C GLY A 43 -0.44 -2.96 11.46
N PRO A 44 -0.03 -3.90 12.34
CA PRO A 44 1.33 -3.98 12.87
C PRO A 44 2.37 -4.37 11.80
N VAL A 45 1.95 -5.09 10.75
CA VAL A 45 2.81 -5.42 9.59
C VAL A 45 3.22 -4.14 8.86
N ILE A 46 2.24 -3.35 8.40
CA ILE A 46 2.44 -2.06 7.72
C ILE A 46 3.25 -1.08 8.58
N ASP A 47 3.01 -1.00 9.89
CA ASP A 47 3.72 -0.08 10.78
C ASP A 47 5.23 -0.40 10.93
N GLU A 48 5.61 -1.68 10.88
CA GLU A 48 7.01 -2.12 10.95
C GLU A 48 7.81 -1.79 9.68
N LEU A 49 7.27 -2.12 8.51
CA LEU A 49 7.86 -1.87 7.20
C LEU A 49 7.79 -0.40 6.78
N ALA A 50 6.75 0.32 7.19
CA ALA A 50 6.64 1.76 6.92
C ALA A 50 7.83 2.56 7.45
N ALA A 51 8.32 2.18 8.63
CA ALA A 51 9.48 2.76 9.30
C ALA A 51 10.83 2.27 8.74
N GLU A 52 10.85 1.16 7.98
CA GLU A 52 12.06 0.71 7.30
C GLU A 52 12.33 1.50 6.01
N TYR A 53 11.30 2.09 5.40
CA TYR A 53 11.46 2.83 4.13
C TYR A 53 11.35 4.37 4.25
N GLU A 54 11.07 4.91 5.45
CA GLU A 54 10.64 6.31 5.61
C GLU A 54 11.59 7.37 5.02
N GLY A 55 11.01 8.43 4.46
CA GLY A 55 11.73 9.53 3.78
C GLY A 55 12.18 9.24 2.35
N LYS A 56 12.33 7.96 1.95
CA LYS A 56 12.73 7.51 0.60
C LYS A 56 11.58 6.85 -0.18
N VAL A 57 10.44 6.64 0.46
CA VAL A 57 9.30 5.80 0.06
C VAL A 57 8.06 6.32 0.79
N LEU A 58 6.90 6.31 0.12
CA LEU A 58 5.61 6.77 0.64
C LEU A 58 4.66 5.57 0.83
N ILE A 59 4.07 5.43 2.00
CA ILE A 59 3.25 4.28 2.41
C ILE A 59 1.86 4.73 2.87
N VAL A 60 0.80 4.14 2.32
CA VAL A 60 -0.61 4.44 2.62
C VAL A 60 -1.45 3.15 2.62
N LYS A 61 -2.52 3.09 3.42
CA LYS A 61 -3.53 2.04 3.28
C LYS A 61 -4.89 2.61 2.86
N MET A 62 -5.60 1.90 1.99
CA MET A 62 -6.80 2.37 1.31
C MET A 62 -7.97 1.48 1.69
N ASN A 63 -9.01 2.08 2.28
CA ASN A 63 -10.12 1.32 2.89
C ASN A 63 -11.19 0.98 1.85
N VAL A 64 -11.24 -0.26 1.39
CA VAL A 64 -12.20 -0.71 0.36
C VAL A 64 -13.67 -0.62 0.82
N ASP A 65 -13.92 -0.45 2.13
CA ASP A 65 -15.26 -0.20 2.65
C ASP A 65 -15.71 1.27 2.49
N ASP A 66 -14.76 2.21 2.40
CA ASP A 66 -14.99 3.64 2.20
C ASP A 66 -14.84 4.06 0.73
N ASN A 67 -13.86 3.49 0.02
CA ASN A 67 -13.44 3.90 -1.32
C ASN A 67 -13.32 2.70 -2.28
N PRO A 68 -14.41 1.98 -2.60
CA PRO A 68 -14.41 0.81 -3.49
C PRO A 68 -14.04 1.11 -4.96
N ALA A 69 -13.93 2.39 -5.34
CA ALA A 69 -13.41 2.81 -6.65
C ALA A 69 -11.89 2.69 -6.76
N THR A 70 -11.15 2.92 -5.66
CA THR A 70 -9.68 2.87 -5.60
C THR A 70 -9.11 1.49 -5.92
N PRO A 71 -9.62 0.36 -5.37
CA PRO A 71 -9.17 -0.97 -5.78
C PRO A 71 -9.62 -1.27 -7.22
N SER A 72 -10.85 -0.86 -7.59
CA SER A 72 -11.51 -1.28 -8.83
C SER A 72 -10.79 -0.71 -10.05
N LYS A 73 -10.20 0.49 -9.91
CA LYS A 73 -9.50 1.18 -10.99
C LYS A 73 -8.14 0.55 -11.33
N TYR A 74 -7.54 -0.19 -10.38
CA TYR A 74 -6.27 -0.92 -10.54
C TYR A 74 -6.50 -2.44 -10.76
N GLY A 75 -7.78 -2.86 -10.77
CA GLY A 75 -8.25 -4.22 -11.08
C GLY A 75 -8.59 -5.09 -9.87
N ILE A 76 -8.56 -4.54 -8.65
CA ILE A 76 -8.85 -5.23 -7.38
C ILE A 76 -10.36 -5.21 -7.07
N ARG A 77 -10.85 -6.18 -6.30
CA ARG A 77 -12.22 -6.21 -5.75
C ARG A 77 -12.28 -5.61 -4.34
N ALA A 78 -12.15 -6.43 -3.31
CA ALA A 78 -12.18 -6.04 -1.88
C ALA A 78 -11.49 -7.11 -1.02
N ILE A 79 -10.15 -7.14 -1.10
CA ILE A 79 -9.28 -8.22 -0.60
C ILE A 79 -7.97 -7.68 -0.01
N PRO A 80 -7.28 -8.43 0.89
CA PRO A 80 -5.97 -8.05 1.41
C PRO A 80 -4.87 -8.21 0.35
N THR A 81 -4.59 -7.13 -0.37
CA THR A 81 -3.58 -7.03 -1.42
C THR A 81 -2.80 -5.71 -1.33
N LEU A 82 -1.48 -5.74 -1.53
CA LEU A 82 -0.64 -4.55 -1.61
C LEU A 82 -0.15 -4.33 -3.04
N ILE A 83 0.00 -3.07 -3.43
CA ILE A 83 0.58 -2.67 -4.72
C ILE A 83 1.79 -1.74 -4.52
N LEU A 84 2.92 -2.10 -5.13
CA LEU A 84 4.11 -1.25 -5.16
C LEU A 84 4.34 -0.64 -6.55
N PHE A 85 4.61 0.67 -6.57
CA PHE A 85 4.85 1.45 -7.78
C PHE A 85 5.69 2.72 -7.59
N LYS A 86 5.95 3.43 -8.70
CA LYS A 86 6.57 4.77 -8.75
C LYS A 86 5.89 5.60 -9.83
N ASN A 87 6.06 6.93 -9.79
CA ASN A 87 5.52 7.89 -10.77
C ASN A 87 3.98 7.78 -11.00
N GLY A 88 3.24 7.14 -10.09
CA GLY A 88 1.81 6.83 -10.22
C GLY A 88 1.44 5.76 -11.24
N GLU A 89 2.37 4.87 -11.64
CA GLU A 89 2.13 3.81 -12.61
C GLU A 89 2.60 2.43 -12.09
N VAL A 90 1.66 1.49 -11.99
CA VAL A 90 1.86 0.16 -11.38
C VAL A 90 2.97 -0.65 -12.06
N VAL A 91 3.82 -1.30 -11.24
CA VAL A 91 4.89 -2.21 -11.73
C VAL A 91 4.81 -3.61 -11.12
N GLU A 92 4.34 -3.76 -9.88
CA GLU A 92 4.20 -5.06 -9.21
C GLU A 92 3.17 -5.02 -8.07
N GLN A 93 2.51 -6.14 -7.81
CA GLN A 93 1.57 -6.31 -6.71
C GLN A 93 1.81 -7.62 -5.94
N VAL A 94 1.31 -7.67 -4.71
CA VAL A 94 1.25 -8.91 -3.90
C VAL A 94 -0.14 -9.10 -3.30
N THR A 95 -0.87 -10.11 -3.77
CA THR A 95 -2.18 -10.51 -3.23
C THR A 95 -2.05 -11.58 -2.14
N GLY A 96 -2.98 -11.56 -1.17
CA GLY A 96 -2.91 -12.38 0.05
C GLY A 96 -1.98 -11.81 1.12
N ALA A 97 -2.02 -12.39 2.32
CA ALA A 97 -1.21 -11.97 3.45
C ALA A 97 0.23 -12.45 3.32
N VAL A 98 1.17 -11.53 3.50
CA VAL A 98 2.63 -11.76 3.62
C VAL A 98 3.18 -11.01 4.84
N SER A 99 4.27 -11.52 5.41
CA SER A 99 4.88 -10.96 6.64
C SER A 99 5.63 -9.67 6.35
N LYS A 100 5.74 -8.77 7.34
CA LYS A 100 6.58 -7.56 7.26
C LYS A 100 8.00 -7.89 6.81
N SER A 101 8.55 -9.00 7.28
CA SER A 101 9.85 -9.54 6.90
C SER A 101 9.98 -9.77 5.39
N SER A 102 8.97 -10.39 4.78
CA SER A 102 8.89 -10.68 3.34
C SER A 102 8.71 -9.41 2.50
N ILE A 103 7.87 -8.48 2.96
CA ILE A 103 7.60 -7.21 2.29
C ILE A 103 8.84 -6.31 2.28
N LYS A 104 9.56 -6.20 3.42
CA LYS A 104 10.87 -5.51 3.53
C LYS A 104 11.93 -6.16 2.63
N ASP A 105 12.07 -7.49 2.71
CA ASP A 105 13.04 -8.26 1.92
C ASP A 105 12.80 -8.13 0.41
N MET A 106 11.57 -7.86 -0.03
CA MET A 106 11.21 -7.47 -1.39
C MET A 106 11.57 -6.02 -1.72
N ILE A 107 11.09 -5.05 -0.93
CA ILE A 107 11.22 -3.61 -1.23
C ILE A 107 12.66 -3.10 -1.16
N ALA A 108 13.54 -3.82 -0.47
CA ALA A 108 14.98 -3.59 -0.45
C ALA A 108 15.62 -3.54 -1.86
N GLN A 109 14.98 -4.15 -2.87
CA GLN A 109 15.39 -4.04 -4.28
C GLN A 109 14.41 -3.25 -5.15
N LYS A 110 13.10 -3.22 -4.83
CA LYS A 110 12.08 -2.58 -5.68
C LYS A 110 12.06 -1.06 -5.51
N ALA A 111 11.80 -0.58 -4.30
CA ALA A 111 11.75 0.85 -4.01
C ALA A 111 13.14 1.45 -3.73
N LEU A 112 13.98 0.75 -2.96
CA LEU A 112 15.27 1.26 -2.48
C LEU A 112 16.43 1.01 -3.46
N GLY A 113 16.24 0.08 -4.40
CA GLY A 113 17.19 -0.23 -5.48
C GLY A 113 18.48 -0.90 -4.97
N MET A 7 5.48 6.45 7.91
CA MET A 7 4.68 7.49 7.26
C MET A 7 3.23 7.05 6.99
N ALA A 8 2.95 5.74 7.04
CA ALA A 8 1.69 5.17 6.62
C ALA A 8 0.49 5.61 7.48
N ALA A 9 -0.62 5.91 6.79
CA ALA A 9 -1.92 6.24 7.37
C ALA A 9 -3.09 5.76 6.49
N GLN A 10 -4.32 5.89 6.99
CA GLN A 10 -5.55 5.58 6.27
C GLN A 10 -5.96 6.74 5.35
N ILE A 11 -5.82 6.54 4.04
CA ILE A 11 -6.00 7.56 2.98
C ILE A 11 -7.06 7.08 1.96
N THR A 12 -7.52 7.99 1.08
CA THR A 12 -8.44 7.72 -0.05
C THR A 12 -7.88 8.27 -1.36
N ASP A 13 -8.40 7.80 -2.50
CA ASP A 13 -7.91 8.08 -3.86
C ASP A 13 -7.80 9.58 -4.16
N ALA A 14 -8.77 10.37 -3.69
CA ALA A 14 -8.84 11.81 -3.89
C ALA A 14 -7.84 12.60 -3.02
N THR A 15 -7.31 11.97 -1.97
CA THR A 15 -6.40 12.60 -0.99
C THR A 15 -4.94 12.22 -1.24
N PHE A 16 -4.66 10.96 -1.58
CA PHE A 16 -3.27 10.51 -1.80
C PHE A 16 -2.68 11.08 -3.10
N GLU A 17 -3.50 11.29 -4.12
CA GLU A 17 -3.01 11.70 -5.45
C GLU A 17 -2.40 13.10 -5.45
N ALA A 18 -2.94 13.99 -4.61
CA ALA A 18 -2.44 15.34 -4.41
C ALA A 18 -1.10 15.39 -3.64
N SER A 19 -0.67 14.27 -3.06
CA SER A 19 0.64 14.13 -2.40
C SER A 19 1.62 13.27 -3.20
N VAL A 20 1.21 12.06 -3.61
CA VAL A 20 2.14 11.03 -4.13
C VAL A 20 2.17 10.96 -5.65
N LEU A 21 1.03 11.13 -6.34
CA LEU A 21 0.98 11.29 -7.81
C LEU A 21 1.76 12.53 -8.29
N LYS A 22 1.89 13.56 -7.43
CA LYS A 22 2.72 14.77 -7.67
C LYS A 22 4.22 14.55 -7.40
N SER A 23 4.63 13.37 -6.93
CA SER A 23 6.01 13.01 -6.58
C SER A 23 6.63 12.04 -7.61
N ALA A 24 7.96 11.95 -7.58
CA ALA A 24 8.74 10.98 -8.35
C ALA A 24 9.10 9.71 -7.51
N ILE A 25 8.87 9.76 -6.19
CA ILE A 25 9.31 8.72 -5.25
C ILE A 25 8.50 7.41 -5.45
N PRO A 26 9.08 6.22 -5.18
CA PRO A 26 8.33 4.98 -5.19
C PRO A 26 7.25 4.95 -4.10
N VAL A 27 6.08 4.43 -4.47
CA VAL A 27 4.81 4.51 -3.74
C VAL A 27 4.19 3.12 -3.60
N LEU A 28 3.71 2.83 -2.39
CA LEU A 28 3.16 1.55 -1.96
C LEU A 28 1.74 1.77 -1.42
N ILE A 29 0.78 1.15 -2.09
CA ILE A 29 -0.63 1.08 -1.67
C ILE A 29 -0.89 -0.28 -1.02
N ASP A 30 -1.72 -0.32 0.02
CA ASP A 30 -2.21 -1.55 0.64
C ASP A 30 -3.75 -1.50 0.79
N PHE A 31 -4.43 -2.45 0.17
CA PHE A 31 -5.89 -2.59 0.28
C PHE A 31 -6.30 -3.53 1.42
N TRP A 32 -7.26 -3.08 2.25
CA TRP A 32 -7.77 -3.84 3.39
C TRP A 32 -9.25 -3.54 3.73
N ALA A 33 -9.85 -4.33 4.61
CA ALA A 33 -11.17 -4.09 5.19
C ALA A 33 -11.31 -4.69 6.63
N PRO A 34 -12.10 -4.07 7.52
CA PRO A 34 -12.28 -4.53 8.90
C PRO A 34 -13.06 -5.84 9.06
N TRP A 35 -13.72 -6.33 8.00
CA TRP A 35 -14.45 -7.61 8.01
C TRP A 35 -13.59 -8.84 7.69
N CYS A 36 -12.29 -8.68 7.42
CA CYS A 36 -11.34 -9.78 7.24
C CYS A 36 -10.13 -9.71 8.21
N GLY A 37 -9.75 -10.86 8.77
CA GLY A 37 -8.78 -10.99 9.87
C GLY A 37 -7.36 -10.48 9.56
N PRO A 38 -6.63 -11.10 8.60
CA PRO A 38 -5.29 -10.66 8.24
C PRO A 38 -5.26 -9.25 7.65
N CYS A 39 -6.40 -8.74 7.16
CA CYS A 39 -6.55 -7.38 6.62
C CYS A 39 -6.41 -6.33 7.72
N ARG A 40 -7.17 -6.47 8.83
CA ARG A 40 -7.13 -5.54 9.98
C ARG A 40 -5.93 -5.79 10.91
N ALA A 41 -5.45 -7.04 11.00
CA ALA A 41 -4.27 -7.41 11.78
C ALA A 41 -2.93 -6.93 11.17
N MET A 42 -2.97 -6.35 9.97
CA MET A 42 -1.80 -5.73 9.32
C MET A 42 -1.49 -4.32 9.85
N GLY A 43 -2.27 -3.79 10.79
CA GLY A 43 -2.07 -2.46 11.40
C GLY A 43 -0.64 -2.24 11.93
N PRO A 44 -0.15 -3.06 12.88
CA PRO A 44 1.23 -2.95 13.39
C PRO A 44 2.29 -3.39 12.37
N VAL A 45 1.94 -4.30 11.44
CA VAL A 45 2.81 -4.71 10.33
C VAL A 45 3.13 -3.51 9.43
N ILE A 46 2.12 -2.82 8.91
CA ILE A 46 2.23 -1.63 8.08
C ILE A 46 3.06 -0.52 8.77
N ASP A 47 2.89 -0.30 10.08
CA ASP A 47 3.60 0.73 10.84
C ASP A 47 5.11 0.46 10.96
N GLU A 48 5.54 -0.81 11.11
CA GLU A 48 6.96 -1.16 11.14
C GLU A 48 7.65 -0.97 9.78
N LEU A 49 7.09 -1.58 8.73
CA LEU A 49 7.64 -1.54 7.38
C LEU A 49 7.60 -0.11 6.82
N ALA A 50 6.56 0.66 7.14
CA ALA A 50 6.47 2.07 6.76
C ALA A 50 7.68 2.89 7.25
N ALA A 51 8.06 2.68 8.51
CA ALA A 51 9.20 3.32 9.15
C ALA A 51 10.56 2.75 8.71
N GLU A 52 10.58 1.56 8.09
CA GLU A 52 11.80 0.99 7.51
C GLU A 52 12.06 1.47 6.08
N TYR A 53 11.10 2.12 5.40
CA TYR A 53 11.30 2.71 4.07
C TYR A 53 11.28 4.25 4.03
N GLU A 54 10.87 4.93 5.10
CA GLU A 54 10.53 6.36 5.07
C GLU A 54 11.68 7.28 4.56
N GLY A 55 11.29 8.36 3.87
CA GLY A 55 12.20 9.32 3.23
C GLY A 55 12.75 8.87 1.86
N LYS A 56 12.70 7.56 1.56
CA LYS A 56 13.05 6.95 0.25
C LYS A 56 11.84 6.38 -0.51
N VAL A 57 10.69 6.31 0.16
CA VAL A 57 9.46 5.56 -0.21
C VAL A 57 8.27 6.26 0.46
N LEU A 58 7.12 6.26 -0.21
CA LEU A 58 5.84 6.73 0.32
C LEU A 58 4.87 5.53 0.46
N ILE A 59 4.13 5.48 1.57
CA ILE A 59 3.26 4.37 1.95
C ILE A 59 1.89 4.89 2.40
N VAL A 60 0.81 4.27 1.90
CA VAL A 60 -0.59 4.57 2.27
C VAL A 60 -1.44 3.30 2.29
N LYS A 61 -2.42 3.20 3.20
CA LYS A 61 -3.42 2.11 3.19
C LYS A 61 -4.82 2.62 2.86
N MET A 62 -5.59 1.80 2.14
CA MET A 62 -6.81 2.18 1.43
C MET A 62 -7.92 1.20 1.83
N ASN A 63 -9.01 1.70 2.44
CA ASN A 63 -10.05 0.83 2.97
C ASN A 63 -11.14 0.61 1.93
N VAL A 64 -11.37 -0.65 1.56
CA VAL A 64 -12.33 -1.08 0.54
C VAL A 64 -13.78 -0.92 1.00
N ASP A 65 -14.05 -0.95 2.31
CA ASP A 65 -15.42 -0.82 2.83
C ASP A 65 -15.90 0.66 2.79
N ASP A 66 -14.97 1.58 2.97
CA ASP A 66 -15.16 3.03 2.88
C ASP A 66 -15.02 3.56 1.44
N ASN A 67 -14.20 2.91 0.60
CA ASN A 67 -13.85 3.37 -0.75
C ASN A 67 -13.82 2.20 -1.77
N PRO A 68 -14.99 1.63 -2.16
CA PRO A 68 -15.06 0.47 -3.05
C PRO A 68 -14.63 0.74 -4.52
N ALA A 69 -14.48 2.02 -4.91
CA ALA A 69 -14.00 2.41 -6.24
C ALA A 69 -12.47 2.40 -6.37
N THR A 70 -11.75 2.67 -5.27
CA THR A 70 -10.27 2.74 -5.23
C THR A 70 -9.59 1.41 -5.56
N PRO A 71 -10.07 0.24 -5.09
CA PRO A 71 -9.54 -1.03 -5.57
C PRO A 71 -9.93 -1.28 -7.03
N SER A 72 -11.16 -0.95 -7.43
CA SER A 72 -11.73 -1.31 -8.74
C SER A 72 -11.00 -0.62 -9.88
N LYS A 73 -10.51 0.59 -9.62
CA LYS A 73 -9.77 1.42 -10.57
C LYS A 73 -8.30 1.06 -10.72
N TYR A 74 -7.78 0.25 -9.79
CA TYR A 74 -6.47 -0.43 -9.85
C TYR A 74 -6.60 -1.91 -10.25
N GLY A 75 -7.85 -2.37 -10.49
CA GLY A 75 -8.18 -3.72 -10.99
C GLY A 75 -8.46 -4.78 -9.91
N ILE A 76 -8.67 -4.36 -8.65
CA ILE A 76 -8.87 -5.20 -7.46
C ILE A 76 -10.37 -5.33 -7.15
N ARG A 77 -10.78 -6.42 -6.47
CA ARG A 77 -12.14 -6.61 -5.92
C ARG A 77 -12.20 -6.15 -4.46
N ALA A 78 -11.99 -7.07 -3.52
CA ALA A 78 -12.02 -6.81 -2.07
C ALA A 78 -11.22 -7.87 -1.30
N ILE A 79 -9.90 -7.68 -1.27
CA ILE A 79 -8.90 -8.64 -0.77
C ILE A 79 -7.66 -7.93 -0.15
N PRO A 80 -6.91 -8.61 0.74
CA PRO A 80 -5.62 -8.13 1.24
C PRO A 80 -4.57 -8.20 0.11
N THR A 81 -4.34 -7.09 -0.58
CA THR A 81 -3.40 -6.95 -1.71
C THR A 81 -2.66 -5.62 -1.67
N LEU A 82 -1.38 -5.58 -2.05
CA LEU A 82 -0.58 -4.34 -2.10
C LEU A 82 -0.07 -4.09 -3.52
N ILE A 83 0.03 -2.80 -3.90
CA ILE A 83 0.49 -2.36 -5.22
C ILE A 83 1.75 -1.51 -5.10
N LEU A 84 2.80 -1.89 -5.84
CA LEU A 84 4.14 -1.31 -5.76
C LEU A 84 4.54 -0.63 -7.08
N PHE A 85 4.63 0.69 -7.05
CA PHE A 85 4.84 1.52 -8.24
C PHE A 85 5.69 2.77 -7.98
N LYS A 86 5.98 3.55 -9.04
CA LYS A 86 6.75 4.80 -9.01
C LYS A 86 6.19 5.80 -10.00
N ASN A 87 6.56 7.07 -9.88
CA ASN A 87 6.05 8.19 -10.71
C ASN A 87 4.51 8.29 -10.79
N GLY A 88 3.78 7.64 -9.86
CA GLY A 88 2.33 7.52 -9.87
C GLY A 88 1.74 6.63 -10.98
N GLU A 89 2.51 5.71 -11.57
CA GLU A 89 2.03 4.80 -12.63
C GLU A 89 2.42 3.34 -12.35
N VAL A 90 1.41 2.47 -12.30
CA VAL A 90 1.54 1.06 -11.87
C VAL A 90 2.49 0.24 -12.73
N VAL A 91 3.28 -0.62 -12.09
CA VAL A 91 4.19 -1.57 -12.77
C VAL A 91 4.03 -3.00 -12.26
N GLU A 92 3.72 -3.19 -10.97
CA GLU A 92 3.51 -4.51 -10.36
C GLU A 92 2.63 -4.43 -9.10
N GLN A 93 1.99 -5.56 -8.76
CA GLN A 93 1.27 -5.77 -7.51
C GLN A 93 1.66 -7.08 -6.84
N VAL A 94 1.25 -7.27 -5.59
CA VAL A 94 1.21 -8.61 -4.95
C VAL A 94 -0.04 -8.84 -4.12
N THR A 95 -0.80 -9.86 -4.51
CA THR A 95 -2.04 -10.32 -3.90
C THR A 95 -1.81 -11.31 -2.75
N GLY A 96 -2.72 -11.31 -1.77
CA GLY A 96 -2.66 -12.15 -0.57
C GLY A 96 -1.84 -11.51 0.57
N ALA A 97 -2.11 -11.96 1.80
CA ALA A 97 -1.43 -11.51 3.01
C ALA A 97 -0.10 -12.25 3.23
N VAL A 98 0.90 -11.51 3.69
CA VAL A 98 2.28 -11.95 3.96
C VAL A 98 2.85 -11.27 5.22
N SER A 99 3.90 -11.83 5.82
CA SER A 99 4.51 -11.32 7.05
C SER A 99 5.22 -9.98 6.83
N LYS A 100 5.28 -9.14 7.87
CA LYS A 100 6.07 -7.88 7.87
C LYS A 100 7.48 -8.07 7.32
N SER A 101 8.11 -9.15 7.79
CA SER A 101 9.46 -9.59 7.41
C SER A 101 9.58 -9.87 5.90
N SER A 102 8.59 -10.56 5.33
CA SER A 102 8.50 -10.86 3.90
C SER A 102 8.30 -9.60 3.05
N ILE A 103 7.47 -8.66 3.52
CA ILE A 103 7.19 -7.40 2.83
C ILE A 103 8.45 -6.51 2.80
N LYS A 104 9.13 -6.35 3.95
CA LYS A 104 10.42 -5.63 4.07
C LYS A 104 11.52 -6.27 3.21
N ASP A 105 11.69 -7.60 3.31
CA ASP A 105 12.69 -8.35 2.55
C ASP A 105 12.48 -8.20 1.03
N MET A 106 11.23 -8.19 0.57
CA MET A 106 10.86 -7.88 -0.81
C MET A 106 11.28 -6.45 -1.18
N ILE A 107 10.74 -5.44 -0.48
CA ILE A 107 10.87 -4.01 -0.86
C ILE A 107 12.32 -3.50 -0.84
N ALA A 108 13.20 -4.17 -0.10
CA ALA A 108 14.65 -4.00 -0.19
C ALA A 108 15.21 -4.09 -1.63
N GLN A 109 14.51 -4.78 -2.54
CA GLN A 109 14.85 -4.86 -3.97
C GLN A 109 13.95 -4.00 -4.88
N LYS A 110 12.72 -3.69 -4.45
CA LYS A 110 11.67 -3.11 -5.33
C LYS A 110 11.61 -1.58 -5.26
N ALA A 111 11.37 -1.06 -4.05
CA ALA A 111 11.28 0.39 -3.81
C ALA A 111 12.61 1.00 -3.36
N LEU A 112 13.42 0.25 -2.60
CA LEU A 112 14.75 0.67 -2.13
C LEU A 112 15.87 0.27 -3.10
N GLY A 113 15.67 -0.83 -3.84
CA GLY A 113 16.64 -1.35 -4.82
C GLY A 113 16.72 -0.55 -6.13
N MET A 7 2.04 10.75 4.76
CA MET A 7 2.19 10.02 6.02
C MET A 7 1.54 8.63 5.95
N ALA A 8 2.09 7.66 6.67
CA ALA A 8 1.55 6.30 6.76
C ALA A 8 0.30 6.25 7.67
N ALA A 9 -0.85 6.43 7.05
CA ALA A 9 -2.16 6.51 7.68
C ALA A 9 -3.28 6.03 6.74
N GLN A 10 -4.53 6.07 7.22
CA GLN A 10 -5.71 5.83 6.41
C GLN A 10 -6.04 7.04 5.52
N ILE A 11 -5.90 6.88 4.21
CA ILE A 11 -6.14 7.92 3.20
C ILE A 11 -7.42 7.59 2.39
N THR A 12 -7.86 8.51 1.53
CA THR A 12 -9.08 8.42 0.70
C THR A 12 -8.77 8.65 -0.79
N ASP A 13 -9.68 8.20 -1.66
CA ASP A 13 -9.52 7.97 -3.10
C ASP A 13 -9.01 9.18 -3.88
N ALA A 14 -9.51 10.35 -3.51
CA ALA A 14 -9.23 11.65 -4.13
C ALA A 14 -8.07 12.42 -3.46
N THR A 15 -7.60 11.94 -2.30
CA THR A 15 -6.54 12.59 -1.50
C THR A 15 -5.19 11.91 -1.69
N PHE A 16 -5.16 10.57 -1.76
CA PHE A 16 -3.87 9.86 -1.89
C PHE A 16 -3.20 10.22 -3.23
N GLU A 17 -3.96 10.30 -4.33
CA GLU A 17 -3.44 10.68 -5.64
C GLU A 17 -2.97 12.14 -5.72
N ALA A 18 -3.66 13.04 -5.01
CA ALA A 18 -3.30 14.45 -4.89
C ALA A 18 -1.99 14.68 -4.09
N SER A 19 -1.58 13.69 -3.29
CA SER A 19 -0.31 13.70 -2.55
C SER A 19 0.80 12.92 -3.26
N VAL A 20 0.50 11.70 -3.74
CA VAL A 20 1.49 10.69 -4.14
C VAL A 20 1.66 10.56 -5.65
N LEU A 21 0.56 10.63 -6.41
CA LEU A 21 0.60 10.61 -7.89
C LEU A 21 1.17 11.91 -8.47
N LYS A 22 1.25 12.98 -7.65
CA LYS A 22 1.96 14.24 -7.95
C LYS A 22 3.48 14.20 -7.61
N SER A 23 3.97 13.09 -7.05
CA SER A 23 5.38 12.87 -6.68
C SER A 23 6.09 11.92 -7.66
N ALA A 24 7.43 11.96 -7.63
CA ALA A 24 8.31 11.04 -8.36
C ALA A 24 8.79 9.86 -7.49
N ILE A 25 8.58 9.93 -6.17
CA ILE A 25 9.06 8.92 -5.21
C ILE A 25 8.31 7.57 -5.36
N PRO A 26 8.95 6.43 -5.10
CA PRO A 26 8.26 5.13 -5.04
C PRO A 26 7.17 5.13 -3.95
N VAL A 27 6.02 4.54 -4.28
CA VAL A 27 4.79 4.54 -3.51
C VAL A 27 4.29 3.12 -3.26
N LEU A 28 3.80 2.88 -2.04
CA LEU A 28 3.26 1.60 -1.56
C LEU A 28 1.85 1.79 -1.03
N ILE A 29 0.89 1.06 -1.61
CA ILE A 29 -0.50 0.96 -1.16
C ILE A 29 -0.72 -0.39 -0.49
N ASP A 30 -1.53 -0.42 0.55
CA ASP A 30 -2.15 -1.64 1.11
C ASP A 30 -3.68 -1.49 1.12
N PHE A 31 -4.39 -2.39 0.43
CA PHE A 31 -5.85 -2.45 0.45
C PHE A 31 -6.38 -3.37 1.55
N TRP A 32 -7.32 -2.87 2.38
CA TRP A 32 -7.86 -3.62 3.53
C TRP A 32 -9.30 -3.22 3.88
N ALA A 33 -9.98 -4.02 4.70
CA ALA A 33 -11.28 -3.70 5.32
C ALA A 33 -11.43 -4.34 6.71
N PRO A 34 -12.14 -3.69 7.67
CA PRO A 34 -12.30 -4.16 9.04
C PRO A 34 -13.13 -5.43 9.19
N TRP A 35 -13.88 -5.84 8.16
CA TRP A 35 -14.67 -7.06 8.13
C TRP A 35 -13.89 -8.32 7.68
N CYS A 36 -12.60 -8.20 7.36
CA CYS A 36 -11.71 -9.35 7.09
C CYS A 36 -10.48 -9.37 8.01
N GLY A 37 -10.17 -10.57 8.55
CA GLY A 37 -9.16 -10.78 9.60
C GLY A 37 -7.73 -10.38 9.20
N PRO A 38 -7.12 -11.02 8.19
CA PRO A 38 -5.75 -10.67 7.74
C PRO A 38 -5.63 -9.23 7.24
N CYS A 39 -6.74 -8.64 6.76
CA CYS A 39 -6.80 -7.26 6.28
C CYS A 39 -6.50 -6.25 7.41
N ARG A 40 -7.23 -6.34 8.53
CA ARG A 40 -7.02 -5.46 9.71
C ARG A 40 -5.80 -5.88 10.56
N ALA A 41 -5.43 -7.16 10.55
CA ALA A 41 -4.22 -7.67 11.20
C ALA A 41 -2.91 -7.23 10.52
N MET A 42 -2.98 -6.59 9.35
CA MET A 42 -1.85 -5.91 8.71
C MET A 42 -1.46 -4.60 9.41
N GLY A 43 -2.24 -4.12 10.38
CA GLY A 43 -2.00 -2.89 11.13
C GLY A 43 -0.56 -2.74 11.66
N PRO A 44 -0.06 -3.68 12.50
CA PRO A 44 1.32 -3.67 12.97
C PRO A 44 2.35 -4.01 11.86
N VAL A 45 1.94 -4.76 10.83
CA VAL A 45 2.79 -5.08 9.67
C VAL A 45 3.13 -3.80 8.88
N ILE A 46 2.09 -3.03 8.50
CA ILE A 46 2.20 -1.71 7.86
C ILE A 46 3.05 -0.74 8.69
N ASP A 47 2.87 -0.66 10.00
CA ASP A 47 3.62 0.28 10.86
C ASP A 47 5.14 -0.02 10.87
N GLU A 48 5.54 -1.29 10.85
CA GLU A 48 6.96 -1.68 10.82
C GLU A 48 7.63 -1.43 9.45
N LEU A 49 6.99 -1.83 8.34
CA LEU A 49 7.53 -1.55 6.99
C LEU A 49 7.53 -0.06 6.68
N ALA A 50 6.50 0.65 7.14
CA ALA A 50 6.37 2.08 6.84
C ALA A 50 7.55 2.91 7.40
N ALA A 51 8.07 2.50 8.56
CA ALA A 51 9.25 3.06 9.21
C ALA A 51 10.56 2.63 8.54
N GLU A 52 10.59 1.46 7.92
CA GLU A 52 11.80 0.89 7.31
C GLU A 52 12.13 1.57 5.97
N TYR A 53 11.15 2.17 5.28
CA TYR A 53 11.38 2.84 4.00
C TYR A 53 11.47 4.37 4.08
N GLU A 54 11.33 4.96 5.28
CA GLU A 54 11.31 6.42 5.48
C GLU A 54 12.47 7.18 4.78
N GLY A 55 12.12 8.34 4.19
CA GLY A 55 13.04 9.21 3.45
C GLY A 55 13.21 8.88 1.95
N LYS A 56 12.87 7.65 1.53
CA LYS A 56 13.08 7.14 0.16
C LYS A 56 11.81 6.63 -0.54
N VAL A 57 10.68 6.57 0.17
CA VAL A 57 9.45 5.83 -0.17
C VAL A 57 8.28 6.51 0.54
N LEU A 58 7.10 6.53 -0.09
CA LEU A 58 5.84 6.96 0.50
C LEU A 58 4.89 5.76 0.66
N ILE A 59 4.24 5.67 1.81
CA ILE A 59 3.41 4.53 2.24
C ILE A 59 2.03 5.02 2.70
N VAL A 60 0.97 4.36 2.26
CA VAL A 60 -0.45 4.66 2.60
C VAL A 60 -1.27 3.36 2.65
N LYS A 61 -2.36 3.31 3.44
CA LYS A 61 -3.36 2.25 3.35
C LYS A 61 -4.74 2.77 2.93
N MET A 62 -5.48 1.97 2.16
CA MET A 62 -6.71 2.35 1.47
C MET A 62 -7.82 1.39 1.87
N ASN A 63 -8.88 1.90 2.51
CA ASN A 63 -9.94 1.06 3.03
C ASN A 63 -10.98 0.79 1.94
N VAL A 64 -11.14 -0.47 1.55
CA VAL A 64 -12.04 -0.87 0.45
C VAL A 64 -13.52 -0.81 0.81
N ASP A 65 -13.87 -0.62 2.08
CA ASP A 65 -15.26 -0.43 2.51
C ASP A 65 -15.70 1.05 2.41
N ASP A 66 -14.77 1.97 2.70
CA ASP A 66 -14.91 3.42 2.60
C ASP A 66 -14.63 3.97 1.18
N ASN A 67 -13.78 3.26 0.42
CA ASN A 67 -13.27 3.66 -0.89
C ASN A 67 -13.37 2.48 -1.89
N PRO A 68 -14.56 2.15 -2.43
CA PRO A 68 -14.72 1.07 -3.40
C PRO A 68 -14.13 1.40 -4.78
N ALA A 69 -13.83 2.68 -5.07
CA ALA A 69 -13.28 3.13 -6.35
C ALA A 69 -11.75 2.94 -6.46
N THR A 70 -11.02 3.10 -5.35
CA THR A 70 -9.55 3.00 -5.30
C THR A 70 -9.01 1.61 -5.65
N PRO A 71 -9.58 0.50 -5.13
CA PRO A 71 -9.17 -0.82 -5.58
C PRO A 71 -9.61 -1.05 -7.03
N SER A 72 -10.80 -0.57 -7.42
CA SER A 72 -11.43 -0.90 -8.70
C SER A 72 -10.67 -0.30 -9.87
N LYS A 73 -10.07 0.87 -9.64
CA LYS A 73 -9.25 1.57 -10.64
C LYS A 73 -7.82 1.03 -10.77
N TYR A 74 -7.39 0.21 -9.81
CA TYR A 74 -6.15 -0.57 -9.83
C TYR A 74 -6.41 -2.05 -10.21
N GLY A 75 -7.67 -2.41 -10.44
CA GLY A 75 -8.12 -3.74 -10.90
C GLY A 75 -8.43 -4.75 -9.78
N ILE A 76 -8.60 -4.27 -8.54
CA ILE A 76 -8.87 -5.03 -7.31
C ILE A 76 -10.37 -4.98 -6.99
N ARG A 77 -10.91 -5.99 -6.28
CA ARG A 77 -12.27 -5.98 -5.70
C ARG A 77 -12.22 -5.45 -4.26
N ALA A 78 -12.10 -6.35 -3.28
CA ALA A 78 -12.09 -6.04 -1.85
C ALA A 78 -11.38 -7.17 -1.06
N ILE A 79 -10.05 -7.14 -1.07
CA ILE A 79 -9.17 -8.22 -0.60
C ILE A 79 -7.85 -7.68 0.01
N PRO A 80 -7.14 -8.46 0.85
CA PRO A 80 -5.84 -8.10 1.40
C PRO A 80 -4.74 -8.18 0.32
N THR A 81 -4.50 -7.07 -0.38
CA THR A 81 -3.50 -6.92 -1.47
C THR A 81 -2.71 -5.61 -1.33
N LEU A 82 -1.40 -5.64 -1.58
CA LEU A 82 -0.54 -4.46 -1.62
C LEU A 82 -0.02 -4.22 -3.04
N ILE A 83 0.16 -2.97 -3.42
CA ILE A 83 0.69 -2.58 -4.73
C ILE A 83 1.92 -1.67 -4.56
N LEU A 84 3.03 -2.03 -5.23
CA LEU A 84 4.30 -1.32 -5.18
C LEU A 84 4.66 -0.70 -6.55
N PHE A 85 4.77 0.62 -6.58
CA PHE A 85 4.96 1.40 -7.81
C PHE A 85 5.77 2.70 -7.62
N LYS A 86 5.96 3.45 -8.71
CA LYS A 86 6.67 4.75 -8.77
C LYS A 86 6.02 5.67 -9.81
N ASN A 87 6.28 6.98 -9.77
CA ASN A 87 5.82 7.96 -10.77
C ASN A 87 4.28 7.98 -11.04
N GLY A 88 3.46 7.38 -10.17
CA GLY A 88 2.03 7.16 -10.40
C GLY A 88 1.67 6.06 -11.42
N GLU A 89 2.58 5.12 -11.71
CA GLU A 89 2.43 4.06 -12.72
C GLU A 89 2.85 2.68 -12.16
N VAL A 90 1.90 1.75 -12.09
CA VAL A 90 2.05 0.41 -11.49
C VAL A 90 3.11 -0.44 -12.21
N VAL A 91 3.88 -1.20 -11.42
CA VAL A 91 4.89 -2.15 -11.94
C VAL A 91 4.77 -3.56 -11.33
N GLU A 92 4.35 -3.66 -10.07
CA GLU A 92 4.20 -4.95 -9.39
C GLU A 92 3.22 -4.89 -8.20
N GLN A 93 2.60 -6.01 -7.86
CA GLN A 93 1.70 -6.16 -6.73
C GLN A 93 1.95 -7.48 -5.97
N VAL A 94 1.41 -7.56 -4.75
CA VAL A 94 1.30 -8.82 -3.99
C VAL A 94 -0.12 -8.97 -3.45
N THR A 95 -0.85 -9.95 -4.00
CA THR A 95 -2.21 -10.33 -3.55
C THR A 95 -2.18 -11.49 -2.55
N GLY A 96 -3.10 -11.47 -1.59
CA GLY A 96 -3.07 -12.33 -0.41
C GLY A 96 -2.10 -11.84 0.67
N ALA A 97 -2.22 -12.39 1.88
CA ALA A 97 -1.41 -12.00 3.02
C ALA A 97 0.02 -12.56 2.93
N VAL A 98 0.98 -11.70 3.22
CA VAL A 98 2.41 -12.00 3.34
C VAL A 98 2.96 -11.41 4.64
N SER A 99 4.03 -12.01 5.18
CA SER A 99 4.61 -11.62 6.46
C SER A 99 5.32 -10.26 6.38
N LYS A 100 5.40 -9.53 7.50
CA LYS A 100 6.12 -8.26 7.65
C LYS A 100 7.53 -8.32 7.08
N SER A 101 8.22 -9.42 7.34
CA SER A 101 9.59 -9.69 6.89
C SER A 101 9.66 -9.83 5.37
N SER A 102 8.71 -10.55 4.78
CA SER A 102 8.62 -10.80 3.33
C SER A 102 8.43 -9.50 2.54
N ILE A 103 7.62 -8.57 3.07
CA ILE A 103 7.36 -7.27 2.45
C ILE A 103 8.62 -6.39 2.47
N LYS A 104 9.27 -6.28 3.63
CA LYS A 104 10.53 -5.51 3.82
C LYS A 104 11.67 -6.08 2.97
N ASP A 105 11.83 -7.39 2.96
CA ASP A 105 12.83 -8.09 2.15
C ASP A 105 12.63 -7.86 0.65
N MET A 106 11.38 -7.91 0.17
CA MET A 106 11.03 -7.60 -1.22
C MET A 106 11.40 -6.16 -1.58
N ILE A 107 10.93 -5.18 -0.81
CA ILE A 107 11.07 -3.75 -1.13
C ILE A 107 12.53 -3.27 -1.06
N ALA A 108 13.38 -3.97 -0.33
CA ALA A 108 14.84 -3.80 -0.39
C ALA A 108 15.44 -3.91 -1.81
N GLN A 109 14.76 -4.61 -2.74
CA GLN A 109 15.15 -4.69 -4.16
C GLN A 109 14.32 -3.77 -5.08
N LYS A 110 13.11 -3.35 -4.65
CA LYS A 110 12.12 -2.65 -5.49
C LYS A 110 12.11 -1.14 -5.26
N ALA A 111 11.61 -0.69 -4.10
CA ALA A 111 11.45 0.73 -3.78
C ALA A 111 12.75 1.36 -3.21
N LEU A 112 13.57 0.57 -2.51
CA LEU A 112 14.92 0.97 -2.06
C LEU A 112 16.02 0.66 -3.09
N GLY A 113 15.76 -0.31 -3.98
CA GLY A 113 16.66 -0.74 -5.05
C GLY A 113 17.85 -1.54 -4.53
N MET A 7 6.37 6.45 8.54
CA MET A 7 5.06 6.01 9.03
C MET A 7 4.04 5.86 7.90
N ALA A 8 3.09 4.93 8.07
CA ALA A 8 1.92 4.76 7.22
C ALA A 8 0.65 5.32 7.88
N ALA A 9 -0.35 5.65 7.07
CA ALA A 9 -1.66 6.12 7.50
C ALA A 9 -2.81 5.65 6.60
N GLN A 10 -4.04 5.77 7.10
CA GLN A 10 -5.27 5.45 6.37
C GLN A 10 -5.71 6.68 5.54
N ILE A 11 -5.63 6.59 4.22
CA ILE A 11 -5.85 7.69 3.27
C ILE A 11 -7.04 7.40 2.34
N THR A 12 -7.56 8.45 1.70
CA THR A 12 -8.75 8.48 0.84
C THR A 12 -8.32 8.67 -0.62
N ASP A 13 -9.13 8.22 -1.57
CA ASP A 13 -8.81 8.17 -3.01
C ASP A 13 -8.35 9.53 -3.56
N ALA A 14 -9.10 10.57 -3.22
CA ALA A 14 -8.89 11.96 -3.64
C ALA A 14 -7.75 12.65 -2.89
N THR A 15 -7.34 12.12 -1.74
CA THR A 15 -6.31 12.68 -0.85
C THR A 15 -4.94 12.11 -1.19
N PHE A 16 -4.85 10.80 -1.44
CA PHE A 16 -3.56 10.16 -1.70
C PHE A 16 -3.00 10.55 -3.07
N GLU A 17 -3.85 10.63 -4.11
CA GLU A 17 -3.40 10.98 -5.46
C GLU A 17 -2.84 12.41 -5.54
N ALA A 18 -3.51 13.35 -4.86
CA ALA A 18 -3.09 14.75 -4.78
C ALA A 18 -1.74 14.98 -4.06
N SER A 19 -1.21 13.97 -3.38
CA SER A 19 0.11 13.98 -2.75
C SER A 19 1.12 13.07 -3.48
N VAL A 20 0.77 11.80 -3.70
CA VAL A 20 1.71 10.74 -4.11
C VAL A 20 1.76 10.53 -5.63
N LEU A 21 0.62 10.59 -6.32
CA LEU A 21 0.58 10.62 -7.80
C LEU A 21 1.12 11.94 -8.37
N LYS A 22 1.18 13.00 -7.55
CA LYS A 22 1.90 14.27 -7.82
C LYS A 22 3.40 14.23 -7.44
N SER A 23 3.93 13.08 -7.04
CA SER A 23 5.33 12.86 -6.63
C SER A 23 6.05 11.82 -7.51
N ALA A 24 7.39 11.90 -7.53
CA ALA A 24 8.27 10.94 -8.18
C ALA A 24 8.64 9.74 -7.27
N ILE A 25 8.42 9.85 -5.96
CA ILE A 25 8.86 8.85 -4.97
C ILE A 25 8.13 7.49 -5.16
N PRO A 26 8.81 6.35 -4.90
CA PRO A 26 8.14 5.05 -4.87
C PRO A 26 7.04 4.98 -3.80
N VAL A 27 5.91 4.39 -4.15
CA VAL A 27 4.64 4.43 -3.44
C VAL A 27 4.09 3.01 -3.24
N LEU A 28 3.62 2.74 -2.02
CA LEU A 28 3.08 1.48 -1.56
C LEU A 28 1.66 1.65 -1.04
N ILE A 29 0.72 0.96 -1.67
CA ILE A 29 -0.68 0.87 -1.25
C ILE A 29 -0.93 -0.47 -0.58
N ASP A 30 -1.70 -0.47 0.51
CA ASP A 30 -2.28 -1.64 1.15
C ASP A 30 -3.81 -1.54 1.07
N PHE A 31 -4.45 -2.40 0.29
CA PHE A 31 -5.92 -2.47 0.28
C PHE A 31 -6.44 -3.35 1.43
N TRP A 32 -7.35 -2.81 2.25
CA TRP A 32 -7.82 -3.47 3.48
C TRP A 32 -9.29 -3.14 3.79
N ALA A 33 -9.91 -3.91 4.69
CA ALA A 33 -11.23 -3.63 5.24
C ALA A 33 -11.37 -4.09 6.71
N PRO A 34 -12.15 -3.41 7.57
CA PRO A 34 -12.35 -3.79 8.98
C PRO A 34 -13.19 -5.06 9.16
N TRP A 35 -13.91 -5.50 8.13
CA TRP A 35 -14.71 -6.72 8.14
C TRP A 35 -13.93 -7.99 7.75
N CYS A 36 -12.63 -7.90 7.43
CA CYS A 36 -11.77 -9.06 7.17
C CYS A 36 -10.53 -9.11 8.07
N GLY A 37 -10.29 -10.28 8.67
CA GLY A 37 -9.26 -10.53 9.71
C GLY A 37 -7.83 -10.20 9.26
N PRO A 38 -7.27 -10.91 8.25
CA PRO A 38 -5.90 -10.65 7.75
C PRO A 38 -5.71 -9.25 7.17
N CYS A 39 -6.80 -8.58 6.77
CA CYS A 39 -6.79 -7.20 6.29
C CYS A 39 -6.44 -6.22 7.43
N ARG A 40 -7.19 -6.25 8.54
CA ARG A 40 -6.98 -5.35 9.69
C ARG A 40 -5.81 -5.77 10.59
N ALA A 41 -5.51 -7.07 10.63
CA ALA A 41 -4.36 -7.63 11.36
C ALA A 41 -2.99 -7.28 10.76
N MET A 42 -2.96 -6.70 9.55
CA MET A 42 -1.75 -6.13 8.94
C MET A 42 -1.36 -4.77 9.53
N GLY A 43 -2.16 -4.20 10.45
CA GLY A 43 -1.90 -2.91 11.10
C GLY A 43 -0.48 -2.77 11.68
N PRO A 44 -0.04 -3.65 12.60
CA PRO A 44 1.33 -3.65 13.12
C PRO A 44 2.38 -4.07 12.09
N VAL A 45 1.99 -4.82 11.04
CA VAL A 45 2.87 -5.19 9.92
C VAL A 45 3.24 -3.95 9.11
N ILE A 46 2.27 -3.22 8.55
CA ILE A 46 2.51 -1.99 7.76
C ILE A 46 3.29 -0.95 8.59
N ASP A 47 3.00 -0.81 9.88
CA ASP A 47 3.64 0.21 10.74
C ASP A 47 5.15 -0.01 10.99
N GLU A 48 5.63 -1.25 10.99
CA GLU A 48 7.06 -1.55 11.16
C GLU A 48 7.87 -1.35 9.87
N LEU A 49 7.41 -1.91 8.75
CA LEU A 49 8.01 -1.75 7.41
C LEU A 49 7.92 -0.31 6.91
N ALA A 50 6.87 0.43 7.28
CA ALA A 50 6.75 1.85 6.98
C ALA A 50 7.96 2.68 7.43
N ALA A 51 8.50 2.33 8.59
CA ALA A 51 9.69 2.97 9.17
C ALA A 51 11.02 2.43 8.63
N GLU A 52 11.03 1.25 7.98
CA GLU A 52 12.23 0.76 7.31
C GLU A 52 12.53 1.56 6.05
N TYR A 53 11.50 2.11 5.38
CA TYR A 53 11.65 2.81 4.11
C TYR A 53 11.64 4.35 4.22
N GLU A 54 11.70 4.90 5.44
CA GLU A 54 11.44 6.32 5.72
C GLU A 54 12.28 7.31 4.88
N GLY A 55 11.63 8.40 4.44
CA GLY A 55 12.24 9.49 3.67
C GLY A 55 12.50 9.23 2.18
N LYS A 56 12.42 7.97 1.70
CA LYS A 56 12.68 7.57 0.30
C LYS A 56 11.58 6.71 -0.36
N VAL A 57 10.45 6.56 0.31
CA VAL A 57 9.29 5.69 -0.01
C VAL A 57 8.07 6.26 0.72
N LEU A 58 6.89 6.21 0.10
CA LEU A 58 5.62 6.68 0.65
C LEU A 58 4.62 5.52 0.80
N ILE A 59 4.08 5.33 2.01
CA ILE A 59 3.26 4.17 2.40
C ILE A 59 1.87 4.63 2.88
N VAL A 60 0.81 4.07 2.31
CA VAL A 60 -0.60 4.40 2.62
C VAL A 60 -1.47 3.14 2.61
N LYS A 61 -2.53 3.08 3.44
CA LYS A 61 -3.54 2.02 3.36
C LYS A 61 -4.92 2.57 2.95
N MET A 62 -5.58 1.88 2.03
CA MET A 62 -6.79 2.33 1.34
C MET A 62 -7.97 1.43 1.69
N ASN A 63 -9.04 2.02 2.24
CA ASN A 63 -10.17 1.26 2.75
C ASN A 63 -11.21 0.99 1.65
N VAL A 64 -11.39 -0.29 1.32
CA VAL A 64 -12.28 -0.77 0.25
C VAL A 64 -13.77 -0.50 0.53
N ASP A 65 -14.16 -0.22 1.78
CA ASP A 65 -15.55 0.11 2.15
C ASP A 65 -15.85 1.62 2.02
N ASP A 66 -14.83 2.47 2.15
CA ASP A 66 -14.93 3.93 2.00
C ASP A 66 -14.70 4.40 0.55
N ASN A 67 -13.84 3.70 -0.19
CA ASN A 67 -13.57 3.97 -1.62
C ASN A 67 -13.48 2.67 -2.45
N PRO A 68 -14.62 1.99 -2.73
CA PRO A 68 -14.66 0.75 -3.52
C PRO A 68 -14.27 0.92 -5.01
N ALA A 69 -14.12 2.14 -5.50
CA ALA A 69 -13.63 2.42 -6.85
C ALA A 69 -12.11 2.32 -6.97
N THR A 70 -11.37 2.63 -5.89
CA THR A 70 -9.91 2.64 -5.85
C THR A 70 -9.29 1.25 -6.05
N PRO A 71 -9.77 0.17 -5.40
CA PRO A 71 -9.31 -1.17 -5.76
C PRO A 71 -9.75 -1.53 -7.19
N SER A 72 -10.97 -1.17 -7.60
CA SER A 72 -11.59 -1.64 -8.84
C SER A 72 -10.82 -1.15 -10.06
N LYS A 73 -10.29 0.07 -9.96
CA LYS A 73 -9.54 0.73 -11.03
C LYS A 73 -8.05 0.33 -11.10
N TYR A 74 -7.55 -0.30 -10.04
CA TYR A 74 -6.23 -0.94 -9.99
C TYR A 74 -6.32 -2.45 -10.28
N GLY A 75 -7.53 -2.96 -10.51
CA GLY A 75 -7.82 -4.36 -10.90
C GLY A 75 -8.16 -5.31 -9.74
N ILE A 76 -8.45 -4.76 -8.56
CA ILE A 76 -8.74 -5.45 -7.29
C ILE A 76 -10.25 -5.46 -7.02
N ARG A 77 -10.77 -6.41 -6.23
CA ARG A 77 -12.17 -6.41 -5.74
C ARG A 77 -12.25 -5.78 -4.34
N ALA A 78 -12.16 -6.61 -3.30
CA ALA A 78 -12.15 -6.19 -1.90
C ALA A 78 -11.44 -7.28 -1.04
N ILE A 79 -10.10 -7.28 -1.10
CA ILE A 79 -9.20 -8.33 -0.58
C ILE A 79 -7.90 -7.73 0.00
N PRO A 80 -7.19 -8.46 0.90
CA PRO A 80 -5.89 -8.04 1.41
C PRO A 80 -4.79 -8.15 0.35
N THR A 81 -4.61 -7.10 -0.45
CA THR A 81 -3.62 -7.02 -1.53
C THR A 81 -2.88 -5.68 -1.51
N LEU A 82 -1.58 -5.72 -1.78
CA LEU A 82 -0.70 -4.54 -1.81
C LEU A 82 -0.25 -4.25 -3.25
N ILE A 83 -0.02 -2.98 -3.58
CA ILE A 83 0.52 -2.54 -4.88
C ILE A 83 1.75 -1.66 -4.68
N LEU A 84 2.85 -2.01 -5.35
CA LEU A 84 4.16 -1.37 -5.24
C LEU A 84 4.58 -0.74 -6.57
N PHE A 85 4.62 0.59 -6.61
CA PHE A 85 4.84 1.40 -7.81
C PHE A 85 5.67 2.68 -7.58
N LYS A 86 5.88 3.48 -8.63
CA LYS A 86 6.64 4.75 -8.65
C LYS A 86 6.00 5.74 -9.60
N ASN A 87 6.37 7.03 -9.53
CA ASN A 87 5.90 8.11 -10.44
C ASN A 87 4.36 8.22 -10.60
N GLY A 88 3.55 7.58 -9.74
CA GLY A 88 2.10 7.44 -9.92
C GLY A 88 1.65 6.44 -11.01
N GLU A 89 2.49 5.47 -11.39
CA GLU A 89 2.25 4.50 -12.47
C GLU A 89 2.64 3.08 -12.07
N VAL A 90 1.67 2.16 -12.07
CA VAL A 90 1.81 0.78 -11.57
C VAL A 90 2.82 -0.06 -12.35
N VAL A 91 3.57 -0.90 -11.62
CA VAL A 91 4.52 -1.87 -12.22
C VAL A 91 4.40 -3.28 -11.62
N GLU A 92 4.02 -3.39 -10.35
CA GLU A 92 3.98 -4.66 -9.61
C GLU A 92 2.98 -4.63 -8.44
N GLN A 93 2.42 -5.81 -8.10
CA GLN A 93 1.56 -6.02 -6.95
C GLN A 93 1.91 -7.31 -6.18
N VAL A 94 1.38 -7.42 -4.96
CA VAL A 94 1.35 -8.69 -4.20
C VAL A 94 -0.03 -8.94 -3.58
N THR A 95 -0.72 -9.98 -4.08
CA THR A 95 -2.03 -10.43 -3.63
C THR A 95 -1.94 -11.39 -2.43
N GLY A 96 -2.87 -11.25 -1.48
CA GLY A 96 -2.87 -12.00 -0.22
C GLY A 96 -1.94 -11.41 0.85
N ALA A 97 -2.14 -11.83 2.10
CA ALA A 97 -1.36 -11.37 3.24
C ALA A 97 0.04 -12.02 3.28
N VAL A 98 1.02 -11.20 3.63
CA VAL A 98 2.45 -11.57 3.79
C VAL A 98 3.05 -10.91 5.04
N SER A 99 4.10 -11.51 5.61
CA SER A 99 4.75 -11.02 6.84
C SER A 99 5.53 -9.73 6.58
N LYS A 100 5.68 -8.86 7.61
CA LYS A 100 6.51 -7.65 7.52
C LYS A 100 7.92 -7.95 7.00
N SER A 101 8.49 -9.07 7.43
CA SER A 101 9.81 -9.57 7.03
C SER A 101 9.88 -9.85 5.52
N SER A 102 8.85 -10.47 4.96
CA SER A 102 8.71 -10.76 3.52
C SER A 102 8.52 -9.49 2.68
N ILE A 103 7.72 -8.53 3.19
CA ILE A 103 7.45 -7.25 2.53
C ILE A 103 8.73 -6.39 2.48
N LYS A 104 9.49 -6.29 3.58
CA LYS A 104 10.80 -5.63 3.61
C LYS A 104 11.80 -6.29 2.67
N ASP A 105 11.91 -7.62 2.72
CA ASP A 105 12.83 -8.41 1.87
C ASP A 105 12.53 -8.27 0.37
N MET A 106 11.26 -7.96 0.01
CA MET A 106 10.83 -7.59 -1.34
C MET A 106 11.17 -6.13 -1.68
N ILE A 107 10.82 -5.15 -0.84
CA ILE A 107 11.00 -3.72 -1.16
C ILE A 107 12.49 -3.32 -1.21
N ALA A 108 13.34 -4.08 -0.54
CA ALA A 108 14.80 -3.96 -0.54
C ALA A 108 15.42 -3.80 -1.95
N GLN A 109 14.83 -4.41 -2.99
CA GLN A 109 15.17 -4.12 -4.38
C GLN A 109 14.12 -3.31 -5.16
N LYS A 110 12.82 -3.52 -4.90
CA LYS A 110 11.73 -2.96 -5.73
C LYS A 110 11.59 -1.44 -5.56
N ALA A 111 11.46 -0.99 -4.31
CA ALA A 111 11.28 0.43 -3.98
C ALA A 111 12.59 1.12 -3.58
N LEU A 112 13.50 0.44 -2.85
CA LEU A 112 14.76 1.03 -2.38
C LEU A 112 15.89 0.97 -3.43
N GLY A 113 15.79 0.01 -4.34
CA GLY A 113 16.76 -0.22 -5.43
C GLY A 113 16.40 0.46 -6.76
N MET A 7 5.71 7.36 7.97
CA MET A 7 4.74 6.35 8.44
C MET A 7 3.51 6.25 7.53
N ALA A 8 2.82 5.10 7.58
CA ALA A 8 1.57 4.87 6.88
C ALA A 8 0.37 5.42 7.66
N ALA A 9 -0.65 5.86 6.93
CA ALA A 9 -1.96 6.31 7.45
C ALA A 9 -3.11 5.93 6.49
N GLN A 10 -4.35 6.05 6.97
CA GLN A 10 -5.56 6.00 6.14
C GLN A 10 -5.69 7.28 5.32
N ILE A 11 -5.85 7.14 4.01
CA ILE A 11 -5.98 8.24 3.04
C ILE A 11 -7.33 8.15 2.30
N THR A 12 -7.63 9.12 1.44
CA THR A 12 -8.89 9.25 0.71
C THR A 12 -8.62 9.12 -0.79
N ASP A 13 -9.60 8.57 -1.53
CA ASP A 13 -9.52 8.19 -2.94
C ASP A 13 -9.02 9.31 -3.87
N ALA A 14 -9.47 10.53 -3.59
CA ALA A 14 -9.17 11.76 -4.35
C ALA A 14 -7.93 12.50 -3.81
N THR A 15 -7.44 12.12 -2.63
CA THR A 15 -6.37 12.81 -1.89
C THR A 15 -5.03 12.12 -2.07
N PHE A 16 -5.01 10.78 -2.07
CA PHE A 16 -3.74 10.06 -2.17
C PHE A 16 -3.07 10.31 -3.54
N GLU A 17 -3.86 10.38 -4.62
CA GLU A 17 -3.33 10.64 -5.96
C GLU A 17 -2.84 12.08 -6.13
N ALA A 18 -3.54 13.05 -5.54
CA ALA A 18 -3.08 14.45 -5.48
C ALA A 18 -1.77 14.62 -4.66
N SER A 19 -1.47 13.68 -3.76
CA SER A 19 -0.29 13.71 -2.89
C SER A 19 0.89 12.86 -3.40
N VAL A 20 0.62 11.69 -4.01
CA VAL A 20 1.61 10.65 -4.30
C VAL A 20 1.71 10.30 -5.78
N LEU A 21 0.59 10.26 -6.53
CA LEU A 21 0.59 9.89 -7.96
C LEU A 21 1.33 10.94 -8.80
N LYS A 22 1.30 12.22 -8.37
CA LYS A 22 2.06 13.34 -8.93
C LYS A 22 3.53 13.42 -8.47
N SER A 23 3.99 12.50 -7.61
CA SER A 23 5.37 12.42 -7.09
C SER A 23 6.25 11.49 -7.93
N ALA A 24 7.56 11.68 -7.79
CA ALA A 24 8.61 10.84 -8.40
C ALA A 24 9.11 9.72 -7.45
N ILE A 25 8.73 9.76 -6.17
CA ILE A 25 9.13 8.78 -5.15
C ILE A 25 8.35 7.45 -5.32
N PRO A 26 8.93 6.28 -5.00
CA PRO A 26 8.21 5.02 -5.03
C PRO A 26 7.12 4.96 -3.95
N VAL A 27 5.98 4.40 -4.31
CA VAL A 27 4.69 4.44 -3.60
C VAL A 27 4.17 3.02 -3.38
N LEU A 28 3.67 2.76 -2.18
CA LEU A 28 3.13 1.48 -1.71
C LEU A 28 1.71 1.68 -1.18
N ILE A 29 0.75 1.00 -1.82
CA ILE A 29 -0.66 0.96 -1.39
C ILE A 29 -0.92 -0.39 -0.70
N ASP A 30 -1.71 -0.38 0.37
CA ASP A 30 -2.26 -1.54 1.06
C ASP A 30 -3.79 -1.49 1.00
N PHE A 31 -4.42 -2.39 0.24
CA PHE A 31 -5.89 -2.53 0.27
C PHE A 31 -6.36 -3.51 1.35
N TRP A 32 -7.25 -3.08 2.24
CA TRP A 32 -7.76 -3.89 3.35
C TRP A 32 -9.20 -3.55 3.76
N ALA A 33 -9.80 -4.40 4.60
CA ALA A 33 -11.08 -4.17 5.26
C ALA A 33 -11.18 -4.86 6.64
N PRO A 34 -11.91 -4.28 7.63
CA PRO A 34 -12.01 -4.81 8.98
C PRO A 34 -12.83 -6.10 9.12
N TRP A 35 -13.59 -6.50 8.10
CA TRP A 35 -14.39 -7.73 8.10
C TRP A 35 -13.61 -9.00 7.71
N CYS A 36 -12.32 -8.89 7.36
CA CYS A 36 -11.44 -10.03 7.10
C CYS A 36 -10.22 -10.06 8.04
N GLY A 37 -9.89 -11.26 8.54
CA GLY A 37 -8.89 -11.50 9.59
C GLY A 37 -7.46 -11.07 9.22
N PRO A 38 -6.84 -11.63 8.17
CA PRO A 38 -5.50 -11.23 7.73
C PRO A 38 -5.43 -9.78 7.24
N CYS A 39 -6.56 -9.20 6.84
CA CYS A 39 -6.68 -7.80 6.43
C CYS A 39 -6.47 -6.86 7.62
N ARG A 40 -7.22 -7.04 8.72
CA ARG A 40 -7.10 -6.21 9.93
C ARG A 40 -5.83 -6.53 10.73
N ALA A 41 -5.36 -7.77 10.70
CA ALA A 41 -4.13 -8.20 11.36
C ALA A 41 -2.84 -7.64 10.71
N MET A 42 -2.93 -7.04 9.51
CA MET A 42 -1.83 -6.30 8.88
C MET A 42 -1.60 -4.92 9.52
N GLY A 43 -2.46 -4.47 10.44
CA GLY A 43 -2.33 -3.18 11.13
C GLY A 43 -0.93 -2.88 11.69
N PRO A 44 -0.38 -3.73 12.58
CA PRO A 44 1.00 -3.59 13.05
C PRO A 44 2.06 -3.90 11.98
N VAL A 45 1.76 -4.80 11.03
CA VAL A 45 2.66 -5.17 9.92
C VAL A 45 3.00 -3.93 9.08
N ILE A 46 2.00 -3.26 8.50
CA ILE A 46 2.18 -2.03 7.70
C ILE A 46 2.91 -0.95 8.52
N ASP A 47 2.61 -0.78 9.80
CA ASP A 47 3.22 0.24 10.67
C ASP A 47 4.73 0.01 10.92
N GLU A 48 5.18 -1.24 11.04
CA GLU A 48 6.62 -1.57 11.22
C GLU A 48 7.44 -1.28 9.95
N LEU A 49 7.01 -1.82 8.81
CA LEU A 49 7.67 -1.65 7.51
C LEU A 49 7.58 -0.21 6.99
N ALA A 50 6.49 0.50 7.28
CA ALA A 50 6.33 1.91 6.91
C ALA A 50 7.46 2.80 7.44
N ALA A 51 7.89 2.57 8.68
CA ALA A 51 9.00 3.27 9.31
C ALA A 51 10.38 2.80 8.80
N GLU A 52 10.48 1.58 8.29
CA GLU A 52 11.73 1.00 7.79
C GLU A 52 12.12 1.56 6.41
N TYR A 53 11.16 2.12 5.66
CA TYR A 53 11.41 2.75 4.36
C TYR A 53 11.50 4.29 4.39
N GLU A 54 11.44 4.92 5.57
CA GLU A 54 11.40 6.37 5.77
C GLU A 54 12.42 7.18 4.96
N GLY A 55 11.96 8.33 4.42
CA GLY A 55 12.75 9.28 3.63
C GLY A 55 12.98 8.89 2.15
N LYS A 56 12.68 7.63 1.77
CA LYS A 56 12.93 7.08 0.42
C LYS A 56 11.69 6.53 -0.29
N VAL A 57 10.55 6.42 0.41
CA VAL A 57 9.36 5.62 0.04
C VAL A 57 8.13 6.27 0.67
N LEU A 58 7.00 6.25 -0.05
CA LEU A 58 5.70 6.71 0.43
C LEU A 58 4.76 5.50 0.62
N ILE A 59 4.05 5.45 1.74
CA ILE A 59 3.21 4.32 2.16
C ILE A 59 1.82 4.81 2.60
N VAL A 60 0.76 4.18 2.09
CA VAL A 60 -0.64 4.48 2.43
C VAL A 60 -1.46 3.21 2.59
N LYS A 61 -2.42 3.18 3.53
CA LYS A 61 -3.48 2.15 3.57
C LYS A 61 -4.78 2.72 3.01
N MET A 62 -5.52 1.90 2.27
CA MET A 62 -6.78 2.26 1.63
C MET A 62 -7.85 1.26 2.07
N ASN A 63 -8.77 1.71 2.91
CA ASN A 63 -9.89 0.87 3.36
C ASN A 63 -10.95 0.83 2.26
N VAL A 64 -11.29 -0.38 1.80
CA VAL A 64 -12.20 -0.64 0.71
C VAL A 64 -13.66 -0.29 1.05
N ASP A 65 -14.03 -0.28 2.34
CA ASP A 65 -15.40 0.07 2.77
C ASP A 65 -15.62 1.60 2.79
N ASP A 66 -14.57 2.38 3.04
CA ASP A 66 -14.57 3.85 3.01
C ASP A 66 -14.20 4.41 1.63
N ASN A 67 -13.43 3.67 0.83
CA ASN A 67 -12.92 4.04 -0.48
C ASN A 67 -13.12 2.88 -1.50
N PRO A 68 -14.36 2.60 -1.97
CA PRO A 68 -14.62 1.52 -2.93
C PRO A 68 -14.11 1.81 -4.35
N ALA A 69 -13.80 3.08 -4.66
CA ALA A 69 -13.33 3.52 -5.99
C ALA A 69 -11.81 3.31 -6.19
N THR A 70 -11.01 3.43 -5.12
CA THR A 70 -9.55 3.30 -5.18
C THR A 70 -9.06 1.90 -5.58
N PRO A 71 -9.62 0.79 -5.05
CA PRO A 71 -9.28 -0.54 -5.54
C PRO A 71 -9.78 -0.73 -6.98
N SER A 72 -10.99 -0.26 -7.30
CA SER A 72 -11.67 -0.51 -8.56
C SER A 72 -10.96 0.13 -9.73
N LYS A 73 -10.30 1.28 -9.49
CA LYS A 73 -9.52 2.01 -10.49
C LYS A 73 -8.11 1.46 -10.74
N TYR A 74 -7.64 0.60 -9.83
CA TYR A 74 -6.42 -0.21 -9.97
C TYR A 74 -6.74 -1.66 -10.39
N GLY A 75 -8.04 -1.97 -10.56
CA GLY A 75 -8.58 -3.27 -11.03
C GLY A 75 -8.93 -4.28 -9.92
N ILE A 76 -8.88 -3.85 -8.65
CA ILE A 76 -9.14 -4.66 -7.45
C ILE A 76 -10.63 -4.53 -7.04
N ARG A 77 -11.21 -5.61 -6.51
CA ARG A 77 -12.56 -5.62 -5.90
C ARG A 77 -12.47 -5.35 -4.39
N ALA A 78 -12.31 -6.39 -3.58
CA ALA A 78 -12.23 -6.29 -2.11
C ALA A 78 -11.45 -7.48 -1.51
N ILE A 79 -10.13 -7.32 -1.43
CA ILE A 79 -9.18 -8.37 -1.01
C ILE A 79 -7.95 -7.79 -0.29
N PRO A 80 -7.24 -8.57 0.56
CA PRO A 80 -5.94 -8.19 1.11
C PRO A 80 -4.86 -8.24 0.01
N THR A 81 -4.62 -7.13 -0.66
CA THR A 81 -3.63 -6.99 -1.74
C THR A 81 -2.90 -5.66 -1.65
N LEU A 82 -1.59 -5.67 -1.90
CA LEU A 82 -0.73 -4.49 -1.92
C LEU A 82 -0.29 -4.19 -3.36
N ILE A 83 -0.10 -2.92 -3.71
CA ILE A 83 0.46 -2.51 -5.01
C ILE A 83 1.70 -1.63 -4.82
N LEU A 84 2.80 -2.00 -5.51
CA LEU A 84 4.10 -1.34 -5.44
C LEU A 84 4.50 -0.72 -6.78
N PHE A 85 4.62 0.61 -6.79
CA PHE A 85 4.83 1.40 -8.02
C PHE A 85 5.64 2.69 -7.81
N LYS A 86 5.85 3.46 -8.89
CA LYS A 86 6.61 4.72 -8.93
C LYS A 86 6.00 5.67 -9.97
N ASN A 87 6.32 6.96 -9.93
CA ASN A 87 5.91 7.96 -10.93
C ASN A 87 4.39 8.03 -11.21
N GLY A 88 3.54 7.48 -10.34
CA GLY A 88 2.10 7.31 -10.57
C GLY A 88 1.70 6.23 -11.60
N GLU A 89 2.57 5.27 -11.89
CA GLU A 89 2.38 4.22 -12.91
C GLU A 89 2.74 2.83 -12.37
N VAL A 90 1.76 1.93 -12.31
CA VAL A 90 1.89 0.57 -11.75
C VAL A 90 2.93 -0.28 -12.48
N VAL A 91 3.69 -1.08 -11.73
CA VAL A 91 4.67 -2.04 -12.28
C VAL A 91 4.51 -3.45 -11.70
N GLU A 92 4.11 -3.57 -10.43
CA GLU A 92 3.96 -4.85 -9.73
C GLU A 92 2.94 -4.76 -8.58
N GLN A 93 2.24 -5.87 -8.32
CA GLN A 93 1.38 -6.05 -7.16
C GLN A 93 1.71 -7.34 -6.40
N VAL A 94 1.23 -7.42 -5.15
CA VAL A 94 1.27 -8.65 -4.34
C VAL A 94 -0.07 -8.92 -3.67
N THR A 95 -0.78 -9.95 -4.16
CA THR A 95 -2.06 -10.41 -3.60
C THR A 95 -1.87 -11.47 -2.51
N GLY A 96 -2.75 -11.47 -1.50
CA GLY A 96 -2.63 -12.28 -0.29
C GLY A 96 -1.75 -11.62 0.78
N ALA A 97 -1.84 -12.12 2.02
CA ALA A 97 -1.13 -11.59 3.18
C ALA A 97 0.26 -12.22 3.35
N VAL A 98 1.21 -11.39 3.79
CA VAL A 98 2.62 -11.72 4.05
C VAL A 98 3.13 -10.96 5.29
N SER A 99 4.21 -11.46 5.91
CA SER A 99 4.80 -10.87 7.13
C SER A 99 5.56 -9.59 6.80
N LYS A 100 5.67 -8.67 7.77
CA LYS A 100 6.48 -7.44 7.63
C LYS A 100 7.92 -7.74 7.20
N SER A 101 8.49 -8.84 7.71
CA SER A 101 9.81 -9.33 7.36
C SER A 101 9.93 -9.62 5.85
N SER A 102 8.93 -10.29 5.28
CA SER A 102 8.85 -10.63 3.85
C SER A 102 8.63 -9.39 2.97
N ILE A 103 7.80 -8.45 3.43
CA ILE A 103 7.49 -7.20 2.72
C ILE A 103 8.73 -6.29 2.67
N LYS A 104 9.48 -6.14 3.77
CA LYS A 104 10.78 -5.44 3.79
C LYS A 104 11.83 -6.14 2.93
N ASP A 105 11.96 -7.45 3.03
CA ASP A 105 12.91 -8.24 2.24
C ASP A 105 12.62 -8.16 0.72
N MET A 106 11.38 -7.87 0.32
CA MET A 106 10.99 -7.51 -1.04
C MET A 106 11.30 -6.05 -1.39
N ILE A 107 10.88 -5.07 -0.58
CA ILE A 107 11.05 -3.64 -0.90
C ILE A 107 12.52 -3.19 -0.89
N ALA A 108 13.37 -3.93 -0.21
CA ALA A 108 14.83 -3.76 -0.20
C ALA A 108 15.49 -3.65 -1.59
N GLN A 109 14.91 -4.27 -2.63
CA GLN A 109 15.31 -4.03 -4.02
C GLN A 109 14.32 -3.23 -4.88
N LYS A 110 13.03 -3.32 -4.60
CA LYS A 110 11.96 -2.70 -5.41
C LYS A 110 11.94 -1.18 -5.25
N ALA A 111 11.82 -0.72 -4.00
CA ALA A 111 11.76 0.71 -3.67
C ALA A 111 13.12 1.28 -3.21
N LEU A 112 13.90 0.53 -2.42
CA LEU A 112 15.17 1.00 -1.83
C LEU A 112 16.39 0.75 -2.75
N GLY A 113 16.28 -0.20 -3.67
CA GLY A 113 17.37 -0.64 -4.56
C GLY A 113 18.46 -1.41 -3.81
N MET A 7 5.50 6.57 8.43
CA MET A 7 4.71 7.51 7.60
C MET A 7 3.32 6.99 7.23
N ALA A 8 3.04 5.69 7.42
CA ALA A 8 1.80 5.05 7.02
C ALA A 8 0.56 5.58 7.77
N ALA A 9 -0.49 5.86 7.01
CA ALA A 9 -1.81 6.27 7.49
C ALA A 9 -2.95 5.80 6.55
N GLN A 10 -4.19 5.89 7.04
CA GLN A 10 -5.41 5.55 6.31
C GLN A 10 -5.88 6.76 5.48
N ILE A 11 -5.85 6.66 4.14
CA ILE A 11 -6.11 7.79 3.21
C ILE A 11 -7.34 7.51 2.30
N THR A 12 -7.82 8.55 1.64
CA THR A 12 -9.00 8.63 0.78
C THR A 12 -8.57 8.80 -0.69
N ASP A 13 -9.41 8.35 -1.63
CA ASP A 13 -9.09 8.24 -3.07
C ASP A 13 -8.57 9.55 -3.68
N ALA A 14 -9.24 10.65 -3.31
CA ALA A 14 -8.98 12.00 -3.79
C ALA A 14 -7.91 12.74 -2.97
N THR A 15 -7.54 12.20 -1.80
CA THR A 15 -6.57 12.78 -0.88
C THR A 15 -5.17 12.23 -1.15
N PHE A 16 -5.05 10.92 -1.38
CA PHE A 16 -3.72 10.31 -1.57
C PHE A 16 -3.11 10.71 -2.91
N GLU A 17 -3.91 10.77 -3.98
CA GLU A 17 -3.40 10.94 -5.34
C GLU A 17 -2.82 12.34 -5.57
N ALA A 18 -3.48 13.37 -5.03
CA ALA A 18 -3.02 14.75 -5.02
C ALA A 18 -1.68 14.95 -4.29
N SER A 19 -1.28 14.00 -3.45
CA SER A 19 0.01 13.98 -2.73
C SER A 19 1.06 13.08 -3.41
N VAL A 20 0.70 11.83 -3.73
CA VAL A 20 1.65 10.77 -4.08
C VAL A 20 1.68 10.45 -5.58
N LEU A 21 0.53 10.46 -6.26
CA LEU A 21 0.45 10.20 -7.71
C LEU A 21 1.20 11.30 -8.49
N LYS A 22 1.26 12.52 -7.94
CA LYS A 22 2.00 13.68 -8.48
C LYS A 22 3.51 13.66 -8.14
N SER A 23 3.98 12.74 -7.30
CA SER A 23 5.37 12.64 -6.81
C SER A 23 6.24 11.74 -7.70
N ALA A 24 7.56 11.92 -7.56
CA ALA A 24 8.59 11.05 -8.12
C ALA A 24 8.99 9.89 -7.17
N ILE A 25 8.63 9.97 -5.88
CA ILE A 25 9.00 8.97 -4.88
C ILE A 25 8.25 7.63 -5.11
N PRO A 26 8.88 6.46 -4.89
CA PRO A 26 8.18 5.19 -4.88
C PRO A 26 7.07 5.14 -3.82
N VAL A 27 5.96 4.51 -4.18
CA VAL A 27 4.68 4.54 -3.46
C VAL A 27 4.16 3.12 -3.26
N LEU A 28 3.65 2.85 -2.06
CA LEU A 28 3.10 1.58 -1.62
C LEU A 28 1.67 1.78 -1.13
N ILE A 29 0.73 1.10 -1.79
CA ILE A 29 -0.67 1.00 -1.37
C ILE A 29 -0.90 -0.34 -0.68
N ASP A 30 -1.68 -0.34 0.40
CA ASP A 30 -2.22 -1.50 1.09
C ASP A 30 -3.75 -1.44 1.04
N PHE A 31 -4.40 -2.30 0.23
CA PHE A 31 -5.86 -2.43 0.24
C PHE A 31 -6.32 -3.36 1.37
N TRP A 32 -7.26 -2.87 2.20
CA TRP A 32 -7.74 -3.59 3.38
C TRP A 32 -9.22 -3.32 3.67
N ALA A 33 -9.83 -4.16 4.50
CA ALA A 33 -11.18 -3.98 5.03
C ALA A 33 -11.30 -4.47 6.49
N PRO A 34 -12.14 -3.86 7.33
CA PRO A 34 -12.44 -4.34 8.69
C PRO A 34 -13.23 -5.65 8.69
N TRP A 35 -13.76 -6.08 7.53
CA TRP A 35 -14.53 -7.31 7.36
C TRP A 35 -13.74 -8.59 7.66
N CYS A 36 -12.41 -8.55 7.52
CA CYS A 36 -11.54 -9.73 7.52
C CYS A 36 -10.33 -9.60 8.45
N GLY A 37 -9.93 -10.74 9.06
CA GLY A 37 -8.92 -10.84 10.10
C GLY A 37 -7.52 -10.34 9.70
N PRO A 38 -6.83 -11.01 8.76
CA PRO A 38 -5.49 -10.59 8.31
C PRO A 38 -5.49 -9.19 7.67
N CYS A 39 -6.63 -8.74 7.15
CA CYS A 39 -6.81 -7.43 6.53
C CYS A 39 -6.61 -6.29 7.54
N ARG A 40 -7.27 -6.36 8.71
CA ARG A 40 -7.15 -5.38 9.80
C ARG A 40 -5.97 -5.65 10.74
N ALA A 41 -5.56 -6.91 10.86
CA ALA A 41 -4.36 -7.32 11.62
C ALA A 41 -3.01 -6.99 10.94
N MET A 42 -3.04 -6.40 9.74
CA MET A 42 -1.87 -5.84 9.06
C MET A 42 -1.34 -4.56 9.74
N GLY A 43 -2.07 -3.99 10.69
CA GLY A 43 -1.71 -2.73 11.39
C GLY A 43 -0.24 -2.67 11.87
N PRO A 44 0.21 -3.61 12.72
CA PRO A 44 1.60 -3.69 13.15
C PRO A 44 2.58 -4.11 12.01
N VAL A 45 2.10 -4.82 11.00
CA VAL A 45 2.87 -5.18 9.80
C VAL A 45 3.22 -3.92 9.01
N ILE A 46 2.21 -3.15 8.55
CA ILE A 46 2.39 -1.88 7.83
C ILE A 46 3.26 -0.90 8.65
N ASP A 47 3.06 -0.78 9.97
CA ASP A 47 3.81 0.17 10.80
C ASP A 47 5.33 -0.12 10.87
N GLU A 48 5.72 -1.40 10.92
CA GLU A 48 7.15 -1.79 10.93
C GLU A 48 7.84 -1.54 9.58
N LEU A 49 7.23 -2.00 8.48
CA LEU A 49 7.79 -1.83 7.13
C LEU A 49 7.74 -0.37 6.68
N ALA A 50 6.72 0.37 7.11
CA ALA A 50 6.65 1.80 6.83
C ALA A 50 7.88 2.55 7.37
N ALA A 51 8.30 2.21 8.59
CA ALA A 51 9.45 2.77 9.28
C ALA A 51 10.78 2.41 8.59
N GLU A 52 10.82 1.25 7.92
CA GLU A 52 12.03 0.79 7.22
C GLU A 52 12.27 1.55 5.91
N TYR A 53 11.21 2.10 5.28
CA TYR A 53 11.35 2.81 4.02
C TYR A 53 11.27 4.36 4.14
N GLU A 54 11.04 4.90 5.35
CA GLU A 54 10.85 6.35 5.58
C GLU A 54 11.82 7.28 4.84
N GLY A 55 11.27 8.32 4.21
CA GLY A 55 12.01 9.35 3.47
C GLY A 55 12.45 8.97 2.06
N LYS A 56 12.42 7.68 1.71
CA LYS A 56 12.79 7.12 0.39
C LYS A 56 11.60 6.57 -0.41
N VAL A 57 10.43 6.49 0.24
CA VAL A 57 9.23 5.71 -0.11
C VAL A 57 8.04 6.33 0.63
N LEU A 58 6.86 6.36 0.02
CA LEU A 58 5.63 6.83 0.63
C LEU A 58 4.60 5.70 0.74
N ILE A 59 4.06 5.49 1.94
CA ILE A 59 3.19 4.37 2.31
C ILE A 59 1.80 4.86 2.73
N VAL A 60 0.74 4.27 2.18
CA VAL A 60 -0.67 4.59 2.48
C VAL A 60 -1.52 3.31 2.50
N LYS A 61 -2.54 3.22 3.37
CA LYS A 61 -3.53 2.14 3.31
C LYS A 61 -4.92 2.66 2.92
N MET A 62 -5.60 1.93 2.03
CA MET A 62 -6.82 2.36 1.36
C MET A 62 -7.95 1.41 1.74
N ASN A 63 -8.97 1.91 2.44
CA ASN A 63 -10.07 1.08 2.92
C ASN A 63 -11.10 0.87 1.82
N VAL A 64 -11.39 -0.39 1.48
CA VAL A 64 -12.31 -0.77 0.39
C VAL A 64 -13.80 -0.57 0.73
N ASP A 65 -14.15 -0.41 2.02
CA ASP A 65 -15.53 -0.14 2.43
C ASP A 65 -15.87 1.36 2.27
N ASP A 66 -14.87 2.23 2.53
CA ASP A 66 -14.95 3.69 2.39
C ASP A 66 -14.62 4.18 0.97
N ASN A 67 -13.77 3.43 0.25
CA ASN A 67 -13.25 3.78 -1.09
C ASN A 67 -13.37 2.59 -2.06
N PRO A 68 -14.58 2.13 -2.43
CA PRO A 68 -14.78 0.98 -3.32
C PRO A 68 -14.30 1.19 -4.78
N ALA A 69 -14.06 2.44 -5.18
CA ALA A 69 -13.57 2.79 -6.53
C ALA A 69 -12.03 2.66 -6.68
N THR A 70 -11.28 2.94 -5.61
CA THR A 70 -9.80 2.92 -5.60
C THR A 70 -9.20 1.54 -5.92
N PRO A 71 -9.70 0.42 -5.34
CA PRO A 71 -9.23 -0.89 -5.75
C PRO A 71 -9.69 -1.20 -7.18
N SER A 72 -10.93 -0.84 -7.54
CA SER A 72 -11.59 -1.24 -8.78
C SER A 72 -10.90 -0.66 -9.99
N LYS A 73 -10.34 0.56 -9.86
CA LYS A 73 -9.67 1.26 -10.96
C LYS A 73 -8.26 0.74 -11.23
N TYR A 74 -7.67 -0.01 -10.28
CA TYR A 74 -6.37 -0.70 -10.41
C TYR A 74 -6.57 -2.21 -10.68
N GLY A 75 -7.83 -2.67 -10.75
CA GLY A 75 -8.23 -4.04 -11.09
C GLY A 75 -8.52 -4.97 -9.88
N ILE A 76 -8.57 -4.42 -8.67
CA ILE A 76 -8.82 -5.13 -7.39
C ILE A 76 -10.30 -5.01 -7.00
N ARG A 77 -10.86 -6.03 -6.33
CA ARG A 77 -12.25 -6.02 -5.83
C ARG A 77 -12.35 -5.49 -4.40
N ALA A 78 -12.21 -6.38 -3.42
CA ALA A 78 -12.20 -6.08 -2.00
C ALA A 78 -11.48 -7.19 -1.21
N ILE A 79 -10.15 -7.17 -1.26
CA ILE A 79 -9.25 -8.22 -0.76
C ILE A 79 -7.99 -7.63 -0.11
N PRO A 80 -7.29 -8.37 0.79
CA PRO A 80 -5.96 -8.01 1.26
C PRO A 80 -4.92 -8.15 0.12
N THR A 81 -4.60 -7.06 -0.55
CA THR A 81 -3.57 -6.96 -1.60
C THR A 81 -2.84 -5.62 -1.53
N LEU A 82 -1.52 -5.63 -1.74
CA LEU A 82 -0.67 -4.45 -1.82
C LEU A 82 -0.31 -4.16 -3.28
N ILE A 83 -0.06 -2.90 -3.63
CA ILE A 83 0.52 -2.50 -4.93
C ILE A 83 1.73 -1.61 -4.70
N LEU A 84 2.86 -1.95 -5.34
CA LEU A 84 4.09 -1.16 -5.33
C LEU A 84 4.34 -0.51 -6.70
N PHE A 85 4.62 0.79 -6.68
CA PHE A 85 4.89 1.58 -7.88
C PHE A 85 5.77 2.81 -7.64
N LYS A 86 6.08 3.54 -8.73
CA LYS A 86 6.87 4.79 -8.74
C LYS A 86 6.29 5.75 -9.77
N ASN A 87 6.60 7.05 -9.68
CA ASN A 87 6.17 8.08 -10.65
C ASN A 87 4.64 8.13 -10.92
N GLY A 88 3.81 7.53 -10.05
CA GLY A 88 2.37 7.35 -10.24
C GLY A 88 1.96 6.31 -11.31
N GLU A 89 2.85 5.37 -11.67
CA GLU A 89 2.64 4.33 -12.70
C GLU A 89 2.97 2.91 -12.20
N VAL A 90 1.96 2.04 -12.17
CA VAL A 90 2.03 0.67 -11.63
C VAL A 90 3.10 -0.20 -12.31
N VAL A 91 3.81 -1.00 -11.50
CA VAL A 91 4.80 -1.98 -12.00
C VAL A 91 4.61 -3.39 -11.43
N GLU A 92 4.16 -3.51 -10.17
CA GLU A 92 4.06 -4.81 -9.49
C GLU A 92 3.04 -4.79 -8.32
N GLN A 93 2.40 -5.92 -8.06
CA GLN A 93 1.47 -6.11 -6.94
C GLN A 93 1.78 -7.36 -6.09
N VAL A 94 1.26 -7.34 -4.87
CA VAL A 94 1.49 -8.34 -3.82
C VAL A 94 0.13 -8.80 -3.27
N THR A 95 -0.46 -9.83 -3.88
CA THR A 95 -1.81 -10.31 -3.53
C THR A 95 -1.81 -11.39 -2.44
N GLY A 96 -2.82 -11.38 -1.58
CA GLY A 96 -2.90 -12.20 -0.36
C GLY A 96 -2.13 -11.62 0.83
N ALA A 97 -2.29 -12.24 2.00
CA ALA A 97 -1.61 -11.84 3.24
C ALA A 97 -0.13 -12.26 3.22
N VAL A 98 0.73 -11.36 3.70
CA VAL A 98 2.20 -11.49 3.71
C VAL A 98 2.79 -10.95 5.01
N SER A 99 3.95 -11.47 5.44
CA SER A 99 4.62 -11.09 6.70
C SER A 99 5.47 -9.84 6.51
N LYS A 100 5.59 -8.99 7.54
CA LYS A 100 6.40 -7.76 7.49
C LYS A 100 7.84 -8.02 7.03
N SER A 101 8.41 -9.13 7.49
CA SER A 101 9.71 -9.65 7.11
C SER A 101 9.84 -9.88 5.60
N SER A 102 8.87 -10.58 5.01
CA SER A 102 8.78 -10.87 3.58
C SER A 102 8.63 -9.59 2.75
N ILE A 103 7.78 -8.67 3.21
CA ILE A 103 7.52 -7.39 2.53
C ILE A 103 8.78 -6.51 2.51
N LYS A 104 9.47 -6.37 3.65
CA LYS A 104 10.75 -5.61 3.76
C LYS A 104 11.84 -6.23 2.89
N ASP A 105 12.03 -7.54 2.98
CA ASP A 105 13.08 -8.27 2.25
C ASP A 105 12.87 -8.21 0.74
N MET A 106 11.62 -8.06 0.28
CA MET A 106 11.27 -7.78 -1.12
C MET A 106 11.55 -6.32 -1.52
N ILE A 107 11.01 -5.35 -0.77
CA ILE A 107 11.09 -3.91 -1.12
C ILE A 107 12.51 -3.35 -1.12
N ALA A 108 13.44 -4.00 -0.42
CA ALA A 108 14.87 -3.73 -0.48
C ALA A 108 15.47 -3.76 -1.91
N GLN A 109 14.79 -4.41 -2.87
CA GLN A 109 15.14 -4.39 -4.30
C GLN A 109 14.08 -3.73 -5.20
N LYS A 110 12.85 -3.48 -4.71
CA LYS A 110 11.75 -2.94 -5.52
C LYS A 110 11.63 -1.42 -5.41
N ALA A 111 11.33 -0.91 -4.21
CA ALA A 111 11.22 0.54 -3.93
C ALA A 111 12.58 1.18 -3.58
N LEU A 112 13.43 0.49 -2.81
CA LEU A 112 14.75 0.99 -2.41
C LEU A 112 15.84 0.68 -3.46
N GLY A 113 15.65 -0.39 -4.23
CA GLY A 113 16.58 -0.82 -5.31
C GLY A 113 16.66 0.15 -6.49
N MET A 7 4.27 9.43 6.40
CA MET A 7 4.10 8.26 7.26
C MET A 7 2.83 7.46 6.92
N ALA A 8 2.80 6.18 7.29
CA ALA A 8 1.65 5.31 7.03
C ALA A 8 0.40 5.71 7.83
N ALA A 9 -0.73 5.83 7.12
CA ALA A 9 -2.06 6.07 7.68
C ALA A 9 -3.16 5.58 6.72
N GLN A 10 -4.41 5.68 7.17
CA GLN A 10 -5.60 5.38 6.38
C GLN A 10 -5.95 6.59 5.48
N ILE A 11 -5.77 6.45 4.16
CA ILE A 11 -5.91 7.53 3.17
C ILE A 11 -7.06 7.22 2.18
N THR A 12 -7.51 8.23 1.44
CA THR A 12 -8.59 8.16 0.45
C THR A 12 -8.13 8.62 -0.94
N ASP A 13 -8.97 8.36 -1.95
CA ASP A 13 -8.66 8.39 -3.38
C ASP A 13 -8.16 9.75 -3.87
N ALA A 14 -8.72 10.83 -3.32
CA ALA A 14 -8.41 12.22 -3.66
C ALA A 14 -7.25 12.79 -2.84
N THR A 15 -6.82 12.10 -1.78
CA THR A 15 -5.80 12.56 -0.83
C THR A 15 -4.45 11.89 -1.08
N PHE A 16 -4.42 10.60 -1.42
CA PHE A 16 -3.15 9.87 -1.64
C PHE A 16 -2.43 10.35 -2.90
N GLU A 17 -3.18 10.68 -3.96
CA GLU A 17 -2.64 11.10 -5.24
C GLU A 17 -1.83 12.40 -5.12
N ALA A 18 -2.27 13.32 -4.25
CA ALA A 18 -1.59 14.56 -3.93
C ALA A 18 -0.25 14.37 -3.20
N SER A 19 0.06 13.14 -2.73
CA SER A 19 1.33 12.79 -2.09
C SER A 19 2.23 11.93 -2.97
N VAL A 20 1.64 11.16 -3.90
CA VAL A 20 2.38 10.15 -4.68
C VAL A 20 2.24 10.24 -6.20
N LEU A 21 1.05 10.56 -6.70
CA LEU A 21 0.75 10.68 -8.13
C LEU A 21 1.27 12.03 -8.67
N LYS A 22 1.17 13.07 -7.83
CA LYS A 22 1.71 14.42 -8.03
C LYS A 22 3.17 14.57 -7.50
N SER A 23 3.90 13.45 -7.40
CA SER A 23 5.25 13.33 -6.84
C SER A 23 6.12 12.34 -7.64
N ALA A 24 7.44 12.35 -7.37
CA ALA A 24 8.44 11.47 -7.99
C ALA A 24 8.79 10.22 -7.14
N ILE A 25 8.33 10.13 -5.88
CA ILE A 25 8.73 9.08 -4.95
C ILE A 25 8.02 7.73 -5.23
N PRO A 26 8.68 6.58 -5.02
CA PRO A 26 8.01 5.28 -5.02
C PRO A 26 6.93 5.16 -3.94
N VAL A 27 5.84 4.47 -4.26
CA VAL A 27 4.60 4.42 -3.48
C VAL A 27 4.16 2.98 -3.25
N LEU A 28 3.64 2.72 -2.04
CA LEU A 28 3.07 1.46 -1.58
C LEU A 28 1.63 1.67 -1.10
N ILE A 29 0.69 0.98 -1.74
CA ILE A 29 -0.70 0.85 -1.32
C ILE A 29 -0.91 -0.51 -0.67
N ASP A 30 -1.75 -0.59 0.37
CA ASP A 30 -2.36 -1.83 0.84
C ASP A 30 -3.89 -1.67 0.87
N PHE A 31 -4.60 -2.56 0.17
CA PHE A 31 -6.06 -2.63 0.19
C PHE A 31 -6.56 -3.49 1.35
N TRP A 32 -7.47 -2.95 2.17
CA TRP A 32 -7.95 -3.61 3.39
C TRP A 32 -9.42 -3.29 3.71
N ALA A 33 -10.01 -4.07 4.61
CA ALA A 33 -11.33 -3.81 5.18
C ALA A 33 -11.45 -4.35 6.63
N PRO A 34 -12.22 -3.68 7.52
CA PRO A 34 -12.43 -4.13 8.90
C PRO A 34 -13.22 -5.45 9.02
N TRP A 35 -13.87 -5.89 7.94
CA TRP A 35 -14.61 -7.15 7.86
C TRP A 35 -13.75 -8.37 7.41
N CYS A 36 -12.43 -8.22 7.25
CA CYS A 36 -11.50 -9.34 7.07
C CYS A 36 -10.30 -9.30 8.06
N GLY A 37 -9.95 -10.46 8.60
CA GLY A 37 -8.98 -10.64 9.70
C GLY A 37 -7.56 -10.15 9.38
N PRO A 38 -6.85 -10.77 8.41
CA PRO A 38 -5.49 -10.37 8.03
C PRO A 38 -5.43 -8.94 7.45
N CYS A 39 -6.55 -8.40 6.97
CA CYS A 39 -6.66 -7.04 6.46
C CYS A 39 -6.45 -6.00 7.57
N ARG A 40 -7.19 -6.12 8.70
CA ARG A 40 -7.06 -5.21 9.85
C ARG A 40 -5.89 -5.55 10.78
N ALA A 41 -5.50 -6.83 10.84
CA ALA A 41 -4.34 -7.29 11.61
C ALA A 41 -2.98 -6.90 11.01
N MET A 42 -2.96 -6.27 9.82
CA MET A 42 -1.76 -5.72 9.18
C MET A 42 -1.33 -4.36 9.77
N GLY A 43 -2.04 -3.84 10.77
CA GLY A 43 -1.72 -2.58 11.46
C GLY A 43 -0.25 -2.50 11.98
N PRO A 44 0.19 -3.43 12.85
CA PRO A 44 1.57 -3.46 13.34
C PRO A 44 2.59 -3.88 12.27
N VAL A 45 2.15 -4.64 11.26
CA VAL A 45 2.96 -5.02 10.08
C VAL A 45 3.33 -3.76 9.29
N ILE A 46 2.32 -2.99 8.86
CA ILE A 46 2.49 -1.72 8.14
C ILE A 46 3.35 -0.72 8.94
N ASP A 47 3.16 -0.59 10.25
CA ASP A 47 3.90 0.35 11.09
C ASP A 47 5.41 0.06 11.17
N GLU A 48 5.82 -1.21 11.16
CA GLU A 48 7.24 -1.58 11.11
C GLU A 48 7.90 -1.26 9.75
N LEU A 49 7.30 -1.77 8.66
CA LEU A 49 7.84 -1.61 7.31
C LEU A 49 7.77 -0.17 6.83
N ALA A 50 6.75 0.59 7.27
CA ALA A 50 6.66 2.01 6.95
C ALA A 50 7.89 2.81 7.43
N ALA A 51 8.43 2.44 8.59
CA ALA A 51 9.64 3.01 9.18
C ALA A 51 10.94 2.44 8.58
N GLU A 52 10.89 1.30 7.90
CA GLU A 52 12.05 0.77 7.16
C GLU A 52 12.30 1.55 5.86
N TYR A 53 11.29 2.19 5.28
CA TYR A 53 11.41 2.91 4.01
C TYR A 53 11.29 4.44 4.10
N GLU A 54 11.11 5.02 5.30
CA GLU A 54 10.63 6.40 5.48
C GLU A 54 11.48 7.47 4.75
N GLY A 55 10.79 8.46 4.14
CA GLY A 55 11.38 9.54 3.36
C GLY A 55 11.81 9.16 1.93
N LYS A 56 12.09 7.89 1.64
CA LYS A 56 12.49 7.35 0.33
C LYS A 56 11.34 6.69 -0.45
N VAL A 57 10.19 6.55 0.21
CA VAL A 57 9.03 5.71 -0.14
C VAL A 57 7.82 6.29 0.61
N LEU A 58 6.65 6.31 -0.02
CA LEU A 58 5.40 6.78 0.58
C LEU A 58 4.40 5.62 0.71
N ILE A 59 3.99 5.33 1.93
CA ILE A 59 3.16 4.18 2.32
C ILE A 59 1.77 4.65 2.76
N VAL A 60 0.71 4.01 2.24
CA VAL A 60 -0.70 4.31 2.57
C VAL A 60 -1.53 3.01 2.62
N LYS A 61 -2.57 2.95 3.48
CA LYS A 61 -3.59 1.89 3.39
C LYS A 61 -4.96 2.44 2.98
N MET A 62 -5.62 1.73 2.06
CA MET A 62 -6.83 2.20 1.37
C MET A 62 -8.00 1.28 1.73
N ASN A 63 -9.05 1.85 2.32
CA ASN A 63 -10.16 1.06 2.87
C ASN A 63 -11.21 0.74 1.78
N VAL A 64 -11.31 -0.53 1.40
CA VAL A 64 -12.20 -1.05 0.36
C VAL A 64 -13.68 -0.85 0.71
N ASP A 65 -14.02 -0.66 1.99
CA ASP A 65 -15.40 -0.40 2.43
C ASP A 65 -15.81 1.08 2.28
N ASP A 66 -14.83 2.01 2.28
CA ASP A 66 -15.02 3.47 2.21
C ASP A 66 -14.78 4.03 0.80
N ASN A 67 -13.78 3.49 0.09
CA ASN A 67 -13.35 3.96 -1.23
C ASN A 67 -13.26 2.80 -2.24
N PRO A 68 -14.36 2.09 -2.56
CA PRO A 68 -14.37 0.92 -3.46
C PRO A 68 -14.00 1.21 -4.93
N ALA A 69 -13.89 2.48 -5.32
CA ALA A 69 -13.38 2.89 -6.63
C ALA A 69 -11.84 2.78 -6.74
N THR A 70 -11.12 3.00 -5.63
CA THR A 70 -9.65 2.95 -5.58
C THR A 70 -9.08 1.56 -5.88
N PRO A 71 -9.60 0.45 -5.32
CA PRO A 71 -9.16 -0.89 -5.74
C PRO A 71 -9.61 -1.18 -7.18
N SER A 72 -10.84 -0.79 -7.56
CA SER A 72 -11.46 -1.20 -8.83
C SER A 72 -10.72 -0.62 -10.02
N LYS A 73 -10.18 0.59 -9.86
CA LYS A 73 -9.41 1.29 -10.90
C LYS A 73 -7.97 0.77 -11.06
N TYR A 74 -7.48 0.02 -10.08
CA TYR A 74 -6.22 -0.74 -10.11
C TYR A 74 -6.47 -2.24 -10.43
N GLY A 75 -7.75 -2.62 -10.62
CA GLY A 75 -8.22 -3.96 -11.01
C GLY A 75 -8.64 -4.91 -9.85
N ILE A 76 -8.65 -4.40 -8.63
CA ILE A 76 -8.88 -5.13 -7.37
C ILE A 76 -10.36 -5.01 -6.93
N ARG A 77 -10.89 -6.04 -6.25
CA ARG A 77 -12.32 -6.14 -5.91
C ARG A 77 -12.69 -6.06 -4.42
N ALA A 78 -12.04 -6.84 -3.55
CA ALA A 78 -12.56 -7.08 -2.18
C ALA A 78 -11.52 -7.56 -1.14
N ILE A 79 -10.21 -7.42 -1.42
CA ILE A 79 -9.20 -8.38 -0.91
C ILE A 79 -7.96 -7.74 -0.25
N PRO A 80 -7.27 -8.46 0.67
CA PRO A 80 -5.94 -8.09 1.16
C PRO A 80 -4.91 -8.27 0.05
N THR A 81 -4.56 -7.17 -0.62
CA THR A 81 -3.53 -7.09 -1.68
C THR A 81 -2.80 -5.75 -1.60
N LEU A 82 -1.47 -5.74 -1.78
CA LEU A 82 -0.66 -4.52 -1.80
C LEU A 82 -0.02 -4.29 -3.17
N ILE A 83 0.08 -3.03 -3.58
CA ILE A 83 0.63 -2.62 -4.87
C ILE A 83 1.84 -1.71 -4.69
N LEU A 84 2.95 -2.04 -5.34
CA LEU A 84 4.25 -1.36 -5.24
C LEU A 84 4.66 -0.76 -6.60
N PHE A 85 4.65 0.57 -6.65
CA PHE A 85 4.81 1.36 -7.87
C PHE A 85 5.53 2.71 -7.67
N LYS A 86 5.59 3.54 -8.72
CA LYS A 86 6.15 4.89 -8.72
C LYS A 86 5.33 5.79 -9.65
N ASN A 87 5.42 7.11 -9.49
CA ASN A 87 4.89 8.12 -10.43
C ASN A 87 3.38 7.99 -10.78
N GLY A 88 2.59 7.23 -10.01
CA GLY A 88 1.20 6.88 -10.35
C GLY A 88 1.02 5.81 -11.43
N GLU A 89 2.03 4.99 -11.71
CA GLU A 89 2.02 3.98 -12.78
C GLU A 89 2.56 2.63 -12.26
N VAL A 90 1.66 1.64 -12.19
CA VAL A 90 1.93 0.33 -11.59
C VAL A 90 3.01 -0.46 -12.33
N VAL A 91 3.84 -1.18 -11.57
CA VAL A 91 4.86 -2.12 -12.11
C VAL A 91 4.81 -3.50 -11.47
N GLU A 92 4.39 -3.60 -10.21
CA GLU A 92 4.34 -4.86 -9.44
C GLU A 92 3.28 -4.80 -8.33
N GLN A 93 2.70 -5.94 -8.00
CA GLN A 93 1.81 -6.13 -6.85
C GLN A 93 2.12 -7.43 -6.09
N VAL A 94 1.57 -7.56 -4.89
CA VAL A 94 1.41 -8.89 -4.25
C VAL A 94 0.04 -9.07 -3.60
N THR A 95 -0.68 -10.07 -4.09
CA THR A 95 -2.01 -10.48 -3.60
C THR A 95 -1.96 -11.55 -2.52
N GLY A 96 -2.92 -11.53 -1.60
CA GLY A 96 -2.92 -12.34 -0.37
C GLY A 96 -2.06 -11.73 0.75
N ALA A 97 -2.22 -12.25 1.96
CA ALA A 97 -1.53 -11.78 3.15
C ALA A 97 -0.07 -12.28 3.18
N VAL A 98 0.84 -11.36 3.51
CA VAL A 98 2.28 -11.60 3.66
C VAL A 98 2.83 -10.93 4.92
N SER A 99 3.91 -11.49 5.49
CA SER A 99 4.50 -11.01 6.74
C SER A 99 5.32 -9.73 6.53
N LYS A 100 5.49 -8.91 7.57
CA LYS A 100 6.33 -7.69 7.52
C LYS A 100 7.74 -7.97 7.01
N SER A 101 8.32 -9.10 7.41
CA SER A 101 9.64 -9.56 6.95
C SER A 101 9.68 -9.77 5.44
N SER A 102 8.66 -10.44 4.88
CA SER A 102 8.52 -10.69 3.44
C SER A 102 8.33 -9.40 2.64
N ILE A 103 7.53 -8.45 3.15
CA ILE A 103 7.27 -7.15 2.51
C ILE A 103 8.56 -6.29 2.48
N LYS A 104 9.30 -6.21 3.60
CA LYS A 104 10.63 -5.55 3.67
C LYS A 104 11.63 -6.20 2.72
N ASP A 105 11.74 -7.53 2.75
CA ASP A 105 12.66 -8.30 1.92
C ASP A 105 12.38 -8.16 0.41
N MET A 106 11.14 -7.88 0.02
CA MET A 106 10.73 -7.50 -1.34
C MET A 106 11.05 -6.04 -1.68
N ILE A 107 10.70 -5.08 -0.82
CA ILE A 107 10.88 -3.65 -1.12
C ILE A 107 12.36 -3.23 -1.14
N ALA A 108 13.20 -4.00 -0.44
CA ALA A 108 14.65 -3.85 -0.39
C ALA A 108 15.32 -3.65 -1.76
N GLN A 109 14.79 -4.27 -2.83
CA GLN A 109 15.18 -3.94 -4.21
C GLN A 109 14.16 -3.15 -5.03
N LYS A 110 12.86 -3.38 -4.83
CA LYS A 110 11.79 -2.83 -5.69
C LYS A 110 11.59 -1.33 -5.51
N ALA A 111 11.32 -0.90 -4.28
CA ALA A 111 11.00 0.49 -3.95
C ALA A 111 12.18 1.33 -3.43
N LEU A 112 13.17 0.70 -2.78
CA LEU A 112 14.41 1.37 -2.34
C LEU A 112 15.46 1.50 -3.46
N GLY A 113 15.34 0.64 -4.49
CA GLY A 113 16.22 0.62 -5.65
C GLY A 113 16.07 1.83 -6.59
N MET A 7 4.56 7.59 5.55
CA MET A 7 4.39 7.39 7.00
C MET A 7 3.40 6.27 7.34
N ALA A 8 2.53 5.91 6.38
CA ALA A 8 1.37 5.02 6.49
C ALA A 8 0.28 5.44 7.50
N ALA A 9 -0.91 5.74 6.97
CA ALA A 9 -2.15 5.96 7.71
C ALA A 9 -3.35 5.56 6.84
N GLN A 10 -4.56 5.67 7.39
CA GLN A 10 -5.80 5.63 6.62
C GLN A 10 -5.88 6.89 5.71
N ILE A 11 -5.68 6.70 4.40
CA ILE A 11 -5.83 7.76 3.39
C ILE A 11 -7.08 7.50 2.53
N THR A 12 -7.50 8.52 1.77
CA THR A 12 -8.74 8.61 1.00
C THR A 12 -8.44 8.70 -0.50
N ASP A 13 -9.38 8.25 -1.34
CA ASP A 13 -9.25 8.04 -2.80
C ASP A 13 -8.72 9.26 -3.56
N ALA A 14 -9.21 10.43 -3.18
CA ALA A 14 -8.93 11.74 -3.75
C ALA A 14 -7.77 12.47 -3.05
N THR A 15 -7.36 11.97 -1.88
CA THR A 15 -6.35 12.59 -1.01
C THR A 15 -4.97 12.00 -1.25
N PHE A 16 -4.87 10.68 -1.41
CA PHE A 16 -3.57 10.04 -1.61
C PHE A 16 -2.95 10.45 -2.96
N GLU A 17 -3.78 10.53 -4.01
CA GLU A 17 -3.30 10.82 -5.36
C GLU A 17 -2.75 12.25 -5.48
N ALA A 18 -3.41 13.21 -4.85
CA ALA A 18 -2.99 14.62 -4.80
C ALA A 18 -1.60 14.81 -4.13
N SER A 19 -1.14 13.84 -3.34
CA SER A 19 0.19 13.83 -2.71
C SER A 19 1.19 12.92 -3.42
N VAL A 20 0.80 11.70 -3.81
CA VAL A 20 1.72 10.63 -4.21
C VAL A 20 1.73 10.38 -5.72
N LEU A 21 0.57 10.42 -6.40
CA LEU A 21 0.46 10.34 -7.87
C LEU A 21 1.14 11.55 -8.52
N LYS A 22 1.06 12.72 -7.87
CA LYS A 22 1.78 13.96 -8.23
C LYS A 22 3.29 13.94 -7.89
N SER A 23 3.81 12.89 -7.23
CA SER A 23 5.22 12.73 -6.86
C SER A 23 5.98 11.79 -7.81
N ALA A 24 7.31 11.84 -7.74
CA ALA A 24 8.24 10.95 -8.46
C ALA A 24 8.80 9.82 -7.56
N ILE A 25 8.51 9.84 -6.26
CA ILE A 25 9.00 8.87 -5.27
C ILE A 25 8.31 7.49 -5.45
N PRO A 26 8.96 6.37 -5.09
CA PRO A 26 8.29 5.06 -5.09
C PRO A 26 7.17 5.01 -4.04
N VAL A 27 6.07 4.35 -4.38
CA VAL A 27 4.79 4.37 -3.65
C VAL A 27 4.27 2.94 -3.46
N LEU A 28 3.77 2.68 -2.26
CA LEU A 28 3.19 1.41 -1.82
C LEU A 28 1.77 1.65 -1.30
N ILE A 29 0.81 0.98 -1.93
CA ILE A 29 -0.59 0.92 -1.49
C ILE A 29 -0.85 -0.43 -0.83
N ASP A 30 -1.69 -0.45 0.21
CA ASP A 30 -2.24 -1.66 0.81
C ASP A 30 -3.77 -1.57 0.88
N PHE A 31 -4.49 -2.41 0.14
CA PHE A 31 -5.94 -2.48 0.17
C PHE A 31 -6.41 -3.42 1.29
N TRP A 32 -7.34 -2.95 2.12
CA TRP A 32 -7.82 -3.71 3.28
C TRP A 32 -9.29 -3.40 3.63
N ALA A 33 -9.86 -4.23 4.51
CA ALA A 33 -11.16 -4.02 5.13
C ALA A 33 -11.22 -4.64 6.55
N PRO A 34 -11.97 -4.03 7.49
CA PRO A 34 -12.18 -4.59 8.83
C PRO A 34 -12.99 -5.90 8.81
N TRP A 35 -13.60 -6.26 7.66
CA TRP A 35 -14.40 -7.47 7.46
C TRP A 35 -13.60 -8.76 7.68
N CYS A 36 -12.28 -8.73 7.48
CA CYS A 36 -11.41 -9.93 7.47
C CYS A 36 -10.21 -9.86 8.43
N GLY A 37 -9.84 -11.02 8.99
CA GLY A 37 -8.79 -11.18 10.02
C GLY A 37 -7.40 -10.69 9.62
N PRO A 38 -6.75 -11.27 8.58
CA PRO A 38 -5.44 -10.80 8.12
C PRO A 38 -5.47 -9.35 7.59
N CYS A 39 -6.64 -8.88 7.14
CA CYS A 39 -6.85 -7.54 6.61
C CYS A 39 -6.70 -6.47 7.70
N ARG A 40 -7.35 -6.65 8.86
CA ARG A 40 -7.20 -5.73 10.01
C ARG A 40 -5.89 -5.98 10.78
N ALA A 41 -5.41 -7.22 10.83
CA ALA A 41 -4.18 -7.61 11.53
C ALA A 41 -2.88 -7.19 10.83
N MET A 42 -2.96 -6.64 9.60
CA MET A 42 -1.82 -6.05 8.90
C MET A 42 -1.47 -4.65 9.40
N GLY A 43 -2.21 -4.10 10.37
CA GLY A 43 -1.93 -2.78 10.99
C GLY A 43 -0.48 -2.62 11.49
N PRO A 44 0.00 -3.48 12.40
CA PRO A 44 1.40 -3.45 12.87
C PRO A 44 2.41 -3.86 11.78
N VAL A 45 2.01 -4.72 10.82
CA VAL A 45 2.85 -5.10 9.66
C VAL A 45 3.17 -3.84 8.83
N ILE A 46 2.13 -3.12 8.41
CA ILE A 46 2.19 -1.84 7.68
C ILE A 46 2.99 -0.77 8.45
N ASP A 47 2.79 -0.62 9.76
CA ASP A 47 3.50 0.37 10.58
C ASP A 47 5.02 0.12 10.66
N GLU A 48 5.43 -1.16 10.72
CA GLU A 48 6.85 -1.54 10.80
C GLU A 48 7.60 -1.37 9.46
N LEU A 49 7.00 -1.77 8.33
CA LEU A 49 7.59 -1.53 6.99
C LEU A 49 7.59 -0.05 6.64
N ALA A 50 6.54 0.67 7.05
CA ALA A 50 6.41 2.09 6.72
C ALA A 50 7.58 2.93 7.28
N ALA A 51 8.05 2.56 8.48
CA ALA A 51 9.21 3.14 9.14
C ALA A 51 10.56 2.60 8.62
N GLU A 52 10.58 1.45 7.94
CA GLU A 52 11.81 0.95 7.31
C GLU A 52 12.15 1.72 6.02
N TYR A 53 11.15 2.33 5.36
CA TYR A 53 11.38 3.02 4.09
C TYR A 53 11.27 4.57 4.15
N GLU A 54 10.99 5.16 5.32
CA GLU A 54 10.55 6.56 5.43
C GLU A 54 11.54 7.59 4.85
N GLY A 55 11.00 8.68 4.29
CA GLY A 55 11.74 9.80 3.70
C GLY A 55 12.25 9.58 2.26
N LYS A 56 12.23 8.34 1.76
CA LYS A 56 12.65 7.95 0.39
C LYS A 56 11.67 7.02 -0.36
N VAL A 57 10.51 6.74 0.26
CA VAL A 57 9.42 5.86 -0.17
C VAL A 57 8.14 6.38 0.48
N LEU A 58 7.01 6.32 -0.23
CA LEU A 58 5.68 6.67 0.28
C LEU A 58 4.85 5.40 0.49
N ILE A 59 4.06 5.40 1.56
CA ILE A 59 3.26 4.25 2.00
C ILE A 59 1.88 4.73 2.48
N VAL A 60 0.81 4.10 1.99
CA VAL A 60 -0.59 4.40 2.37
C VAL A 60 -1.42 3.11 2.46
N LYS A 61 -2.39 3.03 3.38
CA LYS A 61 -3.41 1.98 3.34
C LYS A 61 -4.79 2.55 2.96
N MET A 62 -5.51 1.82 2.12
CA MET A 62 -6.75 2.25 1.47
C MET A 62 -7.85 1.28 1.88
N ASN A 63 -8.89 1.80 2.54
CA ASN A 63 -9.99 0.98 3.03
C ASN A 63 -11.10 0.90 1.97
N VAL A 64 -11.45 -0.31 1.54
CA VAL A 64 -12.41 -0.56 0.47
C VAL A 64 -13.86 -0.25 0.86
N ASP A 65 -14.20 -0.24 2.16
CA ASP A 65 -15.56 0.11 2.60
C ASP A 65 -15.80 1.64 2.55
N ASP A 66 -14.75 2.42 2.82
CA ASP A 66 -14.74 3.89 2.73
C ASP A 66 -14.39 4.40 1.31
N ASN A 67 -13.65 3.60 0.53
CA ASN A 67 -13.09 3.97 -0.79
C ASN A 67 -13.24 2.81 -1.80
N PRO A 68 -14.46 2.53 -2.31
CA PRO A 68 -14.68 1.47 -3.30
C PRO A 68 -14.12 1.77 -4.70
N ALA A 69 -13.77 3.04 -4.98
CA ALA A 69 -13.24 3.48 -6.27
C ALA A 69 -11.73 3.24 -6.42
N THR A 70 -10.97 3.34 -5.32
CA THR A 70 -9.49 3.21 -5.30
C THR A 70 -9.01 1.81 -5.71
N PRO A 71 -9.61 0.70 -5.24
CA PRO A 71 -9.25 -0.62 -5.74
C PRO A 71 -9.72 -0.79 -7.19
N SER A 72 -10.90 -0.29 -7.54
CA SER A 72 -11.54 -0.53 -8.83
C SER A 72 -10.75 0.09 -9.97
N LYS A 73 -10.13 1.25 -9.71
CA LYS A 73 -9.30 1.99 -10.67
C LYS A 73 -7.88 1.42 -10.84
N TYR A 74 -7.48 0.54 -9.92
CA TYR A 74 -6.26 -0.29 -9.99
C TYR A 74 -6.58 -1.74 -10.40
N GLY A 75 -7.86 -2.05 -10.66
CA GLY A 75 -8.35 -3.35 -11.17
C GLY A 75 -8.71 -4.39 -10.10
N ILE A 76 -8.83 -3.98 -8.84
CA ILE A 76 -9.11 -4.80 -7.65
C ILE A 76 -10.60 -4.74 -7.27
N ARG A 77 -11.12 -5.77 -6.58
CA ARG A 77 -12.47 -5.80 -5.99
C ARG A 77 -12.43 -5.37 -4.52
N ALA A 78 -12.32 -6.33 -3.60
CA ALA A 78 -12.33 -6.10 -2.15
C ALA A 78 -11.60 -7.25 -1.40
N ILE A 79 -10.27 -7.19 -1.40
CA ILE A 79 -9.36 -8.27 -0.95
C ILE A 79 -8.07 -7.70 -0.32
N PRO A 80 -7.35 -8.47 0.53
CA PRO A 80 -6.04 -8.08 1.04
C PRO A 80 -4.97 -8.18 -0.06
N THR A 81 -4.66 -7.05 -0.69
CA THR A 81 -3.67 -6.92 -1.77
C THR A 81 -2.85 -5.62 -1.61
N LEU A 82 -1.55 -5.67 -1.80
CA LEU A 82 -0.68 -4.49 -1.89
C LEU A 82 -0.18 -4.28 -3.33
N ILE A 83 0.02 -3.02 -3.72
CA ILE A 83 0.58 -2.64 -5.03
C ILE A 83 1.82 -1.76 -4.86
N LEU A 84 2.92 -2.16 -5.51
CA LEU A 84 4.22 -1.47 -5.48
C LEU A 84 4.55 -0.83 -6.83
N PHE A 85 4.74 0.49 -6.83
CA PHE A 85 4.98 1.29 -8.03
C PHE A 85 5.81 2.57 -7.81
N LYS A 86 6.03 3.34 -8.88
CA LYS A 86 6.67 4.66 -8.90
C LYS A 86 5.98 5.56 -9.93
N ASN A 87 6.18 6.88 -9.88
CA ASN A 87 5.66 7.86 -10.84
C ASN A 87 4.13 7.82 -11.10
N GLY A 88 3.36 7.14 -10.24
CA GLY A 88 1.93 6.86 -10.43
C GLY A 88 1.60 5.82 -11.50
N GLU A 89 2.55 4.95 -11.88
CA GLU A 89 2.37 3.90 -12.90
C GLU A 89 2.75 2.51 -12.37
N VAL A 90 1.76 1.62 -12.28
CA VAL A 90 1.92 0.27 -11.70
C VAL A 90 2.96 -0.59 -12.43
N VAL A 91 3.78 -1.30 -11.66
CA VAL A 91 4.77 -2.27 -12.20
C VAL A 91 4.62 -3.67 -11.60
N GLU A 92 4.20 -3.78 -10.33
CA GLU A 92 4.03 -5.06 -9.62
C GLU A 92 3.01 -4.96 -8.48
N GLN A 93 2.42 -6.10 -8.12
CA GLN A 93 1.50 -6.26 -7.01
C GLN A 93 1.76 -7.55 -6.22
N VAL A 94 1.26 -7.61 -4.98
CA VAL A 94 1.22 -8.84 -4.17
C VAL A 94 -0.15 -9.03 -3.54
N THR A 95 -0.86 -10.08 -3.95
CA THR A 95 -2.16 -10.46 -3.38
C THR A 95 -2.04 -11.55 -2.29
N GLY A 96 -2.99 -11.55 -1.34
CA GLY A 96 -3.03 -12.44 -0.18
C GLY A 96 -2.30 -11.89 1.05
N ALA A 97 -2.33 -12.65 2.15
CA ALA A 97 -1.65 -12.33 3.40
C ALA A 97 -0.14 -12.50 3.28
N VAL A 98 0.59 -11.59 3.92
CA VAL A 98 2.06 -11.45 3.85
C VAL A 98 2.65 -11.21 5.24
N SER A 99 3.96 -11.46 5.41
CA SER A 99 4.67 -11.25 6.68
C SER A 99 5.41 -9.92 6.67
N LYS A 100 5.55 -9.27 7.83
CA LYS A 100 6.33 -8.04 7.98
C LYS A 100 7.74 -8.17 7.41
N SER A 101 8.35 -9.33 7.63
CA SER A 101 9.70 -9.72 7.24
C SER A 101 9.84 -9.83 5.72
N SER A 102 8.91 -10.53 5.06
CA SER A 102 8.98 -10.79 3.61
C SER A 102 8.80 -9.53 2.77
N ILE A 103 7.94 -8.61 3.22
CA ILE A 103 7.71 -7.33 2.54
C ILE A 103 8.92 -6.40 2.63
N LYS A 104 9.53 -6.28 3.81
CA LYS A 104 10.76 -5.47 3.99
C LYS A 104 11.94 -6.02 3.21
N ASP A 105 12.13 -7.35 3.28
CA ASP A 105 13.19 -8.04 2.53
C ASP A 105 13.02 -7.88 1.02
N MET A 106 11.78 -7.90 0.50
CA MET A 106 11.48 -7.61 -0.89
C MET A 106 11.79 -6.15 -1.25
N ILE A 107 11.23 -5.17 -0.56
CA ILE A 107 11.32 -3.74 -0.91
C ILE A 107 12.75 -3.19 -0.87
N ALA A 108 13.63 -3.84 -0.10
CA ALA A 108 15.08 -3.63 -0.15
C ALA A 108 15.68 -3.72 -1.57
N GLN A 109 15.02 -4.43 -2.49
CA GLN A 109 15.36 -4.49 -3.93
C GLN A 109 14.41 -3.67 -4.82
N LYS A 110 13.13 -3.51 -4.45
CA LYS A 110 12.09 -2.93 -5.31
C LYS A 110 12.04 -1.40 -5.25
N ALA A 111 11.82 -0.85 -4.05
CA ALA A 111 11.75 0.61 -3.84
C ALA A 111 13.11 1.22 -3.43
N LEU A 112 13.91 0.51 -2.62
CA LEU A 112 15.21 0.99 -2.13
C LEU A 112 16.37 0.64 -3.08
N GLY A 113 16.21 -0.46 -3.83
CA GLY A 113 17.21 -0.94 -4.80
C GLY A 113 17.31 -0.10 -6.08
N MET A 7 5.90 6.34 9.06
CA MET A 7 4.60 5.69 9.19
C MET A 7 3.79 5.67 7.88
N ALA A 8 2.88 4.71 7.78
CA ALA A 8 1.75 4.74 6.84
C ALA A 8 0.51 5.36 7.50
N ALA A 9 -0.44 5.81 6.69
CA ALA A 9 -1.73 6.34 7.12
C ALA A 9 -2.89 5.86 6.22
N GLN A 10 -4.12 6.01 6.72
CA GLN A 10 -5.36 5.64 6.04
C GLN A 10 -5.88 6.85 5.21
N ILE A 11 -5.84 6.76 3.88
CA ILE A 11 -6.07 7.89 2.97
C ILE A 11 -7.19 7.58 1.94
N THR A 12 -7.72 8.63 1.32
CA THR A 12 -8.74 8.61 0.27
C THR A 12 -8.11 8.79 -1.11
N ASP A 13 -8.68 8.20 -2.16
CA ASP A 13 -8.08 8.13 -3.49
C ASP A 13 -7.88 9.49 -4.18
N ALA A 14 -8.73 10.48 -3.84
CA ALA A 14 -8.63 11.88 -4.28
C ALA A 14 -7.65 12.72 -3.43
N THR A 15 -7.25 12.22 -2.26
CA THR A 15 -6.38 12.91 -1.29
C THR A 15 -4.93 12.42 -1.38
N PHE A 16 -4.69 11.11 -1.56
CA PHE A 16 -3.31 10.60 -1.60
C PHE A 16 -2.54 11.08 -2.84
N GLU A 17 -3.22 11.25 -3.97
CA GLU A 17 -2.61 11.67 -5.24
C GLU A 17 -2.06 13.10 -5.18
N ALA A 18 -2.69 13.97 -4.39
CA ALA A 18 -2.25 15.33 -4.12
C ALA A 18 -0.97 15.41 -3.25
N SER A 19 -0.59 14.29 -2.60
CA SER A 19 0.62 14.19 -1.77
C SER A 19 1.71 13.31 -2.38
N VAL A 20 1.35 12.16 -2.97
CA VAL A 20 2.29 11.15 -3.47
C VAL A 20 2.55 11.33 -4.97
N LEU A 21 1.49 11.43 -5.78
CA LEU A 21 1.58 11.49 -7.25
C LEU A 21 2.13 12.83 -7.78
N LYS A 22 2.24 13.85 -6.92
CA LYS A 22 2.97 15.11 -7.21
C LYS A 22 4.50 14.99 -7.07
N SER A 23 5.00 13.83 -6.62
CA SER A 23 6.42 13.49 -6.49
C SER A 23 6.86 12.40 -7.46
N ALA A 24 8.18 12.15 -7.52
CA ALA A 24 8.79 11.07 -8.31
C ALA A 24 9.12 9.81 -7.47
N ILE A 25 8.81 9.82 -6.16
CA ILE A 25 9.17 8.77 -5.20
C ILE A 25 8.37 7.47 -5.45
N PRO A 26 8.95 6.28 -5.20
CA PRO A 26 8.20 5.03 -5.26
C PRO A 26 7.17 4.94 -4.11
N VAL A 27 6.00 4.39 -4.43
CA VAL A 27 4.77 4.45 -3.65
C VAL A 27 4.15 3.06 -3.51
N LEU A 28 3.64 2.79 -2.32
CA LEU A 28 3.07 1.51 -1.87
C LEU A 28 1.66 1.73 -1.34
N ILE A 29 0.69 1.08 -2.00
CA ILE A 29 -0.71 0.98 -1.59
C ILE A 29 -0.95 -0.36 -0.90
N ASP A 30 -1.77 -0.37 0.13
CA ASP A 30 -2.36 -1.57 0.74
C ASP A 30 -3.89 -1.46 0.74
N PHE A 31 -4.58 -2.42 0.13
CA PHE A 31 -6.04 -2.52 0.21
C PHE A 31 -6.49 -3.40 1.38
N TRP A 32 -7.41 -2.89 2.20
CA TRP A 32 -7.91 -3.58 3.40
C TRP A 32 -9.38 -3.28 3.71
N ALA A 33 -9.96 -4.05 4.65
CA ALA A 33 -11.27 -3.80 5.22
C ALA A 33 -11.40 -4.36 6.65
N PRO A 34 -12.19 -3.71 7.54
CA PRO A 34 -12.36 -4.14 8.93
C PRO A 34 -13.16 -5.44 9.12
N TRP A 35 -13.84 -5.94 8.09
CA TRP A 35 -14.58 -7.21 8.13
C TRP A 35 -13.74 -8.45 7.80
N CYS A 36 -12.45 -8.31 7.47
CA CYS A 36 -11.52 -9.43 7.28
C CYS A 36 -10.30 -9.36 8.22
N GLY A 37 -9.98 -10.50 8.86
CA GLY A 37 -8.98 -10.63 9.93
C GLY A 37 -7.57 -10.21 9.51
N PRO A 38 -6.92 -10.88 8.53
CA PRO A 38 -5.57 -10.53 8.09
C PRO A 38 -5.48 -9.14 7.45
N CYS A 39 -6.60 -8.57 7.02
CA CYS A 39 -6.69 -7.22 6.47
C CYS A 39 -6.44 -6.15 7.56
N ARG A 40 -7.19 -6.21 8.68
CA ARG A 40 -7.06 -5.26 9.80
C ARG A 40 -5.89 -5.59 10.75
N ALA A 41 -5.50 -6.87 10.84
CA ALA A 41 -4.34 -7.33 11.62
C ALA A 41 -2.98 -6.98 10.97
N MET A 42 -2.98 -6.40 9.77
CA MET A 42 -1.78 -5.87 9.10
C MET A 42 -1.35 -4.50 9.65
N GLY A 43 -2.04 -3.94 10.64
CA GLY A 43 -1.69 -2.66 11.29
C GLY A 43 -0.26 -2.62 11.84
N PRO A 44 0.12 -3.51 12.79
CA PRO A 44 1.49 -3.58 13.31
C PRO A 44 2.51 -4.11 12.28
N VAL A 45 2.06 -4.85 11.27
CA VAL A 45 2.89 -5.28 10.12
C VAL A 45 3.32 -4.06 9.31
N ILE A 46 2.36 -3.28 8.79
CA ILE A 46 2.59 -2.05 8.03
C ILE A 46 3.38 -1.03 8.85
N ASP A 47 3.17 -0.91 10.16
CA ASP A 47 3.88 0.06 11.01
C ASP A 47 5.40 -0.20 11.12
N GLU A 48 5.84 -1.46 11.13
CA GLU A 48 7.28 -1.79 11.15
C GLU A 48 7.98 -1.41 9.83
N LEU A 49 7.45 -1.90 8.72
CA LEU A 49 8.00 -1.72 7.38
C LEU A 49 7.87 -0.28 6.89
N ALA A 50 6.78 0.41 7.26
CA ALA A 50 6.57 1.81 6.88
C ALA A 50 7.69 2.72 7.39
N ALA A 51 8.10 2.48 8.65
CA ALA A 51 9.19 3.18 9.32
C ALA A 51 10.57 2.88 8.70
N GLU A 52 10.74 1.68 8.14
CA GLU A 52 12.00 1.25 7.55
C GLU A 52 12.23 1.82 6.15
N TYR A 53 11.18 2.25 5.44
CA TYR A 53 11.32 2.90 4.13
C TYR A 53 11.23 4.44 4.17
N GLU A 54 10.98 5.06 5.33
CA GLU A 54 10.86 6.52 5.48
C GLU A 54 11.96 7.34 4.78
N GLY A 55 11.56 8.44 4.13
CA GLY A 55 12.44 9.34 3.37
C GLY A 55 12.88 8.82 1.99
N LYS A 56 12.56 7.58 1.64
CA LYS A 56 12.99 6.87 0.41
C LYS A 56 11.81 6.36 -0.43
N VAL A 57 10.61 6.32 0.18
CA VAL A 57 9.42 5.54 -0.19
C VAL A 57 8.20 6.20 0.46
N LEU A 58 7.03 6.13 -0.18
CA LEU A 58 5.74 6.57 0.38
C LEU A 58 4.79 5.38 0.58
N ILE A 59 4.05 5.36 1.68
CA ILE A 59 3.17 4.26 2.09
C ILE A 59 1.80 4.79 2.54
N VAL A 60 0.72 4.24 1.97
CA VAL A 60 -0.69 4.58 2.31
C VAL A 60 -1.57 3.33 2.27
N LYS A 61 -2.63 3.28 3.09
CA LYS A 61 -3.61 2.19 3.04
C LYS A 61 -5.03 2.68 2.72
N MET A 62 -5.74 1.90 1.90
CA MET A 62 -6.98 2.28 1.24
C MET A 62 -8.10 1.33 1.67
N ASN A 63 -9.15 1.85 2.28
CA ASN A 63 -10.24 1.03 2.83
C ASN A 63 -11.29 0.75 1.74
N VAL A 64 -11.47 -0.52 1.41
CA VAL A 64 -12.41 -1.01 0.40
C VAL A 64 -13.87 -0.78 0.78
N ASP A 65 -14.19 -0.72 2.08
CA ASP A 65 -15.58 -0.52 2.53
C ASP A 65 -16.03 0.95 2.41
N ASP A 66 -15.07 1.87 2.52
CA ASP A 66 -15.23 3.32 2.37
C ASP A 66 -14.99 3.81 0.93
N ASN A 67 -14.19 3.08 0.14
CA ASN A 67 -13.73 3.45 -1.21
C ASN A 67 -13.82 2.27 -2.21
N PRO A 68 -15.02 1.70 -2.48
CA PRO A 68 -15.16 0.47 -3.27
C PRO A 68 -14.78 0.58 -4.75
N ALA A 69 -14.62 1.80 -5.28
CA ALA A 69 -14.19 2.06 -6.66
C ALA A 69 -12.65 2.04 -6.83
N THR A 70 -11.91 2.37 -5.77
CA THR A 70 -10.44 2.46 -5.74
C THR A 70 -9.73 1.12 -5.96
N PRO A 71 -10.17 -0.01 -5.36
CA PRO A 71 -9.62 -1.31 -5.74
C PRO A 71 -10.05 -1.66 -7.18
N SER A 72 -11.29 -1.33 -7.58
CA SER A 72 -11.88 -1.80 -8.83
C SER A 72 -11.10 -1.28 -10.03
N LYS A 73 -10.64 -0.03 -9.92
CA LYS A 73 -9.90 0.69 -10.96
C LYS A 73 -8.41 0.38 -11.02
N TYR A 74 -7.91 -0.28 -9.99
CA TYR A 74 -6.56 -0.88 -9.95
C TYR A 74 -6.61 -2.41 -10.25
N GLY A 75 -7.80 -2.93 -10.55
CA GLY A 75 -8.06 -4.32 -10.96
C GLY A 75 -8.36 -5.31 -9.82
N ILE A 76 -8.63 -4.79 -8.62
CA ILE A 76 -8.87 -5.51 -7.36
C ILE A 76 -10.39 -5.57 -7.08
N ARG A 77 -10.86 -6.62 -6.39
CA ARG A 77 -12.26 -6.73 -5.91
C ARG A 77 -12.33 -6.25 -4.45
N ALA A 78 -12.12 -7.14 -3.48
CA ALA A 78 -12.15 -6.85 -2.04
C ALA A 78 -11.32 -7.89 -1.26
N ILE A 79 -10.00 -7.69 -1.25
CA ILE A 79 -9.00 -8.65 -0.74
C ILE A 79 -7.76 -7.94 -0.14
N PRO A 80 -7.02 -8.60 0.79
CA PRO A 80 -5.74 -8.10 1.29
C PRO A 80 -4.65 -8.16 0.20
N THR A 81 -4.52 -7.10 -0.59
CA THR A 81 -3.55 -6.97 -1.68
C THR A 81 -2.84 -5.63 -1.65
N LEU A 82 -1.53 -5.64 -1.90
CA LEU A 82 -0.67 -4.46 -1.97
C LEU A 82 -0.27 -4.16 -3.42
N ILE A 83 -0.13 -2.89 -3.79
CA ILE A 83 0.36 -2.47 -5.11
C ILE A 83 1.61 -1.58 -4.96
N LEU A 84 2.70 -1.95 -5.64
CA LEU A 84 3.94 -1.16 -5.68
C LEU A 84 4.15 -0.49 -7.05
N PHE A 85 4.42 0.81 -7.02
CA PHE A 85 4.61 1.64 -8.22
C PHE A 85 5.46 2.89 -8.00
N LYS A 86 5.62 3.69 -9.05
CA LYS A 86 6.28 5.01 -9.03
C LYS A 86 5.52 5.97 -9.94
N ASN A 87 5.65 7.29 -9.72
CA ASN A 87 5.05 8.35 -10.55
C ASN A 87 3.52 8.19 -10.85
N GLY A 88 2.80 7.41 -10.02
CA GLY A 88 1.37 7.10 -10.20
C GLY A 88 1.03 6.04 -11.26
N GLU A 89 2.01 5.25 -11.73
CA GLU A 89 1.82 4.25 -12.78
C GLU A 89 2.24 2.84 -12.34
N VAL A 90 1.26 1.93 -12.25
CA VAL A 90 1.42 0.56 -11.73
C VAL A 90 2.47 -0.26 -12.50
N VAL A 91 3.36 -0.95 -11.76
CA VAL A 91 4.37 -1.86 -12.34
C VAL A 91 4.28 -3.29 -11.80
N GLU A 92 3.89 -3.47 -10.53
CA GLU A 92 3.78 -4.79 -9.89
C GLU A 92 2.80 -4.78 -8.71
N GLN A 93 2.12 -5.90 -8.46
CA GLN A 93 1.24 -6.09 -7.31
C GLN A 93 1.56 -7.37 -6.51
N VAL A 94 1.10 -7.38 -5.26
CA VAL A 94 1.39 -8.40 -4.23
C VAL A 94 0.07 -8.84 -3.62
N THR A 95 -0.53 -9.89 -4.20
CA THR A 95 -1.83 -10.44 -3.77
C THR A 95 -1.71 -11.37 -2.56
N GLY A 96 -2.67 -11.27 -1.63
CA GLY A 96 -2.68 -12.03 -0.37
C GLY A 96 -1.81 -11.39 0.72
N ALA A 97 -2.12 -11.72 1.98
CA ALA A 97 -1.40 -11.23 3.15
C ALA A 97 -0.05 -11.93 3.30
N VAL A 98 0.97 -11.13 3.64
CA VAL A 98 2.37 -11.54 3.82
C VAL A 98 2.97 -10.90 5.09
N SER A 99 4.01 -11.50 5.66
CA SER A 99 4.64 -11.04 6.91
C SER A 99 5.45 -9.77 6.69
N LYS A 100 5.56 -8.90 7.71
CA LYS A 100 6.33 -7.65 7.62
C LYS A 100 7.78 -7.89 7.19
N SER A 101 8.37 -8.99 7.64
CA SER A 101 9.71 -9.44 7.30
C SER A 101 9.83 -9.80 5.81
N SER A 102 8.83 -10.49 5.26
CA SER A 102 8.72 -10.81 3.82
C SER A 102 8.55 -9.56 2.96
N ILE A 103 7.74 -8.59 3.42
CA ILE A 103 7.47 -7.34 2.71
C ILE A 103 8.74 -6.47 2.65
N LYS A 104 9.50 -6.35 3.74
CA LYS A 104 10.81 -5.68 3.78
C LYS A 104 11.84 -6.37 2.88
N ASP A 105 11.94 -7.69 2.99
CA ASP A 105 12.88 -8.50 2.20
C ASP A 105 12.59 -8.42 0.69
N MET A 106 11.36 -8.13 0.29
CA MET A 106 10.98 -7.76 -1.07
C MET A 106 11.35 -6.29 -1.42
N ILE A 107 10.92 -5.31 -0.62
CA ILE A 107 11.06 -3.87 -0.95
C ILE A 107 12.50 -3.39 -0.96
N ALA A 108 13.38 -4.10 -0.26
CA ALA A 108 14.83 -3.92 -0.33
C ALA A 108 15.40 -3.91 -1.77
N GLN A 109 14.69 -4.52 -2.74
CA GLN A 109 15.02 -4.47 -4.17
C GLN A 109 13.97 -3.75 -5.04
N LYS A 110 12.74 -3.56 -4.57
CA LYS A 110 11.63 -2.96 -5.35
C LYS A 110 11.60 -1.43 -5.26
N ALA A 111 11.44 -0.91 -4.04
CA ALA A 111 11.33 0.54 -3.79
C ALA A 111 12.64 1.16 -3.22
N LEU A 112 13.45 0.39 -2.47
CA LEU A 112 14.79 0.83 -2.05
C LEU A 112 15.87 0.58 -3.12
N GLY A 113 15.62 -0.39 -4.01
CA GLY A 113 16.48 -0.72 -5.14
C GLY A 113 17.81 -1.35 -4.71
#